data_2IUG
# 
_entry.id   2IUG 
# 
_audit_conform.dict_name       mmcif_pdbx.dic 
_audit_conform.dict_version    5.391 
_audit_conform.dict_location   http://mmcif.pdb.org/dictionaries/ascii/mmcif_pdbx.dic 
# 
loop_
_database_2.database_id 
_database_2.database_code 
_database_2.pdbx_database_accession 
_database_2.pdbx_DOI 
PDB   2IUG         pdb_00002iug 10.2210/pdb2iug/pdb 
PDBE  EBI-28959    ?            ?                   
WWPDB D_1290028959 ?            ?                   
# 
loop_
_pdbx_audit_revision_history.ordinal 
_pdbx_audit_revision_history.data_content_type 
_pdbx_audit_revision_history.major_revision 
_pdbx_audit_revision_history.minor_revision 
_pdbx_audit_revision_history.revision_date 
1 'Structure model' 1 0 2006-06-06 
2 'Structure model' 1 1 2011-05-08 
3 'Structure model' 1 2 2011-07-13 
4 'Structure model' 1 3 2021-04-28 
5 'Structure model' 1 4 2024-05-08 
# 
_pdbx_audit_revision_details.ordinal             1 
_pdbx_audit_revision_details.revision_ordinal    1 
_pdbx_audit_revision_details.data_content_type   'Structure model' 
_pdbx_audit_revision_details.provider            repository 
_pdbx_audit_revision_details.type                'Initial release' 
_pdbx_audit_revision_details.description         ? 
_pdbx_audit_revision_details.details             ? 
# 
loop_
_pdbx_audit_revision_group.ordinal 
_pdbx_audit_revision_group.revision_ordinal 
_pdbx_audit_revision_group.data_content_type 
_pdbx_audit_revision_group.group 
1 2 'Structure model' 'Version format compliance' 
2 3 'Structure model' 'Version format compliance' 
3 4 'Structure model' 'Data collection'           
4 4 'Structure model' 'Refinement description'    
5 5 'Structure model' 'Data collection'           
6 5 'Structure model' 'Database references'       
# 
loop_
_pdbx_audit_revision_category.ordinal 
_pdbx_audit_revision_category.revision_ordinal 
_pdbx_audit_revision_category.data_content_type 
_pdbx_audit_revision_category.category 
1 4 'Structure model' refine         
2 4 'Structure model' reflns         
3 5 'Structure model' chem_comp_atom 
4 5 'Structure model' chem_comp_bond 
5 5 'Structure model' database_2     
# 
loop_
_pdbx_audit_revision_item.ordinal 
_pdbx_audit_revision_item.revision_ordinal 
_pdbx_audit_revision_item.data_content_type 
_pdbx_audit_revision_item.item 
1 4 'Structure model' '_refine.ls_number_reflns_obs'        
2 4 'Structure model' '_refine.ls_percent_reflns_obs'       
3 4 'Structure model' '_refine.pdbx_data_cutoff_high_absF'  
4 4 'Structure model' '_refine.pdbx_data_cutoff_low_absF'   
5 4 'Structure model' '_reflns.observed_criterion_sigma_I'  
6 4 'Structure model' '_reflns.pdbx_redundancy'             
7 5 'Structure model' '_database_2.pdbx_DOI'                
8 5 'Structure model' '_database_2.pdbx_database_accession' 
# 
_pdbx_database_status.status_code                     REL 
_pdbx_database_status.entry_id                        2IUG 
_pdbx_database_status.deposit_site                    PDBE 
_pdbx_database_status.process_site                    PDBE 
_pdbx_database_status.SG_entry                        . 
_pdbx_database_status.recvd_initial_deposition_date   2006-06-03 
_pdbx_database_status.pdb_format_compatible           Y 
_pdbx_database_status.status_code_sf                  ? 
_pdbx_database_status.status_code_mr                  ? 
_pdbx_database_status.status_code_cs                  ? 
_pdbx_database_status.methods_development_category    ? 
_pdbx_database_status.status_code_nmr_data            ? 
# 
loop_
_pdbx_database_related.db_name 
_pdbx_database_related.db_id 
_pdbx_database_related.content_type 
_pdbx_database_related.details 
PDB 1A0N unspecified 
;NMR STUDY OF THE SH3 DOMAIN FROM FYN PROTO-ONCOGENE TYROSINE KINASE COMPLEXED WITH THE SYNTHETIC PEPTIDE P2L CORRESPONDING TO RESIDUES 91-104 OF THE P85 SUBUNIT OF PI3-KINASE, FAMILY OF 25 STRUCTURES
;
PDB 1AZG unspecified 
;NMR STUDY OF THE SH3 DOMAIN FROM FYN PROTO-ONCOGENE TYROSINE KINASE KINASE COMPLEXED WITH THE SYNTHETIC PEPTIDE P2L CORRESPONDING TO RESIDUES 91-104 OF THE P85 SUBUNIT OF PI3-KINASE, MINIMIZED AVERAGE (PROBMAP) STRUCTURE
;
PDB 1H9O unspecified 
;PHOSPHATIDYLINOSITOL 3-KINASE, P85-ALPHA SUBUNIT: C-TERMINAL SH2 DOMAIN COMPLEXED WITH A TYR751 PHOSPHOPEPTIDE FROM THE PDGF RECEPTOR, CRYSTAL STRUCTURE AT 1.79 A
;
PDB 1PBW unspecified 'STRUCTURE OF BCR-HOMOLOGY (BH) DOMAIN' 
PDB 1PHT unspecified 'PHOSPHATIDYLINOSITOL 3-KINASE P85-ALPHA SUBUNIT SH3 DOMAIN, RESIDUES 1-85' 
PDB 1PIC unspecified 
;PHOSPHATIDYLINOSITOL 3-KINASE, P85-ALPHA SUBUNIT: C-TERMINAL SH2 DOMAIN COMPLEXED WITH A TYR751 PHOSPHOPEPTIDE FROM THE PDGF RECEPTOR, NMR, MINIMIZED MEAN STRUCTURE
;
PDB 1PKS unspecified 'PHOSPHATIDYLINOSITOL 3-KINASE (PI3K) (SH3 DOMAIN) (NMR, MINIMIZED AVERAGE STRUCTURE)' 
PDB 1PKT unspecified 'PHOSPHATIDYLINOSITOL 3-KINASE (PI3K) (SH3 DOMAIN) (NMR, 30 STRUCTURES)' 
PDB 2IUH unspecified 
'CRYSTAL STRUCTURE OF THE PI3-KINASE P85 N -TERMINAL SH2 DOMAIN IN COMPLEX WITH C- KIT PHOSPHOTYROSYL PEPTIDE' 
PDB 2IUI unspecified 'CRYSTAL STRUCTURE OF THE PI3-KINASE P85 N -TERMINAL SH2 DOMAIN IN COMPLEX WITH PDGFR PHOSPHOTYROSYL PEPTIDE' 
# 
loop_
_audit_author.name 
_audit_author.pdbx_ordinal 
'Nolte, R.T.'      1 
'Eck, M.J.'        2 
'Schlessinger, J.' 3 
'Shoelson, S.E.'   4 
'Harrison, S.C.'   5 
# 
_citation.id                        primary 
_citation.title                     
'Crystal Structure of the Pi 3-Kinase P85 Amino-Terminal Sh2 Domain and its Phosphopeptide Complexes' 
_citation.journal_abbrev            Nat.Struct.Biol. 
_citation.journal_volume            3 
_citation.page_first                364 
_citation.page_last                 ? 
_citation.year                      1996 
_citation.journal_id_ASTM           NSBIEW 
_citation.country                   US 
_citation.journal_id_ISSN           1072-8368 
_citation.journal_id_CSD            2024 
_citation.book_publisher            ? 
_citation.pdbx_database_id_PubMed   8599763 
_citation.pdbx_database_id_DOI      10.1038/NSB0496-364 
# 
loop_
_citation_author.citation_id 
_citation_author.name 
_citation_author.ordinal 
_citation_author.identifier_ORCID 
primary 'Nolte, R.T.'      1 ? 
primary 'Eck, M.J.'        2 ? 
primary 'Schlessinger, J.' 3 ? 
primary 'Shoelson, S.E.'   4 ? 
primary 'Harrison, S.C.'   5 ? 
# 
loop_
_entity.id 
_entity.type 
_entity.src_method 
_entity.pdbx_description 
_entity.formula_weight 
_entity.pdbx_number_of_molecules 
_entity.pdbx_ec 
_entity.pdbx_mutation 
_entity.pdbx_fragment 
_entity.details 
1 polymer man 'PHOSPHATIDYLINOSITOL 3-KINASE REGULATORY ALPHA SUBUNIT' 13939.569 1   ? ? 'N-TERMINAL SH2 DOMAIN, RESIDUES 321-440' 
? 
2 water   nat water                                                    18.015    127 ? ? ?                                         
? 
# 
_entity_name_com.entity_id   1 
_entity_name_com.name        'PI3-KINASE P85-ALPHA SUBUNIT, PTDINS-3-KINASE P85-ALPHA, PI3K' 
# 
_entity_poly.entity_id                      1 
_entity_poly.type                           'polypeptide(L)' 
_entity_poly.nstd_linkage                   no 
_entity_poly.nstd_monomer                   no 
_entity_poly.pdbx_seq_one_letter_code       
;GMNNNMSLQNAEWYWGDISREEVNEKLRDTADGTFLVRDASTKMHGDYTLTLRKGGNNKLIKIFHRDGKYGFSDPLTFSS
VVELINHYRNESLAQYNPKLDVKLLYPVSKYQQDQVVKED
;
_entity_poly.pdbx_seq_one_letter_code_can   
;GMNNNMSLQNAEWYWGDISREEVNEKLRDTADGTFLVRDASTKMHGDYTLTLRKGGNNKLIKIFHRDGKYGFSDPLTFSS
VVELINHYRNESLAQYNPKLDVKLLYPVSKYQQDQVVKED
;
_entity_poly.pdbx_strand_id                 A 
_entity_poly.pdbx_target_identifier         ? 
# 
_pdbx_entity_nonpoly.entity_id   2 
_pdbx_entity_nonpoly.name        water 
_pdbx_entity_nonpoly.comp_id     HOH 
# 
loop_
_entity_poly_seq.entity_id 
_entity_poly_seq.num 
_entity_poly_seq.mon_id 
_entity_poly_seq.hetero 
1 1   GLY n 
1 2   MET n 
1 3   ASN n 
1 4   ASN n 
1 5   ASN n 
1 6   MET n 
1 7   SER n 
1 8   LEU n 
1 9   GLN n 
1 10  ASN n 
1 11  ALA n 
1 12  GLU n 
1 13  TRP n 
1 14  TYR n 
1 15  TRP n 
1 16  GLY n 
1 17  ASP n 
1 18  ILE n 
1 19  SER n 
1 20  ARG n 
1 21  GLU n 
1 22  GLU n 
1 23  VAL n 
1 24  ASN n 
1 25  GLU n 
1 26  LYS n 
1 27  LEU n 
1 28  ARG n 
1 29  ASP n 
1 30  THR n 
1 31  ALA n 
1 32  ASP n 
1 33  GLY n 
1 34  THR n 
1 35  PHE n 
1 36  LEU n 
1 37  VAL n 
1 38  ARG n 
1 39  ASP n 
1 40  ALA n 
1 41  SER n 
1 42  THR n 
1 43  LYS n 
1 44  MET n 
1 45  HIS n 
1 46  GLY n 
1 47  ASP n 
1 48  TYR n 
1 49  THR n 
1 50  LEU n 
1 51  THR n 
1 52  LEU n 
1 53  ARG n 
1 54  LYS n 
1 55  GLY n 
1 56  GLY n 
1 57  ASN n 
1 58  ASN n 
1 59  LYS n 
1 60  LEU n 
1 61  ILE n 
1 62  LYS n 
1 63  ILE n 
1 64  PHE n 
1 65  HIS n 
1 66  ARG n 
1 67  ASP n 
1 68  GLY n 
1 69  LYS n 
1 70  TYR n 
1 71  GLY n 
1 72  PHE n 
1 73  SER n 
1 74  ASP n 
1 75  PRO n 
1 76  LEU n 
1 77  THR n 
1 78  PHE n 
1 79  SER n 
1 80  SER n 
1 81  VAL n 
1 82  VAL n 
1 83  GLU n 
1 84  LEU n 
1 85  ILE n 
1 86  ASN n 
1 87  HIS n 
1 88  TYR n 
1 89  ARG n 
1 90  ASN n 
1 91  GLU n 
1 92  SER n 
1 93  LEU n 
1 94  ALA n 
1 95  GLN n 
1 96  TYR n 
1 97  ASN n 
1 98  PRO n 
1 99  LYS n 
1 100 LEU n 
1 101 ASP n 
1 102 VAL n 
1 103 LYS n 
1 104 LEU n 
1 105 LEU n 
1 106 TYR n 
1 107 PRO n 
1 108 VAL n 
1 109 SER n 
1 110 LYS n 
1 111 TYR n 
1 112 GLN n 
1 113 GLN n 
1 114 ASP n 
1 115 GLN n 
1 116 VAL n 
1 117 VAL n 
1 118 LYS n 
1 119 GLU n 
1 120 ASP n 
# 
_entity_src_gen.entity_id                          1 
_entity_src_gen.pdbx_src_id                        1 
_entity_src_gen.pdbx_alt_source_flag               sample 
_entity_src_gen.pdbx_seq_type                      ? 
_entity_src_gen.pdbx_beg_seq_num                   ? 
_entity_src_gen.pdbx_end_seq_num                   ? 
_entity_src_gen.gene_src_common_name               HUMAN 
_entity_src_gen.gene_src_genus                     ? 
_entity_src_gen.pdbx_gene_src_gene                 ? 
_entity_src_gen.gene_src_species                   ? 
_entity_src_gen.gene_src_strain                    ? 
_entity_src_gen.gene_src_tissue                    ? 
_entity_src_gen.gene_src_tissue_fraction           ? 
_entity_src_gen.gene_src_details                   ? 
_entity_src_gen.pdbx_gene_src_fragment             ? 
_entity_src_gen.pdbx_gene_src_scientific_name      'HOMO SAPIENS' 
_entity_src_gen.pdbx_gene_src_ncbi_taxonomy_id     9606 
_entity_src_gen.pdbx_gene_src_variant              ? 
_entity_src_gen.pdbx_gene_src_cell_line            ? 
_entity_src_gen.pdbx_gene_src_atcc                 ? 
_entity_src_gen.pdbx_gene_src_organ                ? 
_entity_src_gen.pdbx_gene_src_organelle            ? 
_entity_src_gen.pdbx_gene_src_cell                 ? 
_entity_src_gen.pdbx_gene_src_cellular_location    ? 
_entity_src_gen.host_org_common_name               ? 
_entity_src_gen.pdbx_host_org_scientific_name      'ESCHERICHIA COLI' 
_entity_src_gen.pdbx_host_org_ncbi_taxonomy_id     469008 
_entity_src_gen.host_org_genus                     ? 
_entity_src_gen.pdbx_host_org_gene                 ? 
_entity_src_gen.pdbx_host_org_organ                ? 
_entity_src_gen.host_org_species                   ? 
_entity_src_gen.pdbx_host_org_tissue               ? 
_entity_src_gen.pdbx_host_org_tissue_fraction      ? 
_entity_src_gen.pdbx_host_org_strain               'BL21(DE3)' 
_entity_src_gen.pdbx_host_org_variant              ? 
_entity_src_gen.pdbx_host_org_cell_line            ? 
_entity_src_gen.pdbx_host_org_atcc                 ? 
_entity_src_gen.pdbx_host_org_culture_collection   ? 
_entity_src_gen.pdbx_host_org_cell                 ? 
_entity_src_gen.pdbx_host_org_organelle            ? 
_entity_src_gen.pdbx_host_org_cellular_location    ? 
_entity_src_gen.pdbx_host_org_vector_type          ? 
_entity_src_gen.pdbx_host_org_vector               ? 
_entity_src_gen.host_org_details                   ? 
_entity_src_gen.expression_system_id               ? 
_entity_src_gen.plasmid_name                       PET 
_entity_src_gen.plasmid_details                    ? 
_entity_src_gen.pdbx_description                   ? 
# 
loop_
_chem_comp.id 
_chem_comp.type 
_chem_comp.mon_nstd_flag 
_chem_comp.name 
_chem_comp.pdbx_synonyms 
_chem_comp.formula 
_chem_comp.formula_weight 
ALA 'L-peptide linking' y ALANINE         ? 'C3 H7 N O2'     89.093  
ARG 'L-peptide linking' y ARGININE        ? 'C6 H15 N4 O2 1' 175.209 
ASN 'L-peptide linking' y ASPARAGINE      ? 'C4 H8 N2 O3'    132.118 
ASP 'L-peptide linking' y 'ASPARTIC ACID' ? 'C4 H7 N O4'     133.103 
GLN 'L-peptide linking' y GLUTAMINE       ? 'C5 H10 N2 O3'   146.144 
GLU 'L-peptide linking' y 'GLUTAMIC ACID' ? 'C5 H9 N O4'     147.129 
GLY 'peptide linking'   y GLYCINE         ? 'C2 H5 N O2'     75.067  
HIS 'L-peptide linking' y HISTIDINE       ? 'C6 H10 N3 O2 1' 156.162 
HOH non-polymer         . WATER           ? 'H2 O'           18.015  
ILE 'L-peptide linking' y ISOLEUCINE      ? 'C6 H13 N O2'    131.173 
LEU 'L-peptide linking' y LEUCINE         ? 'C6 H13 N O2'    131.173 
LYS 'L-peptide linking' y LYSINE          ? 'C6 H15 N2 O2 1' 147.195 
MET 'L-peptide linking' y METHIONINE      ? 'C5 H11 N O2 S'  149.211 
PHE 'L-peptide linking' y PHENYLALANINE   ? 'C9 H11 N O2'    165.189 
PRO 'L-peptide linking' y PROLINE         ? 'C5 H9 N O2'     115.130 
SER 'L-peptide linking' y SERINE          ? 'C3 H7 N O3'     105.093 
THR 'L-peptide linking' y THREONINE       ? 'C4 H9 N O3'     119.119 
TRP 'L-peptide linking' y TRYPTOPHAN      ? 'C11 H12 N2 O2'  204.225 
TYR 'L-peptide linking' y TYROSINE        ? 'C9 H11 N O3'    181.189 
VAL 'L-peptide linking' y VALINE          ? 'C5 H11 N O2'    117.146 
# 
loop_
_pdbx_poly_seq_scheme.asym_id 
_pdbx_poly_seq_scheme.entity_id 
_pdbx_poly_seq_scheme.seq_id 
_pdbx_poly_seq_scheme.mon_id 
_pdbx_poly_seq_scheme.ndb_seq_num 
_pdbx_poly_seq_scheme.pdb_seq_num 
_pdbx_poly_seq_scheme.auth_seq_num 
_pdbx_poly_seq_scheme.pdb_mon_id 
_pdbx_poly_seq_scheme.auth_mon_id 
_pdbx_poly_seq_scheme.pdb_strand_id 
_pdbx_poly_seq_scheme.pdb_ins_code 
_pdbx_poly_seq_scheme.hetero 
A 1 1   GLY 1   0   ?   ?   ?   A . n 
A 1 2   MET 2   1   ?   ?   ?   A . n 
A 1 3   ASN 3   2   ?   ?   ?   A . n 
A 1 4   ASN 4   3   3   ASN ASN A . n 
A 1 5   ASN 5   4   4   ASN ASN A . n 
A 1 6   MET 6   5   5   MET MET A . n 
A 1 7   SER 7   6   6   SER SER A . n 
A 1 8   LEU 8   7   7   LEU LEU A . n 
A 1 9   GLN 9   8   8   GLN GLN A . n 
A 1 10  ASN 10  9   9   ASN ASN A . n 
A 1 11  ALA 11  10  10  ALA ALA A . n 
A 1 12  GLU 12  11  11  GLU GLU A . n 
A 1 13  TRP 13  12  12  TRP TRP A . n 
A 1 14  TYR 14  13  13  TYR TYR A . n 
A 1 15  TRP 15  14  14  TRP TRP A . n 
A 1 16  GLY 16  15  15  GLY GLY A . n 
A 1 17  ASP 17  16  16  ASP ASP A . n 
A 1 18  ILE 18  17  17  ILE ILE A . n 
A 1 19  SER 19  18  18  SER SER A . n 
A 1 20  ARG 20  19  19  ARG ARG A . n 
A 1 21  GLU 21  20  20  GLU GLU A . n 
A 1 22  GLU 22  21  21  GLU GLU A . n 
A 1 23  VAL 23  22  22  VAL VAL A . n 
A 1 24  ASN 24  23  23  ASN ASN A . n 
A 1 25  GLU 25  24  24  GLU GLU A . n 
A 1 26  LYS 26  25  25  LYS LYS A . n 
A 1 27  LEU 27  26  26  LEU LEU A . n 
A 1 28  ARG 28  27  27  ARG ARG A . n 
A 1 29  ASP 29  28  28  ASP ASP A . n 
A 1 30  THR 30  29  29  THR THR A . n 
A 1 31  ALA 31  30  30  ALA ALA A . n 
A 1 32  ASP 32  31  31  ASP ASP A . n 
A 1 33  GLY 33  32  32  GLY GLY A . n 
A 1 34  THR 34  33  33  THR THR A . n 
A 1 35  PHE 35  34  34  PHE PHE A . n 
A 1 36  LEU 36  35  35  LEU LEU A . n 
A 1 37  VAL 37  36  36  VAL VAL A . n 
A 1 38  ARG 38  37  37  ARG ARG A . n 
A 1 39  ASP 39  38  38  ASP ASP A . n 
A 1 40  ALA 40  39  39  ALA ALA A . n 
A 1 41  SER 41  40  40  SER SER A . n 
A 1 42  THR 42  41  41  THR THR A . n 
A 1 43  LYS 43  42  42  LYS LYS A . n 
A 1 44  MET 44  43  43  MET MET A . n 
A 1 45  HIS 45  44  44  HIS HIS A . n 
A 1 46  GLY 46  45  45  GLY GLY A . n 
A 1 47  ASP 47  46  46  ASP ASP A . n 
A 1 48  TYR 48  47  47  TYR TYR A . n 
A 1 49  THR 49  48  48  THR THR A . n 
A 1 50  LEU 50  49  49  LEU LEU A . n 
A 1 51  THR 51  50  50  THR THR A . n 
A 1 52  LEU 52  51  51  LEU LEU A . n 
A 1 53  ARG 53  52  52  ARG ARG A . n 
A 1 54  LYS 54  53  53  LYS LYS A . n 
A 1 55  GLY 55  54  54  GLY GLY A . n 
A 1 56  GLY 56  55  55  GLY GLY A . n 
A 1 57  ASN 57  56  56  ASN ASN A . n 
A 1 58  ASN 58  57  57  ASN ASN A . n 
A 1 59  LYS 59  58  58  LYS LYS A . n 
A 1 60  LEU 60  59  59  LEU LEU A . n 
A 1 61  ILE 61  60  60  ILE ILE A . n 
A 1 62  LYS 62  61  61  LYS LYS A . n 
A 1 63  ILE 63  62  62  ILE ILE A . n 
A 1 64  PHE 64  63  63  PHE PHE A . n 
A 1 65  HIS 65  64  64  HIS HIS A . n 
A 1 66  ARG 66  65  65  ARG ARG A . n 
A 1 67  ASP 67  66  66  ASP ASP A . n 
A 1 68  GLY 68  67  67  GLY GLY A . n 
A 1 69  LYS 69  68  68  LYS LYS A . n 
A 1 70  TYR 70  69  69  TYR TYR A . n 
A 1 71  GLY 71  70  70  GLY GLY A . n 
A 1 72  PHE 72  71  71  PHE PHE A . n 
A 1 73  SER 73  72  72  SER SER A . n 
A 1 74  ASP 74  73  73  ASP ASP A . n 
A 1 75  PRO 75  74  74  PRO PRO A . n 
A 1 76  LEU 76  75  75  LEU LEU A . n 
A 1 77  THR 77  76  76  THR THR A . n 
A 1 78  PHE 78  77  77  PHE PHE A . n 
A 1 79  SER 79  78  78  SER SER A . n 
A 1 80  SER 80  79  79  SER SER A . n 
A 1 81  VAL 81  80  80  VAL VAL A . n 
A 1 82  VAL 82  81  81  VAL VAL A . n 
A 1 83  GLU 83  82  82  GLU GLU A . n 
A 1 84  LEU 84  83  83  LEU LEU A . n 
A 1 85  ILE 85  84  84  ILE ILE A . n 
A 1 86  ASN 86  85  85  ASN ASN A . n 
A 1 87  HIS 87  86  86  HIS HIS A . n 
A 1 88  TYR 88  87  87  TYR TYR A . n 
A 1 89  ARG 89  88  88  ARG ARG A . n 
A 1 90  ASN 90  89  89  ASN ASN A . n 
A 1 91  GLU 91  90  90  GLU GLU A . n 
A 1 92  SER 92  91  91  SER SER A . n 
A 1 93  LEU 93  92  92  LEU LEU A . n 
A 1 94  ALA 94  93  93  ALA ALA A . n 
A 1 95  GLN 95  94  94  GLN GLN A . n 
A 1 96  TYR 96  95  95  TYR TYR A . n 
A 1 97  ASN 97  96  96  ASN ASN A . n 
A 1 98  PRO 98  97  97  PRO PRO A . n 
A 1 99  LYS 99  98  98  LYS LYS A . n 
A 1 100 LEU 100 99  99  LEU LEU A . n 
A 1 101 ASP 101 100 100 ASP ASP A . n 
A 1 102 VAL 102 101 101 VAL VAL A . n 
A 1 103 LYS 103 102 102 LYS LYS A . n 
A 1 104 LEU 104 103 103 LEU LEU A . n 
A 1 105 LEU 105 104 104 LEU LEU A . n 
A 1 106 TYR 106 105 105 TYR TYR A . n 
A 1 107 PRO 107 106 106 PRO PRO A . n 
A 1 108 VAL 108 107 107 VAL VAL A . n 
A 1 109 SER 109 108 108 SER SER A . n 
A 1 110 LYS 110 109 109 LYS LYS A . n 
A 1 111 TYR 111 110 110 TYR TYR A . n 
A 1 112 GLN 112 111 111 GLN GLN A . n 
A 1 113 GLN 113 112 112 GLN GLN A . n 
A 1 114 ASP 114 113 ?   ?   ?   A . n 
A 1 115 GLN 115 114 ?   ?   ?   A . n 
A 1 116 VAL 116 115 ?   ?   ?   A . n 
A 1 117 VAL 117 116 ?   ?   ?   A . n 
A 1 118 LYS 118 117 ?   ?   ?   A . n 
A 1 119 GLU 119 118 ?   ?   ?   A . n 
A 1 120 ASP 120 119 ?   ?   ?   A . n 
# 
loop_
_pdbx_nonpoly_scheme.asym_id 
_pdbx_nonpoly_scheme.entity_id 
_pdbx_nonpoly_scheme.mon_id 
_pdbx_nonpoly_scheme.ndb_seq_num 
_pdbx_nonpoly_scheme.pdb_seq_num 
_pdbx_nonpoly_scheme.auth_seq_num 
_pdbx_nonpoly_scheme.pdb_mon_id 
_pdbx_nonpoly_scheme.auth_mon_id 
_pdbx_nonpoly_scheme.pdb_strand_id 
_pdbx_nonpoly_scheme.pdb_ins_code 
B 2 HOH 1   2001 2001 HOH HOH A . 
B 2 HOH 2   2002 2002 HOH HOH A . 
B 2 HOH 3   2003 2003 HOH HOH A . 
B 2 HOH 4   2004 2004 HOH HOH A . 
B 2 HOH 5   2005 2005 HOH HOH A . 
B 2 HOH 6   2006 2006 HOH HOH A . 
B 2 HOH 7   2007 2007 HOH HOH A . 
B 2 HOH 8   2008 2008 HOH HOH A . 
B 2 HOH 9   2009 2009 HOH HOH A . 
B 2 HOH 10  2010 2010 HOH HOH A . 
B 2 HOH 11  2011 2011 HOH HOH A . 
B 2 HOH 12  2012 2012 HOH HOH A . 
B 2 HOH 13  2013 2013 HOH HOH A . 
B 2 HOH 14  2014 2014 HOH HOH A . 
B 2 HOH 15  2015 2015 HOH HOH A . 
B 2 HOH 16  2016 2016 HOH HOH A . 
B 2 HOH 17  2017 2017 HOH HOH A . 
B 2 HOH 18  2018 2018 HOH HOH A . 
B 2 HOH 19  2019 2019 HOH HOH A . 
B 2 HOH 20  2020 2020 HOH HOH A . 
B 2 HOH 21  2021 2021 HOH HOH A . 
B 2 HOH 22  2022 2022 HOH HOH A . 
B 2 HOH 23  2023 2023 HOH HOH A . 
B 2 HOH 24  2024 2024 HOH HOH A . 
B 2 HOH 25  2025 2025 HOH HOH A . 
B 2 HOH 26  2026 2026 HOH HOH A . 
B 2 HOH 27  2027 2027 HOH HOH A . 
B 2 HOH 28  2028 2028 HOH HOH A . 
B 2 HOH 29  2029 2029 HOH HOH A . 
B 2 HOH 30  2030 2030 HOH HOH A . 
B 2 HOH 31  2031 2031 HOH HOH A . 
B 2 HOH 32  2032 2032 HOH HOH A . 
B 2 HOH 33  2033 2033 HOH HOH A . 
B 2 HOH 34  2034 2034 HOH HOH A . 
B 2 HOH 35  2035 2035 HOH HOH A . 
B 2 HOH 36  2036 2036 HOH HOH A . 
B 2 HOH 37  2037 2037 HOH HOH A . 
B 2 HOH 38  2038 2038 HOH HOH A . 
B 2 HOH 39  2039 2039 HOH HOH A . 
B 2 HOH 40  2040 2040 HOH HOH A . 
B 2 HOH 41  2041 2041 HOH HOH A . 
B 2 HOH 42  2042 2042 HOH HOH A . 
B 2 HOH 43  2043 2043 HOH HOH A . 
B 2 HOH 44  2044 2044 HOH HOH A . 
B 2 HOH 45  2045 2045 HOH HOH A . 
B 2 HOH 46  2046 2046 HOH HOH A . 
B 2 HOH 47  2047 2047 HOH HOH A . 
B 2 HOH 48  2048 2048 HOH HOH A . 
B 2 HOH 49  2049 2049 HOH HOH A . 
B 2 HOH 50  2050 2050 HOH HOH A . 
B 2 HOH 51  2051 2051 HOH HOH A . 
B 2 HOH 52  2052 2052 HOH HOH A . 
B 2 HOH 53  2053 2053 HOH HOH A . 
B 2 HOH 54  2054 2054 HOH HOH A . 
B 2 HOH 55  2055 2055 HOH HOH A . 
B 2 HOH 56  2056 2056 HOH HOH A . 
B 2 HOH 57  2057 2057 HOH HOH A . 
B 2 HOH 58  2058 2058 HOH HOH A . 
B 2 HOH 59  2059 2059 HOH HOH A . 
B 2 HOH 60  2060 2060 HOH HOH A . 
B 2 HOH 61  2061 2061 HOH HOH A . 
B 2 HOH 62  2062 2062 HOH HOH A . 
B 2 HOH 63  2063 2063 HOH HOH A . 
B 2 HOH 64  2064 2064 HOH HOH A . 
B 2 HOH 65  2065 2065 HOH HOH A . 
B 2 HOH 66  2066 2066 HOH HOH A . 
B 2 HOH 67  2067 2067 HOH HOH A . 
B 2 HOH 68  2068 2068 HOH HOH A . 
B 2 HOH 69  2069 2069 HOH HOH A . 
B 2 HOH 70  2070 2070 HOH HOH A . 
B 2 HOH 71  2071 2071 HOH HOH A . 
B 2 HOH 72  2072 2072 HOH HOH A . 
B 2 HOH 73  2073 2073 HOH HOH A . 
B 2 HOH 74  2074 2074 HOH HOH A . 
B 2 HOH 75  2075 2075 HOH HOH A . 
B 2 HOH 76  2076 2076 HOH HOH A . 
B 2 HOH 77  2077 2077 HOH HOH A . 
B 2 HOH 78  2078 2078 HOH HOH A . 
B 2 HOH 79  2079 2079 HOH HOH A . 
B 2 HOH 80  2080 2080 HOH HOH A . 
B 2 HOH 81  2081 2081 HOH HOH A . 
B 2 HOH 82  2082 2082 HOH HOH A . 
B 2 HOH 83  2083 2083 HOH HOH A . 
B 2 HOH 84  2084 2084 HOH HOH A . 
B 2 HOH 85  2085 2085 HOH HOH A . 
B 2 HOH 86  2086 2086 HOH HOH A . 
B 2 HOH 87  2087 2087 HOH HOH A . 
B 2 HOH 88  2088 2088 HOH HOH A . 
B 2 HOH 89  2089 2089 HOH HOH A . 
B 2 HOH 90  2090 2090 HOH HOH A . 
B 2 HOH 91  2091 2091 HOH HOH A . 
B 2 HOH 92  2092 2092 HOH HOH A . 
B 2 HOH 93  2093 2093 HOH HOH A . 
B 2 HOH 94  2094 2094 HOH HOH A . 
B 2 HOH 95  2095 2095 HOH HOH A . 
B 2 HOH 96  2096 2096 HOH HOH A . 
B 2 HOH 97  2097 2097 HOH HOH A . 
B 2 HOH 98  2098 2098 HOH HOH A . 
B 2 HOH 99  2099 2099 HOH HOH A . 
B 2 HOH 100 2100 2100 HOH HOH A . 
B 2 HOH 101 2101 2101 HOH HOH A . 
B 2 HOH 102 2102 2102 HOH HOH A . 
B 2 HOH 103 2103 2103 HOH HOH A . 
B 2 HOH 104 2104 2104 HOH HOH A . 
B 2 HOH 105 2105 2105 HOH HOH A . 
B 2 HOH 106 2106 2106 HOH HOH A . 
B 2 HOH 107 2107 2107 HOH HOH A . 
B 2 HOH 108 2108 2108 HOH HOH A . 
B 2 HOH 109 2109 2109 HOH HOH A . 
B 2 HOH 110 2110 2110 HOH HOH A . 
B 2 HOH 111 2111 2111 HOH HOH A . 
B 2 HOH 112 2112 2112 HOH HOH A . 
B 2 HOH 113 2113 2113 HOH HOH A . 
B 2 HOH 114 2114 2114 HOH HOH A . 
B 2 HOH 115 2115 2115 HOH HOH A . 
B 2 HOH 116 2116 2116 HOH HOH A . 
B 2 HOH 117 2117 2117 HOH HOH A . 
B 2 HOH 118 2118 2118 HOH HOH A . 
B 2 HOH 119 2119 2119 HOH HOH A . 
B 2 HOH 120 2120 2120 HOH HOH A . 
B 2 HOH 121 2121 2121 HOH HOH A . 
B 2 HOH 122 2122 2122 HOH HOH A . 
B 2 HOH 123 2123 2123 HOH HOH A . 
B 2 HOH 124 2124 2124 HOH HOH A . 
B 2 HOH 125 2125 2125 HOH HOH A . 
B 2 HOH 126 2126 2126 HOH HOH A . 
B 2 HOH 127 2127 2127 HOH HOH A . 
# 
_software.name             X-PLOR 
_software.classification   refinement 
_software.version          . 
_software.citation_id      ? 
_software.pdbx_ordinal     1 
# 
_cell.entry_id           2IUG 
_cell.length_a           57.120 
_cell.length_b           57.120 
_cell.length_c           112.100 
_cell.angle_alpha        90.00 
_cell.angle_beta         90.00 
_cell.angle_gamma        90.00 
_cell.Z_PDB              8 
_cell.pdbx_unique_axis   ? 
# 
_symmetry.entry_id                         2IUG 
_symmetry.space_group_name_H-M             'P 41 21 2' 
_symmetry.pdbx_full_space_group_name_H-M   ? 
_symmetry.cell_setting                     ? 
_symmetry.Int_Tables_number                92 
# 
_exptl.entry_id          2IUG 
_exptl.method            'X-RAY DIFFRACTION' 
_exptl.crystals_number   ? 
# 
_exptl_crystal.id                    1 
_exptl_crystal.density_meas          ? 
_exptl_crystal.density_Matthews      3.4 
_exptl_crystal.density_percent_sol   64 
_exptl_crystal.description           ? 
# 
_exptl_crystal_grow.crystal_id      1 
_exptl_crystal_grow.method          ? 
_exptl_crystal_grow.temp            ? 
_exptl_crystal_grow.temp_details    ? 
_exptl_crystal_grow.pH              ? 
_exptl_crystal_grow.pdbx_pH_range   ? 
_exptl_crystal_grow.pdbx_details    '20% PEG4000, 50MM MGCL2, 50MM TRIS PH7.5' 
# 
_diffrn.id                     1 
_diffrn.ambient_temp           113.0 
_diffrn.ambient_temp_details   ? 
_diffrn.crystal_id             1 
# 
_diffrn_radiation.diffrn_id                        1 
_diffrn_radiation.wavelength_id                    1 
_diffrn_radiation.pdbx_monochromatic_or_laue_m_l   M 
_diffrn_radiation.monochromator                    ? 
_diffrn_radiation.pdbx_diffrn_protocol             'SINGLE WAVELENGTH' 
_diffrn_radiation.pdbx_scattering_type             x-ray 
# 
_diffrn_radiation_wavelength.id           1 
_diffrn_radiation_wavelength.wavelength   00000 
_diffrn_radiation_wavelength.wt           1.0 
# 
_diffrn_source.diffrn_id                   1 
_diffrn_source.source                      'ROTATING ANODE' 
_diffrn_source.type                        ? 
_diffrn_source.pdbx_synchrotron_site       ? 
_diffrn_source.pdbx_synchrotron_beamline   ? 
_diffrn_source.pdbx_wavelength             00000 
_diffrn_source.pdbx_wavelength_list        ? 
# 
_reflns.pdbx_diffrn_id               1 
_reflns.pdbx_ordinal                 1 
_reflns.entry_id                     2IUG 
_reflns.observed_criterion_sigma_I   ? 
_reflns.observed_criterion_sigma_F   ? 
_reflns.d_resolution_low             20.000 
_reflns.d_resolution_high            1.890 
_reflns.number_obs                   14679 
_reflns.number_all                   ? 
_reflns.percent_possible_obs         95.1 
_reflns.pdbx_Rmerge_I_obs            0.05000 
_reflns.pdbx_Rsym_value              ? 
_reflns.pdbx_netI_over_sigmaI        ? 
_reflns.B_iso_Wilson_estimate        ? 
_reflns.pdbx_redundancy              ? 
_reflns.pdbx_CC_half                 ? 
_reflns.pdbx_CC_star                 ? 
_reflns.pdbx_Rpim_I_all              ? 
_reflns.pdbx_Rrim_I_all              ? 
# 
_reflns_shell.pdbx_diffrn_id         1 
_reflns_shell.pdbx_ordinal           1 
_reflns_shell.d_res_high             1.90 
_reflns_shell.d_res_low              2.00 
_reflns_shell.percent_possible_all   75.0 
_reflns_shell.Rmerge_I_obs           0.19000 
_reflns_shell.pdbx_Rsym_value        ? 
_reflns_shell.meanI_over_sigI_obs    3.560 
_reflns_shell.pdbx_redundancy        ? 
_reflns_shell.number_measured_obs    ? 
_reflns_shell.number_unique_all      ? 
_reflns_shell.number_unique_obs      ? 
_reflns_shell.pdbx_CC_half           ? 
_reflns_shell.pdbx_CC_star           ? 
_reflns_shell.pdbx_Rpim_I_all        ? 
_reflns_shell.pdbx_Rrim_I_all        ? 
# 
_refine.pdbx_refine_id                           'X-RAY DIFFRACTION' 
_refine.entry_id                                 2IUG 
_refine.pdbx_diffrn_id                           1 
_refine.pdbx_TLS_residual_ADP_flag               ? 
_refine.ls_number_reflns_obs                     ? 
_refine.ls_number_reflns_all                     ? 
_refine.pdbx_ls_sigma_I                          ? 
_refine.pdbx_ls_sigma_F                          0 
_refine.pdbx_data_cutoff_high_absF               ? 
_refine.pdbx_data_cutoff_low_absF                ? 
_refine.pdbx_data_cutoff_high_rms_absF           ? 
_refine.ls_d_res_low                             15.00 
_refine.ls_d_res_high                            1.89 
_refine.ls_percent_reflns_obs                    ? 
_refine.ls_R_factor_obs                          0.1918 
_refine.ls_R_factor_all                          ? 
_refine.ls_R_factor_R_work                       0.1918 
_refine.ls_R_factor_R_free                       0.2890 
_refine.ls_R_factor_R_free_error                 ? 
_refine.ls_R_factor_R_free_error_details         ? 
_refine.ls_percent_reflns_R_free                 ? 
_refine.ls_number_reflns_R_free                  ? 
_refine.ls_number_parameters                     ? 
_refine.ls_number_restraints                     ? 
_refine.occupancy_min                            ? 
_refine.occupancy_max                            ? 
_refine.correlation_coeff_Fo_to_Fc               ? 
_refine.correlation_coeff_Fo_to_Fc_free          ? 
_refine.B_iso_mean                               28.86 
_refine.aniso_B[1][1]                            ? 
_refine.aniso_B[2][2]                            ? 
_refine.aniso_B[3][3]                            ? 
_refine.aniso_B[1][2]                            ? 
_refine.aniso_B[1][3]                            ? 
_refine.aniso_B[2][3]                            ? 
_refine.solvent_model_details                    ? 
_refine.solvent_model_param_ksol                 ? 
_refine.solvent_model_param_bsol                 ? 
_refine.pdbx_solvent_vdw_probe_radii             ? 
_refine.pdbx_solvent_ion_probe_radii             ? 
_refine.pdbx_solvent_shrinkage_radii             ? 
_refine.pdbx_ls_cross_valid_method               THROUGHOUT 
_refine.details                                  
;THIS COODINATES FILE WAS DEPOSITED 10 YEARS AFTER THE PUBLICATION OF THE WORK. SOME OF THE DATA ARE MISSING AND ARE SHOWN AS '00000'
;
_refine.pdbx_starting_model                      ? 
_refine.pdbx_method_to_determine_struct          OTHER 
_refine.pdbx_isotropic_thermal_model             ? 
_refine.pdbx_stereochemistry_target_values       ? 
_refine.pdbx_stereochem_target_val_spec_case     ? 
_refine.pdbx_R_Free_selection_details            ? 
_refine.pdbx_overall_ESU_R                       ? 
_refine.pdbx_overall_ESU_R_Free                  ? 
_refine.overall_SU_ML                            ? 
_refine.pdbx_overall_phase_error                 ? 
_refine.overall_SU_B                             ? 
_refine.overall_SU_R_Cruickshank_DPI             ? 
_refine.pdbx_overall_SU_R_free_Cruickshank_DPI   ? 
_refine.pdbx_overall_SU_R_Blow_DPI               ? 
_refine.pdbx_overall_SU_R_free_Blow_DPI          ? 
# 
_refine_hist.pdbx_refine_id                   'X-RAY DIFFRACTION' 
_refine_hist.cycle_id                         LAST 
_refine_hist.pdbx_number_atoms_protein        904 
_refine_hist.pdbx_number_atoms_nucleic_acid   0 
_refine_hist.pdbx_number_atoms_ligand         0 
_refine_hist.number_atoms_solvent             127 
_refine_hist.number_atoms_total               1031 
_refine_hist.d_res_high                       1.89 
_refine_hist.d_res_low                        15.00 
# 
loop_
_refine_ls_restr.type 
_refine_ls_restr.dev_ideal 
_refine_ls_restr.dev_ideal_target 
_refine_ls_restr.weight 
_refine_ls_restr.number 
_refine_ls_restr.pdbx_refine_id 
_refine_ls_restr.pdbx_restraint_function 
x_bond_d                0.011 ? ? ? 'X-RAY DIFFRACTION' ? 
x_bond_d_na             ?     ? ? ? 'X-RAY DIFFRACTION' ? 
x_bond_d_prot           ?     ? ? ? 'X-RAY DIFFRACTION' ? 
x_angle_d               ?     ? ? ? 'X-RAY DIFFRACTION' ? 
x_angle_d_na            ?     ? ? ? 'X-RAY DIFFRACTION' ? 
x_angle_d_prot          ?     ? ? ? 'X-RAY DIFFRACTION' ? 
x_angle_deg             1.671 ? ? ? 'X-RAY DIFFRACTION' ? 
x_angle_deg_na          ?     ? ? ? 'X-RAY DIFFRACTION' ? 
x_angle_deg_prot        ?     ? ? ? 'X-RAY DIFFRACTION' ? 
x_dihedral_angle_d      ?     ? ? ? 'X-RAY DIFFRACTION' ? 
x_dihedral_angle_d_na   ?     ? ? ? 'X-RAY DIFFRACTION' ? 
x_dihedral_angle_d_prot ?     ? ? ? 'X-RAY DIFFRACTION' ? 
x_improper_angle_d      ?     ? ? ? 'X-RAY DIFFRACTION' ? 
x_improper_angle_d_na   ?     ? ? ? 'X-RAY DIFFRACTION' ? 
x_improper_angle_d_prot ?     ? ? ? 'X-RAY DIFFRACTION' ? 
x_mcbond_it             ?     ? ? ? 'X-RAY DIFFRACTION' ? 
x_mcangle_it            ?     ? ? ? 'X-RAY DIFFRACTION' ? 
x_scbond_it             ?     ? ? ? 'X-RAY DIFFRACTION' ? 
x_scangle_it            ?     ? ? ? 'X-RAY DIFFRACTION' ? 
# 
_struct.entry_id                  2IUG 
_struct.title                     'Crystal structure of the PI3-kinase p85 N-terminal SH2 domain' 
_struct.pdbx_model_details        ? 
_struct.pdbx_CASP_flag            ? 
_struct.pdbx_model_type_details   ? 
# 
_struct_keywords.entry_id        2IUG 
_struct_keywords.pdbx_keywords   TRANSFERASE 
_struct_keywords.text            
'TRANSFERASE, POLYMORPHISM, UBL CONJUGATION, PHOSPHORYLATION, P85, SH2, PI3K, SH2 DOMAIN, SH3 DOMAIN, PI3-KINASE, DISEASE MUTATION' 
# 
loop_
_struct_asym.id 
_struct_asym.pdbx_blank_PDB_chainid_flag 
_struct_asym.pdbx_modified 
_struct_asym.entity_id 
_struct_asym.details 
A N N 1 ? 
B N N 2 ? 
# 
_struct_ref.id                         1 
_struct_ref.db_name                    UNP 
_struct_ref.db_code                    P85A_HUMAN 
_struct_ref.entity_id                  1 
_struct_ref.pdbx_seq_one_letter_code   ? 
_struct_ref.pdbx_align_begin           ? 
_struct_ref.pdbx_db_accession          P27986 
_struct_ref.pdbx_db_isoform            ? 
# 
_struct_ref_seq.align_id                      1 
_struct_ref_seq.ref_id                        1 
_struct_ref_seq.pdbx_PDB_id_code              2IUG 
_struct_ref_seq.pdbx_strand_id                A 
_struct_ref_seq.seq_align_beg                 1 
_struct_ref_seq.pdbx_seq_align_beg_ins_code   ? 
_struct_ref_seq.seq_align_end                 120 
_struct_ref_seq.pdbx_seq_align_end_ins_code   ? 
_struct_ref_seq.pdbx_db_accession             P27986 
_struct_ref_seq.db_align_beg                  321 
_struct_ref_seq.pdbx_db_align_beg_ins_code    ? 
_struct_ref_seq.db_align_end                  440 
_struct_ref_seq.pdbx_db_align_end_ins_code    ? 
_struct_ref_seq.pdbx_auth_seq_align_beg       0 
_struct_ref_seq.pdbx_auth_seq_align_end       119 
# 
_pdbx_struct_assembly.id                   1 
_pdbx_struct_assembly.details              author_and_software_defined_assembly 
_pdbx_struct_assembly.method_details       PQS 
_pdbx_struct_assembly.oligomeric_details   monomeric 
_pdbx_struct_assembly.oligomeric_count     1 
# 
_pdbx_struct_assembly_gen.assembly_id       1 
_pdbx_struct_assembly_gen.oper_expression   1 
_pdbx_struct_assembly_gen.asym_id_list      A,B 
# 
_pdbx_struct_oper_list.id                   1 
_pdbx_struct_oper_list.type                 'identity operation' 
_pdbx_struct_oper_list.name                 1_555 
_pdbx_struct_oper_list.symmetry_operation   x,y,z 
_pdbx_struct_oper_list.matrix[1][1]         1.0000000000 
_pdbx_struct_oper_list.matrix[1][2]         0.0000000000 
_pdbx_struct_oper_list.matrix[1][3]         0.0000000000 
_pdbx_struct_oper_list.vector[1]            0.0000000000 
_pdbx_struct_oper_list.matrix[2][1]         0.0000000000 
_pdbx_struct_oper_list.matrix[2][2]         1.0000000000 
_pdbx_struct_oper_list.matrix[2][3]         0.0000000000 
_pdbx_struct_oper_list.vector[2]            0.0000000000 
_pdbx_struct_oper_list.matrix[3][1]         0.0000000000 
_pdbx_struct_oper_list.matrix[3][2]         0.0000000000 
_pdbx_struct_oper_list.matrix[3][3]         1.0000000000 
_pdbx_struct_oper_list.vector[3]            0.0000000000 
# 
loop_
_struct_conf.conf_type_id 
_struct_conf.id 
_struct_conf.pdbx_PDB_helix_id 
_struct_conf.beg_label_comp_id 
_struct_conf.beg_label_asym_id 
_struct_conf.beg_label_seq_id 
_struct_conf.pdbx_beg_PDB_ins_code 
_struct_conf.end_label_comp_id 
_struct_conf.end_label_asym_id 
_struct_conf.end_label_seq_id 
_struct_conf.pdbx_end_PDB_ins_code 
_struct_conf.beg_auth_comp_id 
_struct_conf.beg_auth_asym_id 
_struct_conf.beg_auth_seq_id 
_struct_conf.end_auth_comp_id 
_struct_conf.end_auth_asym_id 
_struct_conf.end_auth_seq_id 
_struct_conf.pdbx_PDB_helix_class 
_struct_conf.details 
_struct_conf.pdbx_PDB_helix_length 
HELX_P HELX_P1 1 ASN A 5  ? ASN A 10  ? ASN A 4  ASN A 9   1 ? 6  
HELX_P HELX_P2 2 SER A 19 ? ARG A 28  ? SER A 18 ARG A 27  1 ? 10 
HELX_P HELX_P3 3 THR A 42 ? GLY A 46  ? THR A 41 GLY A 45  5 ? 5  
HELX_P HELX_P4 4 SER A 80 ? GLU A 91  ? SER A 79 GLU A 90  1 ? 12 
HELX_P HELX_P5 5 SER A 92 ? TYR A 96  ? SER A 91 TYR A 95  5 ? 5  
HELX_P HELX_P6 6 ASN A 97 ? ASP A 101 ? ASN A 96 ASP A 100 5 ? 5  
# 
_struct_conf_type.id          HELX_P 
_struct_conf_type.criteria    ? 
_struct_conf_type.reference   ? 
# 
_struct_mon_prot_cis.pdbx_id                1 
_struct_mon_prot_cis.label_comp_id          ASP 
_struct_mon_prot_cis.label_seq_id           74 
_struct_mon_prot_cis.label_asym_id          A 
_struct_mon_prot_cis.label_alt_id           . 
_struct_mon_prot_cis.pdbx_PDB_ins_code      ? 
_struct_mon_prot_cis.auth_comp_id           ASP 
_struct_mon_prot_cis.auth_seq_id            73 
_struct_mon_prot_cis.auth_asym_id           A 
_struct_mon_prot_cis.pdbx_label_comp_id_2   PRO 
_struct_mon_prot_cis.pdbx_label_seq_id_2    75 
_struct_mon_prot_cis.pdbx_label_asym_id_2   A 
_struct_mon_prot_cis.pdbx_PDB_ins_code_2    ? 
_struct_mon_prot_cis.pdbx_auth_comp_id_2    PRO 
_struct_mon_prot_cis.pdbx_auth_seq_id_2     74 
_struct_mon_prot_cis.pdbx_auth_asym_id_2    A 
_struct_mon_prot_cis.pdbx_PDB_model_num     1 
_struct_mon_prot_cis.pdbx_omega_angle       -5.12 
# 
_struct_sheet.id               AA 
_struct_sheet.type             ? 
_struct_sheet.number_strands   5 
_struct_sheet.details          ? 
# 
loop_
_struct_sheet_order.sheet_id 
_struct_sheet_order.range_id_1 
_struct_sheet_order.range_id_2 
_struct_sheet_order.offset 
_struct_sheet_order.sense 
AA 1 2 ? anti-parallel 
AA 2 3 ? anti-parallel 
AA 3 4 ? anti-parallel 
AA 4 5 ? parallel      
# 
loop_
_struct_sheet_range.sheet_id 
_struct_sheet_range.id 
_struct_sheet_range.beg_label_comp_id 
_struct_sheet_range.beg_label_asym_id 
_struct_sheet_range.beg_label_seq_id 
_struct_sheet_range.pdbx_beg_PDB_ins_code 
_struct_sheet_range.end_label_comp_id 
_struct_sheet_range.end_label_asym_id 
_struct_sheet_range.end_label_seq_id 
_struct_sheet_range.pdbx_end_PDB_ins_code 
_struct_sheet_range.beg_auth_comp_id 
_struct_sheet_range.beg_auth_asym_id 
_struct_sheet_range.beg_auth_seq_id 
_struct_sheet_range.end_auth_comp_id 
_struct_sheet_range.end_auth_asym_id 
_struct_sheet_range.end_auth_seq_id 
AA 1 LYS A 69  ? GLY A 71  ? LYS A 68  GLY A 70  
AA 2 ASN A 57  ? ARG A 66  ? ASN A 56  ARG A 65  
AA 3 TYR A 48  ? LYS A 54  ? TYR A 47  LYS A 53  
AA 4 THR A 34  ? ASP A 39  ? THR A 33  ASP A 38  
AA 5 TYR A 106 ? PRO A 107 ? TYR A 105 PRO A 106 
# 
loop_
_pdbx_struct_sheet_hbond.sheet_id 
_pdbx_struct_sheet_hbond.range_id_1 
_pdbx_struct_sheet_hbond.range_id_2 
_pdbx_struct_sheet_hbond.range_1_label_atom_id 
_pdbx_struct_sheet_hbond.range_1_label_comp_id 
_pdbx_struct_sheet_hbond.range_1_label_asym_id 
_pdbx_struct_sheet_hbond.range_1_label_seq_id 
_pdbx_struct_sheet_hbond.range_1_PDB_ins_code 
_pdbx_struct_sheet_hbond.range_1_auth_atom_id 
_pdbx_struct_sheet_hbond.range_1_auth_comp_id 
_pdbx_struct_sheet_hbond.range_1_auth_asym_id 
_pdbx_struct_sheet_hbond.range_1_auth_seq_id 
_pdbx_struct_sheet_hbond.range_2_label_atom_id 
_pdbx_struct_sheet_hbond.range_2_label_comp_id 
_pdbx_struct_sheet_hbond.range_2_label_asym_id 
_pdbx_struct_sheet_hbond.range_2_label_seq_id 
_pdbx_struct_sheet_hbond.range_2_PDB_ins_code 
_pdbx_struct_sheet_hbond.range_2_auth_atom_id 
_pdbx_struct_sheet_hbond.range_2_auth_comp_id 
_pdbx_struct_sheet_hbond.range_2_auth_asym_id 
_pdbx_struct_sheet_hbond.range_2_auth_seq_id 
AA 1 2 N GLY A 71 ? N GLY A 70 O PHE A 64  ? O PHE A 63  
AA 2 3 N ILE A 63 ? N ILE A 62 O TYR A 48  ? O TYR A 47  
AA 3 4 N ARG A 53 ? N ARG A 52 O THR A 34  ? O THR A 33  
AA 4 5 N PHE A 35 ? N PHE A 34 O TYR A 106 ? O TYR A 105 
# 
loop_
_pdbx_validate_torsion.id 
_pdbx_validate_torsion.PDB_model_num 
_pdbx_validate_torsion.auth_comp_id 
_pdbx_validate_torsion.auth_asym_id 
_pdbx_validate_torsion.auth_seq_id 
_pdbx_validate_torsion.PDB_ins_code 
_pdbx_validate_torsion.label_alt_id 
_pdbx_validate_torsion.phi 
_pdbx_validate_torsion.psi 
1 1 ASN A 4   ? ? 71.12  -31.30 
2 1 TYR A 110 ? ? -95.61 43.21  
3 1 GLN A 111 ? ? 46.50  90.50  
# 
_pdbx_validate_planes.id              1 
_pdbx_validate_planes.PDB_model_num   1 
_pdbx_validate_planes.auth_comp_id    TYR 
_pdbx_validate_planes.auth_asym_id    A 
_pdbx_validate_planes.auth_seq_id     105 
_pdbx_validate_planes.PDB_ins_code    ? 
_pdbx_validate_planes.label_alt_id    ? 
_pdbx_validate_planes.rmsd            0.088 
_pdbx_validate_planes.type            'SIDE CHAIN' 
# 
_pdbx_entry_details.entry_id                 2IUG 
_pdbx_entry_details.compound_details         
;BINDS TO ACTIVATED (PHOSPHORYLATED) PROTEIN-TYR KINASES,
 THROUGH ITS SH2 DOMAIN, AND ACTS AS AN ADAPTER, MEDIATING THE
 ASSOCIATION OF THE P110 CATALYTIC UNIT TO THE PLASMA MEMBRANE.
 NECESSARY FOR THE INSULIN-STIMULATED INCREASE IN GLUCOSE UPTAKE
 AND GLYCOGEN SYNTHESIS IN INSULIN-SENSITIVE TISSUES.
;
_pdbx_entry_details.source_details           ? 
_pdbx_entry_details.nonpolymer_details       ? 
_pdbx_entry_details.sequence_details         ? 
_pdbx_entry_details.has_ligand_of_interest   ? 
# 
loop_
_pdbx_unobs_or_zero_occ_residues.id 
_pdbx_unobs_or_zero_occ_residues.PDB_model_num 
_pdbx_unobs_or_zero_occ_residues.polymer_flag 
_pdbx_unobs_or_zero_occ_residues.occupancy_flag 
_pdbx_unobs_or_zero_occ_residues.auth_asym_id 
_pdbx_unobs_or_zero_occ_residues.auth_comp_id 
_pdbx_unobs_or_zero_occ_residues.auth_seq_id 
_pdbx_unobs_or_zero_occ_residues.PDB_ins_code 
_pdbx_unobs_or_zero_occ_residues.label_asym_id 
_pdbx_unobs_or_zero_occ_residues.label_comp_id 
_pdbx_unobs_or_zero_occ_residues.label_seq_id 
1  1 Y 1 A GLY 0   ? A GLY 1   
2  1 Y 1 A MET 1   ? A MET 2   
3  1 Y 1 A ASN 2   ? A ASN 3   
4  1 Y 1 A ASP 113 ? A ASP 114 
5  1 Y 1 A GLN 114 ? A GLN 115 
6  1 Y 1 A VAL 115 ? A VAL 116 
7  1 Y 1 A VAL 116 ? A VAL 117 
8  1 Y 1 A LYS 117 ? A LYS 118 
9  1 Y 1 A GLU 118 ? A GLU 119 
10 1 Y 1 A ASP 119 ? A ASP 120 
# 
loop_
_chem_comp_atom.comp_id 
_chem_comp_atom.atom_id 
_chem_comp_atom.type_symbol 
_chem_comp_atom.pdbx_aromatic_flag 
_chem_comp_atom.pdbx_stereo_config 
_chem_comp_atom.pdbx_ordinal 
ALA N    N N N 1   
ALA CA   C N S 2   
ALA C    C N N 3   
ALA O    O N N 4   
ALA CB   C N N 5   
ALA OXT  O N N 6   
ALA H    H N N 7   
ALA H2   H N N 8   
ALA HA   H N N 9   
ALA HB1  H N N 10  
ALA HB2  H N N 11  
ALA HB3  H N N 12  
ALA HXT  H N N 13  
ARG N    N N N 14  
ARG CA   C N S 15  
ARG C    C N N 16  
ARG O    O N N 17  
ARG CB   C N N 18  
ARG CG   C N N 19  
ARG CD   C N N 20  
ARG NE   N N N 21  
ARG CZ   C N N 22  
ARG NH1  N N N 23  
ARG NH2  N N N 24  
ARG OXT  O N N 25  
ARG H    H N N 26  
ARG H2   H N N 27  
ARG HA   H N N 28  
ARG HB2  H N N 29  
ARG HB3  H N N 30  
ARG HG2  H N N 31  
ARG HG3  H N N 32  
ARG HD2  H N N 33  
ARG HD3  H N N 34  
ARG HE   H N N 35  
ARG HH11 H N N 36  
ARG HH12 H N N 37  
ARG HH21 H N N 38  
ARG HH22 H N N 39  
ARG HXT  H N N 40  
ASN N    N N N 41  
ASN CA   C N S 42  
ASN C    C N N 43  
ASN O    O N N 44  
ASN CB   C N N 45  
ASN CG   C N N 46  
ASN OD1  O N N 47  
ASN ND2  N N N 48  
ASN OXT  O N N 49  
ASN H    H N N 50  
ASN H2   H N N 51  
ASN HA   H N N 52  
ASN HB2  H N N 53  
ASN HB3  H N N 54  
ASN HD21 H N N 55  
ASN HD22 H N N 56  
ASN HXT  H N N 57  
ASP N    N N N 58  
ASP CA   C N S 59  
ASP C    C N N 60  
ASP O    O N N 61  
ASP CB   C N N 62  
ASP CG   C N N 63  
ASP OD1  O N N 64  
ASP OD2  O N N 65  
ASP OXT  O N N 66  
ASP H    H N N 67  
ASP H2   H N N 68  
ASP HA   H N N 69  
ASP HB2  H N N 70  
ASP HB3  H N N 71  
ASP HD2  H N N 72  
ASP HXT  H N N 73  
GLN N    N N N 74  
GLN CA   C N S 75  
GLN C    C N N 76  
GLN O    O N N 77  
GLN CB   C N N 78  
GLN CG   C N N 79  
GLN CD   C N N 80  
GLN OE1  O N N 81  
GLN NE2  N N N 82  
GLN OXT  O N N 83  
GLN H    H N N 84  
GLN H2   H N N 85  
GLN HA   H N N 86  
GLN HB2  H N N 87  
GLN HB3  H N N 88  
GLN HG2  H N N 89  
GLN HG3  H N N 90  
GLN HE21 H N N 91  
GLN HE22 H N N 92  
GLN HXT  H N N 93  
GLU N    N N N 94  
GLU CA   C N S 95  
GLU C    C N N 96  
GLU O    O N N 97  
GLU CB   C N N 98  
GLU CG   C N N 99  
GLU CD   C N N 100 
GLU OE1  O N N 101 
GLU OE2  O N N 102 
GLU OXT  O N N 103 
GLU H    H N N 104 
GLU H2   H N N 105 
GLU HA   H N N 106 
GLU HB2  H N N 107 
GLU HB3  H N N 108 
GLU HG2  H N N 109 
GLU HG3  H N N 110 
GLU HE2  H N N 111 
GLU HXT  H N N 112 
GLY N    N N N 113 
GLY CA   C N N 114 
GLY C    C N N 115 
GLY O    O N N 116 
GLY OXT  O N N 117 
GLY H    H N N 118 
GLY H2   H N N 119 
GLY HA2  H N N 120 
GLY HA3  H N N 121 
GLY HXT  H N N 122 
HIS N    N N N 123 
HIS CA   C N S 124 
HIS C    C N N 125 
HIS O    O N N 126 
HIS CB   C N N 127 
HIS CG   C Y N 128 
HIS ND1  N Y N 129 
HIS CD2  C Y N 130 
HIS CE1  C Y N 131 
HIS NE2  N Y N 132 
HIS OXT  O N N 133 
HIS H    H N N 134 
HIS H2   H N N 135 
HIS HA   H N N 136 
HIS HB2  H N N 137 
HIS HB3  H N N 138 
HIS HD1  H N N 139 
HIS HD2  H N N 140 
HIS HE1  H N N 141 
HIS HE2  H N N 142 
HIS HXT  H N N 143 
HOH O    O N N 144 
HOH H1   H N N 145 
HOH H2   H N N 146 
ILE N    N N N 147 
ILE CA   C N S 148 
ILE C    C N N 149 
ILE O    O N N 150 
ILE CB   C N S 151 
ILE CG1  C N N 152 
ILE CG2  C N N 153 
ILE CD1  C N N 154 
ILE OXT  O N N 155 
ILE H    H N N 156 
ILE H2   H N N 157 
ILE HA   H N N 158 
ILE HB   H N N 159 
ILE HG12 H N N 160 
ILE HG13 H N N 161 
ILE HG21 H N N 162 
ILE HG22 H N N 163 
ILE HG23 H N N 164 
ILE HD11 H N N 165 
ILE HD12 H N N 166 
ILE HD13 H N N 167 
ILE HXT  H N N 168 
LEU N    N N N 169 
LEU CA   C N S 170 
LEU C    C N N 171 
LEU O    O N N 172 
LEU CB   C N N 173 
LEU CG   C N N 174 
LEU CD1  C N N 175 
LEU CD2  C N N 176 
LEU OXT  O N N 177 
LEU H    H N N 178 
LEU H2   H N N 179 
LEU HA   H N N 180 
LEU HB2  H N N 181 
LEU HB3  H N N 182 
LEU HG   H N N 183 
LEU HD11 H N N 184 
LEU HD12 H N N 185 
LEU HD13 H N N 186 
LEU HD21 H N N 187 
LEU HD22 H N N 188 
LEU HD23 H N N 189 
LEU HXT  H N N 190 
LYS N    N N N 191 
LYS CA   C N S 192 
LYS C    C N N 193 
LYS O    O N N 194 
LYS CB   C N N 195 
LYS CG   C N N 196 
LYS CD   C N N 197 
LYS CE   C N N 198 
LYS NZ   N N N 199 
LYS OXT  O N N 200 
LYS H    H N N 201 
LYS H2   H N N 202 
LYS HA   H N N 203 
LYS HB2  H N N 204 
LYS HB3  H N N 205 
LYS HG2  H N N 206 
LYS HG3  H N N 207 
LYS HD2  H N N 208 
LYS HD3  H N N 209 
LYS HE2  H N N 210 
LYS HE3  H N N 211 
LYS HZ1  H N N 212 
LYS HZ2  H N N 213 
LYS HZ3  H N N 214 
LYS HXT  H N N 215 
MET N    N N N 216 
MET CA   C N S 217 
MET C    C N N 218 
MET O    O N N 219 
MET CB   C N N 220 
MET CG   C N N 221 
MET SD   S N N 222 
MET CE   C N N 223 
MET OXT  O N N 224 
MET H    H N N 225 
MET H2   H N N 226 
MET HA   H N N 227 
MET HB2  H N N 228 
MET HB3  H N N 229 
MET HG2  H N N 230 
MET HG3  H N N 231 
MET HE1  H N N 232 
MET HE2  H N N 233 
MET HE3  H N N 234 
MET HXT  H N N 235 
PHE N    N N N 236 
PHE CA   C N S 237 
PHE C    C N N 238 
PHE O    O N N 239 
PHE CB   C N N 240 
PHE CG   C Y N 241 
PHE CD1  C Y N 242 
PHE CD2  C Y N 243 
PHE CE1  C Y N 244 
PHE CE2  C Y N 245 
PHE CZ   C Y N 246 
PHE OXT  O N N 247 
PHE H    H N N 248 
PHE H2   H N N 249 
PHE HA   H N N 250 
PHE HB2  H N N 251 
PHE HB3  H N N 252 
PHE HD1  H N N 253 
PHE HD2  H N N 254 
PHE HE1  H N N 255 
PHE HE2  H N N 256 
PHE HZ   H N N 257 
PHE HXT  H N N 258 
PRO N    N N N 259 
PRO CA   C N S 260 
PRO C    C N N 261 
PRO O    O N N 262 
PRO CB   C N N 263 
PRO CG   C N N 264 
PRO CD   C N N 265 
PRO OXT  O N N 266 
PRO H    H N N 267 
PRO HA   H N N 268 
PRO HB2  H N N 269 
PRO HB3  H N N 270 
PRO HG2  H N N 271 
PRO HG3  H N N 272 
PRO HD2  H N N 273 
PRO HD3  H N N 274 
PRO HXT  H N N 275 
SER N    N N N 276 
SER CA   C N S 277 
SER C    C N N 278 
SER O    O N N 279 
SER CB   C N N 280 
SER OG   O N N 281 
SER OXT  O N N 282 
SER H    H N N 283 
SER H2   H N N 284 
SER HA   H N N 285 
SER HB2  H N N 286 
SER HB3  H N N 287 
SER HG   H N N 288 
SER HXT  H N N 289 
THR N    N N N 290 
THR CA   C N S 291 
THR C    C N N 292 
THR O    O N N 293 
THR CB   C N R 294 
THR OG1  O N N 295 
THR CG2  C N N 296 
THR OXT  O N N 297 
THR H    H N N 298 
THR H2   H N N 299 
THR HA   H N N 300 
THR HB   H N N 301 
THR HG1  H N N 302 
THR HG21 H N N 303 
THR HG22 H N N 304 
THR HG23 H N N 305 
THR HXT  H N N 306 
TRP N    N N N 307 
TRP CA   C N S 308 
TRP C    C N N 309 
TRP O    O N N 310 
TRP CB   C N N 311 
TRP CG   C Y N 312 
TRP CD1  C Y N 313 
TRP CD2  C Y N 314 
TRP NE1  N Y N 315 
TRP CE2  C Y N 316 
TRP CE3  C Y N 317 
TRP CZ2  C Y N 318 
TRP CZ3  C Y N 319 
TRP CH2  C Y N 320 
TRP OXT  O N N 321 
TRP H    H N N 322 
TRP H2   H N N 323 
TRP HA   H N N 324 
TRP HB2  H N N 325 
TRP HB3  H N N 326 
TRP HD1  H N N 327 
TRP HE1  H N N 328 
TRP HE3  H N N 329 
TRP HZ2  H N N 330 
TRP HZ3  H N N 331 
TRP HH2  H N N 332 
TRP HXT  H N N 333 
TYR N    N N N 334 
TYR CA   C N S 335 
TYR C    C N N 336 
TYR O    O N N 337 
TYR CB   C N N 338 
TYR CG   C Y N 339 
TYR CD1  C Y N 340 
TYR CD2  C Y N 341 
TYR CE1  C Y N 342 
TYR CE2  C Y N 343 
TYR CZ   C Y N 344 
TYR OH   O N N 345 
TYR OXT  O N N 346 
TYR H    H N N 347 
TYR H2   H N N 348 
TYR HA   H N N 349 
TYR HB2  H N N 350 
TYR HB3  H N N 351 
TYR HD1  H N N 352 
TYR HD2  H N N 353 
TYR HE1  H N N 354 
TYR HE2  H N N 355 
TYR HH   H N N 356 
TYR HXT  H N N 357 
VAL N    N N N 358 
VAL CA   C N S 359 
VAL C    C N N 360 
VAL O    O N N 361 
VAL CB   C N N 362 
VAL CG1  C N N 363 
VAL CG2  C N N 364 
VAL OXT  O N N 365 
VAL H    H N N 366 
VAL H2   H N N 367 
VAL HA   H N N 368 
VAL HB   H N N 369 
VAL HG11 H N N 370 
VAL HG12 H N N 371 
VAL HG13 H N N 372 
VAL HG21 H N N 373 
VAL HG22 H N N 374 
VAL HG23 H N N 375 
VAL HXT  H N N 376 
# 
loop_
_chem_comp_bond.comp_id 
_chem_comp_bond.atom_id_1 
_chem_comp_bond.atom_id_2 
_chem_comp_bond.value_order 
_chem_comp_bond.pdbx_aromatic_flag 
_chem_comp_bond.pdbx_stereo_config 
_chem_comp_bond.pdbx_ordinal 
ALA N   CA   sing N N 1   
ALA N   H    sing N N 2   
ALA N   H2   sing N N 3   
ALA CA  C    sing N N 4   
ALA CA  CB   sing N N 5   
ALA CA  HA   sing N N 6   
ALA C   O    doub N N 7   
ALA C   OXT  sing N N 8   
ALA CB  HB1  sing N N 9   
ALA CB  HB2  sing N N 10  
ALA CB  HB3  sing N N 11  
ALA OXT HXT  sing N N 12  
ARG N   CA   sing N N 13  
ARG N   H    sing N N 14  
ARG N   H2   sing N N 15  
ARG CA  C    sing N N 16  
ARG CA  CB   sing N N 17  
ARG CA  HA   sing N N 18  
ARG C   O    doub N N 19  
ARG C   OXT  sing N N 20  
ARG CB  CG   sing N N 21  
ARG CB  HB2  sing N N 22  
ARG CB  HB3  sing N N 23  
ARG CG  CD   sing N N 24  
ARG CG  HG2  sing N N 25  
ARG CG  HG3  sing N N 26  
ARG CD  NE   sing N N 27  
ARG CD  HD2  sing N N 28  
ARG CD  HD3  sing N N 29  
ARG NE  CZ   sing N N 30  
ARG NE  HE   sing N N 31  
ARG CZ  NH1  sing N N 32  
ARG CZ  NH2  doub N N 33  
ARG NH1 HH11 sing N N 34  
ARG NH1 HH12 sing N N 35  
ARG NH2 HH21 sing N N 36  
ARG NH2 HH22 sing N N 37  
ARG OXT HXT  sing N N 38  
ASN N   CA   sing N N 39  
ASN N   H    sing N N 40  
ASN N   H2   sing N N 41  
ASN CA  C    sing N N 42  
ASN CA  CB   sing N N 43  
ASN CA  HA   sing N N 44  
ASN C   O    doub N N 45  
ASN C   OXT  sing N N 46  
ASN CB  CG   sing N N 47  
ASN CB  HB2  sing N N 48  
ASN CB  HB3  sing N N 49  
ASN CG  OD1  doub N N 50  
ASN CG  ND2  sing N N 51  
ASN ND2 HD21 sing N N 52  
ASN ND2 HD22 sing N N 53  
ASN OXT HXT  sing N N 54  
ASP N   CA   sing N N 55  
ASP N   H    sing N N 56  
ASP N   H2   sing N N 57  
ASP CA  C    sing N N 58  
ASP CA  CB   sing N N 59  
ASP CA  HA   sing N N 60  
ASP C   O    doub N N 61  
ASP C   OXT  sing N N 62  
ASP CB  CG   sing N N 63  
ASP CB  HB2  sing N N 64  
ASP CB  HB3  sing N N 65  
ASP CG  OD1  doub N N 66  
ASP CG  OD2  sing N N 67  
ASP OD2 HD2  sing N N 68  
ASP OXT HXT  sing N N 69  
GLN N   CA   sing N N 70  
GLN N   H    sing N N 71  
GLN N   H2   sing N N 72  
GLN CA  C    sing N N 73  
GLN CA  CB   sing N N 74  
GLN CA  HA   sing N N 75  
GLN C   O    doub N N 76  
GLN C   OXT  sing N N 77  
GLN CB  CG   sing N N 78  
GLN CB  HB2  sing N N 79  
GLN CB  HB3  sing N N 80  
GLN CG  CD   sing N N 81  
GLN CG  HG2  sing N N 82  
GLN CG  HG3  sing N N 83  
GLN CD  OE1  doub N N 84  
GLN CD  NE2  sing N N 85  
GLN NE2 HE21 sing N N 86  
GLN NE2 HE22 sing N N 87  
GLN OXT HXT  sing N N 88  
GLU N   CA   sing N N 89  
GLU N   H    sing N N 90  
GLU N   H2   sing N N 91  
GLU CA  C    sing N N 92  
GLU CA  CB   sing N N 93  
GLU CA  HA   sing N N 94  
GLU C   O    doub N N 95  
GLU C   OXT  sing N N 96  
GLU CB  CG   sing N N 97  
GLU CB  HB2  sing N N 98  
GLU CB  HB3  sing N N 99  
GLU CG  CD   sing N N 100 
GLU CG  HG2  sing N N 101 
GLU CG  HG3  sing N N 102 
GLU CD  OE1  doub N N 103 
GLU CD  OE2  sing N N 104 
GLU OE2 HE2  sing N N 105 
GLU OXT HXT  sing N N 106 
GLY N   CA   sing N N 107 
GLY N   H    sing N N 108 
GLY N   H2   sing N N 109 
GLY CA  C    sing N N 110 
GLY CA  HA2  sing N N 111 
GLY CA  HA3  sing N N 112 
GLY C   O    doub N N 113 
GLY C   OXT  sing N N 114 
GLY OXT HXT  sing N N 115 
HIS N   CA   sing N N 116 
HIS N   H    sing N N 117 
HIS N   H2   sing N N 118 
HIS CA  C    sing N N 119 
HIS CA  CB   sing N N 120 
HIS CA  HA   sing N N 121 
HIS C   O    doub N N 122 
HIS C   OXT  sing N N 123 
HIS CB  CG   sing N N 124 
HIS CB  HB2  sing N N 125 
HIS CB  HB3  sing N N 126 
HIS CG  ND1  sing Y N 127 
HIS CG  CD2  doub Y N 128 
HIS ND1 CE1  doub Y N 129 
HIS ND1 HD1  sing N N 130 
HIS CD2 NE2  sing Y N 131 
HIS CD2 HD2  sing N N 132 
HIS CE1 NE2  sing Y N 133 
HIS CE1 HE1  sing N N 134 
HIS NE2 HE2  sing N N 135 
HIS OXT HXT  sing N N 136 
HOH O   H1   sing N N 137 
HOH O   H2   sing N N 138 
ILE N   CA   sing N N 139 
ILE N   H    sing N N 140 
ILE N   H2   sing N N 141 
ILE CA  C    sing N N 142 
ILE CA  CB   sing N N 143 
ILE CA  HA   sing N N 144 
ILE C   O    doub N N 145 
ILE C   OXT  sing N N 146 
ILE CB  CG1  sing N N 147 
ILE CB  CG2  sing N N 148 
ILE CB  HB   sing N N 149 
ILE CG1 CD1  sing N N 150 
ILE CG1 HG12 sing N N 151 
ILE CG1 HG13 sing N N 152 
ILE CG2 HG21 sing N N 153 
ILE CG2 HG22 sing N N 154 
ILE CG2 HG23 sing N N 155 
ILE CD1 HD11 sing N N 156 
ILE CD1 HD12 sing N N 157 
ILE CD1 HD13 sing N N 158 
ILE OXT HXT  sing N N 159 
LEU N   CA   sing N N 160 
LEU N   H    sing N N 161 
LEU N   H2   sing N N 162 
LEU CA  C    sing N N 163 
LEU CA  CB   sing N N 164 
LEU CA  HA   sing N N 165 
LEU C   O    doub N N 166 
LEU C   OXT  sing N N 167 
LEU CB  CG   sing N N 168 
LEU CB  HB2  sing N N 169 
LEU CB  HB3  sing N N 170 
LEU CG  CD1  sing N N 171 
LEU CG  CD2  sing N N 172 
LEU CG  HG   sing N N 173 
LEU CD1 HD11 sing N N 174 
LEU CD1 HD12 sing N N 175 
LEU CD1 HD13 sing N N 176 
LEU CD2 HD21 sing N N 177 
LEU CD2 HD22 sing N N 178 
LEU CD2 HD23 sing N N 179 
LEU OXT HXT  sing N N 180 
LYS N   CA   sing N N 181 
LYS N   H    sing N N 182 
LYS N   H2   sing N N 183 
LYS CA  C    sing N N 184 
LYS CA  CB   sing N N 185 
LYS CA  HA   sing N N 186 
LYS C   O    doub N N 187 
LYS C   OXT  sing N N 188 
LYS CB  CG   sing N N 189 
LYS CB  HB2  sing N N 190 
LYS CB  HB3  sing N N 191 
LYS CG  CD   sing N N 192 
LYS CG  HG2  sing N N 193 
LYS CG  HG3  sing N N 194 
LYS CD  CE   sing N N 195 
LYS CD  HD2  sing N N 196 
LYS CD  HD3  sing N N 197 
LYS CE  NZ   sing N N 198 
LYS CE  HE2  sing N N 199 
LYS CE  HE3  sing N N 200 
LYS NZ  HZ1  sing N N 201 
LYS NZ  HZ2  sing N N 202 
LYS NZ  HZ3  sing N N 203 
LYS OXT HXT  sing N N 204 
MET N   CA   sing N N 205 
MET N   H    sing N N 206 
MET N   H2   sing N N 207 
MET CA  C    sing N N 208 
MET CA  CB   sing N N 209 
MET CA  HA   sing N N 210 
MET C   O    doub N N 211 
MET C   OXT  sing N N 212 
MET CB  CG   sing N N 213 
MET CB  HB2  sing N N 214 
MET CB  HB3  sing N N 215 
MET CG  SD   sing N N 216 
MET CG  HG2  sing N N 217 
MET CG  HG3  sing N N 218 
MET SD  CE   sing N N 219 
MET CE  HE1  sing N N 220 
MET CE  HE2  sing N N 221 
MET CE  HE3  sing N N 222 
MET OXT HXT  sing N N 223 
PHE N   CA   sing N N 224 
PHE N   H    sing N N 225 
PHE N   H2   sing N N 226 
PHE CA  C    sing N N 227 
PHE CA  CB   sing N N 228 
PHE CA  HA   sing N N 229 
PHE C   O    doub N N 230 
PHE C   OXT  sing N N 231 
PHE CB  CG   sing N N 232 
PHE CB  HB2  sing N N 233 
PHE CB  HB3  sing N N 234 
PHE CG  CD1  doub Y N 235 
PHE CG  CD2  sing Y N 236 
PHE CD1 CE1  sing Y N 237 
PHE CD1 HD1  sing N N 238 
PHE CD2 CE2  doub Y N 239 
PHE CD2 HD2  sing N N 240 
PHE CE1 CZ   doub Y N 241 
PHE CE1 HE1  sing N N 242 
PHE CE2 CZ   sing Y N 243 
PHE CE2 HE2  sing N N 244 
PHE CZ  HZ   sing N N 245 
PHE OXT HXT  sing N N 246 
PRO N   CA   sing N N 247 
PRO N   CD   sing N N 248 
PRO N   H    sing N N 249 
PRO CA  C    sing N N 250 
PRO CA  CB   sing N N 251 
PRO CA  HA   sing N N 252 
PRO C   O    doub N N 253 
PRO C   OXT  sing N N 254 
PRO CB  CG   sing N N 255 
PRO CB  HB2  sing N N 256 
PRO CB  HB3  sing N N 257 
PRO CG  CD   sing N N 258 
PRO CG  HG2  sing N N 259 
PRO CG  HG3  sing N N 260 
PRO CD  HD2  sing N N 261 
PRO CD  HD3  sing N N 262 
PRO OXT HXT  sing N N 263 
SER N   CA   sing N N 264 
SER N   H    sing N N 265 
SER N   H2   sing N N 266 
SER CA  C    sing N N 267 
SER CA  CB   sing N N 268 
SER CA  HA   sing N N 269 
SER C   O    doub N N 270 
SER C   OXT  sing N N 271 
SER CB  OG   sing N N 272 
SER CB  HB2  sing N N 273 
SER CB  HB3  sing N N 274 
SER OG  HG   sing N N 275 
SER OXT HXT  sing N N 276 
THR N   CA   sing N N 277 
THR N   H    sing N N 278 
THR N   H2   sing N N 279 
THR CA  C    sing N N 280 
THR CA  CB   sing N N 281 
THR CA  HA   sing N N 282 
THR C   O    doub N N 283 
THR C   OXT  sing N N 284 
THR CB  OG1  sing N N 285 
THR CB  CG2  sing N N 286 
THR CB  HB   sing N N 287 
THR OG1 HG1  sing N N 288 
THR CG2 HG21 sing N N 289 
THR CG2 HG22 sing N N 290 
THR CG2 HG23 sing N N 291 
THR OXT HXT  sing N N 292 
TRP N   CA   sing N N 293 
TRP N   H    sing N N 294 
TRP N   H2   sing N N 295 
TRP CA  C    sing N N 296 
TRP CA  CB   sing N N 297 
TRP CA  HA   sing N N 298 
TRP C   O    doub N N 299 
TRP C   OXT  sing N N 300 
TRP CB  CG   sing N N 301 
TRP CB  HB2  sing N N 302 
TRP CB  HB3  sing N N 303 
TRP CG  CD1  doub Y N 304 
TRP CG  CD2  sing Y N 305 
TRP CD1 NE1  sing Y N 306 
TRP CD1 HD1  sing N N 307 
TRP CD2 CE2  doub Y N 308 
TRP CD2 CE3  sing Y N 309 
TRP NE1 CE2  sing Y N 310 
TRP NE1 HE1  sing N N 311 
TRP CE2 CZ2  sing Y N 312 
TRP CE3 CZ3  doub Y N 313 
TRP CE3 HE3  sing N N 314 
TRP CZ2 CH2  doub Y N 315 
TRP CZ2 HZ2  sing N N 316 
TRP CZ3 CH2  sing Y N 317 
TRP CZ3 HZ3  sing N N 318 
TRP CH2 HH2  sing N N 319 
TRP OXT HXT  sing N N 320 
TYR N   CA   sing N N 321 
TYR N   H    sing N N 322 
TYR N   H2   sing N N 323 
TYR CA  C    sing N N 324 
TYR CA  CB   sing N N 325 
TYR CA  HA   sing N N 326 
TYR C   O    doub N N 327 
TYR C   OXT  sing N N 328 
TYR CB  CG   sing N N 329 
TYR CB  HB2  sing N N 330 
TYR CB  HB3  sing N N 331 
TYR CG  CD1  doub Y N 332 
TYR CG  CD2  sing Y N 333 
TYR CD1 CE1  sing Y N 334 
TYR CD1 HD1  sing N N 335 
TYR CD2 CE2  doub Y N 336 
TYR CD2 HD2  sing N N 337 
TYR CE1 CZ   doub Y N 338 
TYR CE1 HE1  sing N N 339 
TYR CE2 CZ   sing Y N 340 
TYR CE2 HE2  sing N N 341 
TYR CZ  OH   sing N N 342 
TYR OH  HH   sing N N 343 
TYR OXT HXT  sing N N 344 
VAL N   CA   sing N N 345 
VAL N   H    sing N N 346 
VAL N   H2   sing N N 347 
VAL CA  C    sing N N 348 
VAL CA  CB   sing N N 349 
VAL CA  HA   sing N N 350 
VAL C   O    doub N N 351 
VAL C   OXT  sing N N 352 
VAL CB  CG1  sing N N 353 
VAL CB  CG2  sing N N 354 
VAL CB  HB   sing N N 355 
VAL CG1 HG11 sing N N 356 
VAL CG1 HG12 sing N N 357 
VAL CG1 HG13 sing N N 358 
VAL CG2 HG21 sing N N 359 
VAL CG2 HG22 sing N N 360 
VAL CG2 HG23 sing N N 361 
VAL OXT HXT  sing N N 362 
# 
_atom_sites.entry_id                    2IUG 
_atom_sites.fract_transf_matrix[1][1]   -0.00254120 
_atom_sites.fract_transf_matrix[1][2]   0.01587123 
_atom_sites.fract_transf_matrix[1][3]   0.00693841 
_atom_sites.fract_transf_matrix[2][1]   -0.00964460 
_atom_sites.fract_transf_matrix[2][2]   0.00452862 
_atom_sites.fract_transf_matrix[2][3]   -0.01389131 
_atom_sites.fract_transf_matrix[3][1]   -0.00733174 
_atom_sites.fract_transf_matrix[3][2]   -0.00297523 
_atom_sites.fract_transf_matrix[3][3]   0.00412042 
_atom_sites.fract_transf_vector[1]      0.168539 
_atom_sites.fract_transf_vector[2]      0.578182 
_atom_sites.fract_transf_vector[3]      0.192839 
# 
loop_
_atom_type.symbol 
C 
N 
O 
S 
# 
loop_
_atom_site.group_PDB 
_atom_site.id 
_atom_site.type_symbol 
_atom_site.label_atom_id 
_atom_site.label_alt_id 
_atom_site.label_comp_id 
_atom_site.label_asym_id 
_atom_site.label_entity_id 
_atom_site.label_seq_id 
_atom_site.pdbx_PDB_ins_code 
_atom_site.Cartn_x 
_atom_site.Cartn_y 
_atom_site.Cartn_z 
_atom_site.occupancy 
_atom_site.B_iso_or_equiv 
_atom_site.pdbx_formal_charge 
_atom_site.auth_seq_id 
_atom_site.auth_comp_id 
_atom_site.auth_asym_id 
_atom_site.auth_atom_id 
_atom_site.pdbx_PDB_model_num 
ATOM   1    N N   . ASN A 1 4   ? 2.542   15.335  2.369   1.00 56.13 ? 3    ASN A N   1 
ATOM   2    C CA  . ASN A 1 4   ? 2.582   13.963  2.872   1.00 56.47 ? 3    ASN A CA  1 
ATOM   3    C C   . ASN A 1 4   ? 2.487   13.937  4.401   1.00 56.45 ? 3    ASN A C   1 
ATOM   4    O O   . ASN A 1 4   ? 2.568   14.971  5.062   1.00 58.88 ? 3    ASN A O   1 
ATOM   5    C CB  . ASN A 1 4   ? 3.882   13.277  2.415   1.00 55.26 ? 3    ASN A CB  1 
ATOM   6    C CG  . ASN A 1 4   ? 3.787   11.753  2.412   1.00 54.45 ? 3    ASN A CG  1 
ATOM   7    O OD1 . ASN A 1 4   ? 3.062   11.161  1.610   1.00 49.06 ? 3    ASN A OD1 1 
ATOM   8    N ND2 . ASN A 1 4   ? 4.532   11.110  3.308   1.00 51.99 ? 3    ASN A ND2 1 
ATOM   9    N N   . ASN A 1 5   ? 2.191   12.765  4.946   1.00 55.26 ? 4    ASN A N   1 
ATOM   10   C CA  . ASN A 1 5   ? 2.353   12.502  6.370   1.00 55.25 ? 4    ASN A CA  1 
ATOM   11   C C   . ASN A 1 5   ? 1.413   13.152  7.390   1.00 54.31 ? 4    ASN A C   1 
ATOM   12   O O   . ASN A 1 5   ? 1.156   12.550  8.430   1.00 55.01 ? 4    ASN A O   1 
ATOM   13   C CB  . ASN A 1 5   ? 3.800   12.728  6.787   1.00 58.22 ? 4    ASN A CB  1 
ATOM   14   C CG  . ASN A 1 5   ? 4.566   11.431  6.878   1.00 64.16 ? 4    ASN A CG  1 
ATOM   15   O OD1 . ASN A 1 5   ? 5.597   11.261  6.226   1.00 66.46 ? 4    ASN A OD1 1 
ATOM   16   N ND2 . ASN A 1 5   ? 4.024   10.473  7.626   1.00 63.22 ? 4    ASN A ND2 1 
ATOM   17   N N   . MET A 1 6   ? 0.905   14.356  7.124   1.00 51.30 ? 5    MET A N   1 
ATOM   18   C CA  . MET A 1 6   ? -0.345  14.774  7.759   1.00 48.44 ? 5    MET A CA  1 
ATOM   19   C C   . MET A 1 6   ? -1.461  13.997  7.059   1.00 45.82 ? 5    MET A C   1 
ATOM   20   O O   . MET A 1 6   ? -2.157  13.180  7.677   1.00 46.04 ? 5    MET A O   1 
ATOM   21   C CB  . MET A 1 6   ? -0.568  16.284  7.613   1.00 51.98 ? 5    MET A CB  1 
ATOM   22   C CG  . MET A 1 6   ? -2.037  16.724  7.716   1.00 55.94 ? 5    MET A CG  1 
ATOM   23   S SD  . MET A 1 6   ? -2.431  18.046  8.904   1.00 61.45 ? 5    MET A SD  1 
ATOM   24   C CE  . MET A 1 6   ? -0.991  19.160  8.717   1.00 57.79 ? 5    MET A CE  1 
ATOM   25   N N   . SER A 1 7   ? -1.412  14.049  5.735   1.00 41.41 ? 6    SER A N   1 
ATOM   26   C CA  . SER A 1 7   ? -2.267  13.224  4.893   1.00 37.94 ? 6    SER A CA  1 
ATOM   27   C C   . SER A 1 7   ? -2.095  11.749  5.239   1.00 34.76 ? 6    SER A C   1 
ATOM   28   O O   . SER A 1 7   ? -3.068  11.005  5.337   1.00 34.87 ? 6    SER A O   1 
ATOM   29   C CB  . SER A 1 7   ? -1.908  13.433  3.417   1.00 41.00 ? 6    SER A CB  1 
ATOM   30   O OG  . SER A 1 7   ? -0.580  12.988  3.154   1.00 44.17 ? 6    SER A OG  1 
ATOM   31   N N   . LEU A 1 8   ? -0.848  11.314  5.361   1.00 29.05 ? 7    LEU A N   1 
ATOM   32   C CA  . LEU A 1 8   ? -0.578  9.898   5.537   1.00 28.96 ? 7    LEU A CA  1 
ATOM   33   C C   . LEU A 1 8   ? -0.894  9.418   6.946   1.00 30.61 ? 7    LEU A C   1 
ATOM   34   O O   . LEU A 1 8   ? -1.436  8.332   7.105   1.00 30.85 ? 7    LEU A O   1 
ATOM   35   C CB  . LEU A 1 8   ? 0.878   9.561   5.172   1.00 26.64 ? 7    LEU A CB  1 
ATOM   36   C CG  . LEU A 1 8   ? 1.302   8.081   5.263   1.00 24.86 ? 7    LEU A CG  1 
ATOM   37   C CD1 . LEU A 1 8   ? 0.688   7.234   4.136   1.00 21.75 ? 7    LEU A CD1 1 
ATOM   38   C CD2 . LEU A 1 8   ? 2.802   8.004   5.198   1.00 23.15 ? 7    LEU A CD2 1 
ATOM   39   N N   . GLN A 1 9   ? -0.611  10.235  7.956   1.00 31.69 ? 8    GLN A N   1 
ATOM   40   C CA  . GLN A 1 9   ? -0.846  9.825   9.342   1.00 34.05 ? 8    GLN A CA  1 
ATOM   41   C C   . GLN A 1 9   ? -2.331  9.647   9.652   1.00 31.91 ? 8    GLN A C   1 
ATOM   42   O O   . GLN A 1 9   ? -2.699  8.843   10.501  1.00 32.39 ? 8    GLN A O   1 
ATOM   43   C CB  . GLN A 1 9   ? -0.243  10.827  10.327  1.00 35.51 ? 8    GLN A CB  1 
ATOM   44   C CG  . GLN A 1 9   ? 1.168   10.467  10.805  1.00 44.60 ? 8    GLN A CG  1 
ATOM   45   C CD  . GLN A 1 9   ? 1.285   9.049   11.392  1.00 48.95 ? 8    GLN A CD  1 
ATOM   46   O OE1 . GLN A 1 9   ? 2.253   8.327   11.119  1.00 50.68 ? 8    GLN A OE1 1 
ATOM   47   N NE2 . GLN A 1 9   ? 0.316   8.659   12.213  1.00 49.32 ? 8    GLN A NE2 1 
ATOM   48   N N   . ASN A 1 10  ? -3.177  10.425  8.987   1.00 31.79 ? 9    ASN A N   1 
ATOM   49   C CA  . ASN A 1 10  ? -4.631  10.304  9.139   1.00 30.42 ? 9    ASN A CA  1 
ATOM   50   C C   . ASN A 1 10  ? -5.324  9.375   8.135   1.00 30.01 ? 9    ASN A C   1 
ATOM   51   O O   . ASN A 1 10  ? -6.553  9.287   8.117   1.00 34.44 ? 9    ASN A O   1 
ATOM   52   C CB  . ASN A 1 10  ? -5.288  11.684  9.069   1.00 27.54 ? 9    ASN A CB  1 
ATOM   53   C CG  . ASN A 1 10  ? -4.988  12.537  10.278  1.00 28.24 ? 9    ASN A CG  1 
ATOM   54   O OD1 . ASN A 1 10  ? -5.218  13.727  10.254  1.00 32.71 ? 9    ASN A OD1 1 
ATOM   55   N ND2 . ASN A 1 10  ? -4.502  11.928  11.355  1.00 31.10 ? 9    ASN A ND2 1 
ATOM   56   N N   . ALA A 1 11  ? -4.558  8.738   7.258   1.00 25.70 ? 10   ALA A N   1 
ATOM   57   C CA  . ALA A 1 11  ? -5.131  7.744   6.374   1.00 24.79 ? 10   ALA A CA  1 
ATOM   58   C C   . ALA A 1 11  ? -5.508  6.519   7.207   1.00 26.14 ? 10   ALA A C   1 
ATOM   59   O O   . ALA A 1 11  ? -4.680  5.972   7.941   1.00 24.26 ? 10   ALA A O   1 
ATOM   60   C CB  . ALA A 1 11  ? -4.142  7.366   5.283   1.00 25.10 ? 10   ALA A CB  1 
ATOM   61   N N   . GLU A 1 12  ? -6.755  6.073   7.064   1.00 26.65 ? 11   GLU A N   1 
ATOM   62   C CA  . GLU A 1 12  ? -7.263  4.941   7.839   1.00 23.13 ? 11   GLU A CA  1 
ATOM   63   C C   . GLU A 1 12  ? -6.486  3.662   7.543   1.00 21.81 ? 11   GLU A C   1 
ATOM   64   O O   . GLU A 1 12  ? -6.281  2.828   8.427   1.00 20.14 ? 11   GLU A O   1 
ATOM   65   C CB  . GLU A 1 12  ? -8.759  4.733   7.565   1.00 24.00 ? 11   GLU A CB  1 
ATOM   66   C CG  . GLU A 1 12  ? -9.108  4.468   6.119   1.00 24.39 ? 11   GLU A CG  1 
ATOM   67   C CD  . GLU A 1 12  ? -10.549 3.957   5.917   1.00 27.94 ? 11   GLU A CD  1 
ATOM   68   O OE1 . GLU A 1 12  ? -11.037 3.998   4.769   1.00 24.62 ? 11   GLU A OE1 1 
ATOM   69   O OE2 . GLU A 1 12  ? -11.186 3.492   6.884   1.00 21.99 ? 11   GLU A OE2 1 
ATOM   70   N N   . TRP A 1 13  ? -6.013  3.529   6.306   1.00 20.09 ? 12   TRP A N   1 
ATOM   71   C CA  . TRP A 1 13  ? -5.239  2.347   5.898   1.00 17.43 ? 12   TRP A CA  1 
ATOM   72   C C   . TRP A 1 13  ? -3.735  2.416   6.200   1.00 15.73 ? 12   TRP A C   1 
ATOM   73   O O   . TRP A 1 13  ? -3.011  1.476   5.903   1.00 16.68 ? 12   TRP A O   1 
ATOM   74   C CB  . TRP A 1 13  ? -5.437  2.021   4.407   1.00 16.24 ? 12   TRP A CB  1 
ATOM   75   C CG  . TRP A 1 13  ? -5.476  3.206   3.510   1.00 16.79 ? 12   TRP A CG  1 
ATOM   76   C CD1 . TRP A 1 13  ? -6.581  3.773   2.950   1.00 16.35 ? 12   TRP A CD1 1 
ATOM   77   C CD2 . TRP A 1 13  ? -4.363  4.035   3.123   1.00 20.28 ? 12   TRP A CD2 1 
ATOM   78   N NE1 . TRP A 1 13  ? -6.238  4.918   2.267   1.00 17.09 ? 12   TRP A NE1 1 
ATOM   79   C CE2 . TRP A 1 13  ? -4.882  5.098   2.359   1.00 20.54 ? 12   TRP A CE2 1 
ATOM   80   C CE3 . TRP A 1 13  ? -2.980  3.981   3.360   1.00 21.62 ? 12   TRP A CE3 1 
ATOM   81   C CZ2 . TRP A 1 13  ? -4.066  6.109   1.833   1.00 19.17 ? 12   TRP A CZ2 1 
ATOM   82   C CZ3 . TRP A 1 13  ? -2.178  4.998   2.838   1.00 16.66 ? 12   TRP A CZ3 1 
ATOM   83   C CH2 . TRP A 1 13  ? -2.726  6.043   2.092   1.00 14.88 ? 12   TRP A CH2 1 
ATOM   84   N N   . TYR A 1 14  ? -3.284  3.497   6.818   1.00 17.04 ? 13   TYR A N   1 
ATOM   85   C CA  . TYR A 1 14  ? -1.878  3.608   7.167   1.00 18.03 ? 13   TYR A CA  1 
ATOM   86   C C   . TYR A 1 14  ? -1.610  3.241   8.628   1.00 18.16 ? 13   TYR A C   1 
ATOM   87   O O   . TYR A 1 14  ? -1.980  3.973   9.551   1.00 18.12 ? 13   TYR A O   1 
ATOM   88   C CB  . TYR A 1 14  ? -1.358  5.021   6.845   1.00 21.57 ? 13   TYR A CB  1 
ATOM   89   C CG  . TYR A 1 14  ? 0.081   5.287   7.285   1.00 22.12 ? 13   TYR A CG  1 
ATOM   90   C CD1 . TYR A 1 14  ? 1.150   4.558   6.753   1.00 23.74 ? 13   TYR A CD1 1 
ATOM   91   C CD2 . TYR A 1 14  ? 0.354   6.204   8.287   1.00 20.52 ? 13   TYR A CD2 1 
ATOM   92   C CE1 . TYR A 1 14  ? 2.444   4.735   7.214   1.00 23.12 ? 13   TYR A CE1 1 
ATOM   93   C CE2 . TYR A 1 14  ? 1.625   6.386   8.756   1.00 25.91 ? 13   TYR A CE2 1 
ATOM   94   C CZ  . TYR A 1 14  ? 2.682   5.650   8.221   1.00 27.57 ? 13   TYR A CZ  1 
ATOM   95   O OH  . TYR A 1 14  ? 3.959   5.809   8.743   1.00 25.18 ? 13   TYR A OH  1 
ATOM   96   N N   . TRP A 1 15  ? -0.815  2.190   8.809   1.00 19.54 ? 14   TRP A N   1 
ATOM   97   C CA  . TRP A 1 15  ? -0.606  1.589   10.119  1.00 21.49 ? 14   TRP A CA  1 
ATOM   98   C C   . TRP A 1 15  ? 0.741   1.846   10.774  1.00 23.52 ? 14   TRP A C   1 
ATOM   99   O O   . TRP A 1 15  ? 1.007   1.320   11.850  1.00 24.65 ? 14   TRP A O   1 
ATOM   100  C CB  . TRP A 1 15  ? -0.836  0.084   10.034  1.00 24.85 ? 14   TRP A CB  1 
ATOM   101  C CG  . TRP A 1 15  ? -2.303  -0.268  9.933   1.00 29.61 ? 14   TRP A CG  1 
ATOM   102  C CD1 . TRP A 1 15  ? -3.094  -0.206  8.817   1.00 28.34 ? 14   TRP A CD1 1 
ATOM   103  C CD2 . TRP A 1 15  ? -3.164  -0.707  11.002  1.00 27.23 ? 14   TRP A CD2 1 
ATOM   104  N NE1 . TRP A 1 15  ? -4.378  -0.591  9.127   1.00 29.79 ? 14   TRP A NE1 1 
ATOM   105  C CE2 . TRP A 1 15  ? -4.442  -0.907  10.457  1.00 27.29 ? 14   TRP A CE2 1 
ATOM   106  C CE3 . TRP A 1 15  ? -2.965  -0.948  12.361  1.00 24.82 ? 14   TRP A CE3 1 
ATOM   107  C CZ2 . TRP A 1 15  ? -5.514  -1.347  11.215  1.00 24.68 ? 14   TRP A CZ2 1 
ATOM   108  C CZ3 . TRP A 1 15  ? -4.028  -1.381  13.105  1.00 25.99 ? 14   TRP A CZ3 1 
ATOM   109  C CH2 . TRP A 1 15  ? -5.283  -1.581  12.534  1.00 24.57 ? 14   TRP A CH2 1 
ATOM   110  N N   . GLY A 1 16  ? 1.608   2.605   10.105  1.00 23.09 ? 15   GLY A N   1 
ATOM   111  C CA  . GLY A 1 16  ? 2.885   2.981   10.693  1.00 24.06 ? 15   GLY A CA  1 
ATOM   112  C C   . GLY A 1 16  ? 3.830   1.812   10.845  1.00 25.87 ? 15   GLY A C   1 
ATOM   113  O O   . GLY A 1 16  ? 3.899   0.952   9.964   1.00 26.79 ? 15   GLY A O   1 
ATOM   114  N N   . ASP A 1 17  ? 4.506   1.740   11.986  1.00 30.03 ? 16   ASP A N   1 
ATOM   115  C CA  . ASP A 1 17  ? 5.523   0.731   12.217  1.00 33.63 ? 16   ASP A CA  1 
ATOM   116  C C   . ASP A 1 17  ? 4.911   -0.517  12.843  1.00 36.09 ? 16   ASP A C   1 
ATOM   117  O O   . ASP A 1 17  ? 4.578   -0.530  14.031  1.00 39.87 ? 16   ASP A O   1 
ATOM   118  C CB  . ASP A 1 17  ? 6.632   1.301   13.113  1.00 37.21 ? 16   ASP A CB  1 
ATOM   119  C CG  . ASP A 1 17  ? 7.961   0.555   12.970  1.00 42.04 ? 16   ASP A CG  1 
ATOM   120  O OD1 . ASP A 1 17  ? 8.292   0.105   11.845  1.00 44.16 ? 16   ASP A OD1 1 
ATOM   121  O OD2 . ASP A 1 17  ? 8.692   0.449   13.985  1.00 42.61 ? 16   ASP A OD2 1 
ATOM   122  N N   . ILE A 1 18  ? 4.542   -1.461  11.981  1.00 37.20 ? 17   ILE A N   1 
ATOM   123  C CA  . ILE A 1 18  ? 4.039   -2.769  12.401  1.00 36.27 ? 17   ILE A CA  1 
ATOM   124  C C   . ILE A 1 18  ? 4.666   -3.824  11.494  1.00 38.55 ? 17   ILE A C   1 
ATOM   125  O O   . ILE A 1 18  ? 5.129   -3.517  10.394  1.00 36.84 ? 17   ILE A O   1 
ATOM   126  C CB  . ILE A 1 18  ? 2.467   -2.881  12.312  1.00 37.32 ? 17   ILE A CB  1 
ATOM   127  C CG1 . ILE A 1 18  ? 1.997   -2.807  10.851  1.00 35.73 ? 17   ILE A CG1 1 
ATOM   128  C CG2 . ILE A 1 18  ? 1.795   -1.789  13.150  1.00 35.94 ? 17   ILE A CG2 1 
ATOM   129  C CD1 . ILE A 1 18  ? 0.624   -3.389  10.608  1.00 35.02 ? 17   ILE A CD1 1 
ATOM   130  N N   . SER A 1 19  ? 4.692   -5.063  11.965  1.00 41.03 ? 18   SER A N   1 
ATOM   131  C CA  . SER A 1 19  ? 5.458   -6.118  11.300  1.00 43.53 ? 18   SER A CA  1 
ATOM   132  C C   . SER A 1 19  ? 4.649   -6.814  10.224  1.00 44.25 ? 18   SER A C   1 
ATOM   133  O O   . SER A 1 19  ? 3.424   -6.814  10.275  1.00 45.28 ? 18   SER A O   1 
ATOM   134  C CB  . SER A 1 19  ? 5.911   -7.156  12.319  1.00 44.58 ? 18   SER A CB  1 
ATOM   135  O OG  . SER A 1 19  ? 4.794   -7.650  13.036  1.00 45.66 ? 18   SER A OG  1 
ATOM   136  N N   . ARG A 1 20  ? 5.341   -7.501  9.322   1.00 44.65 ? 19   ARG A N   1 
ATOM   137  C CA  . ARG A 1 20  ? 4.692   -8.384  8.357   1.00 46.69 ? 19   ARG A CA  1 
ATOM   138  C C   . ARG A 1 20  ? 3.713   -9.329  9.054   1.00 48.00 ? 19   ARG A C   1 
ATOM   139  O O   . ARG A 1 20  ? 2.640   -9.638  8.533   1.00 49.01 ? 19   ARG A O   1 
ATOM   140  C CB  . ARG A 1 20  ? 5.738   -9.216  7.617   1.00 46.14 ? 19   ARG A CB  1 
ATOM   141  C CG  . ARG A 1 20  ? 6.538   -8.445  6.601   1.00 49.63 ? 19   ARG A CG  1 
ATOM   142  C CD  . ARG A 1 20  ? 7.025   -9.355  5.496   1.00 53.23 ? 19   ARG A CD  1 
ATOM   143  N NE  . ARG A 1 20  ? 8.133   -10.204 5.925   1.00 56.59 ? 19   ARG A NE  1 
ATOM   144  C CZ  . ARG A 1 20  ? 8.445   -11.371 5.369   1.00 59.58 ? 19   ARG A CZ  1 
ATOM   145  N NH1 . ARG A 1 20  ? 9.473   -12.072 5.837   1.00 59.22 ? 19   ARG A NH1 1 
ATOM   146  N NH2 . ARG A 1 20  ? 7.736   -11.838 4.340   1.00 57.50 ? 19   ARG A NH2 1 
ATOM   147  N N   . GLU A 1 21  ? 4.089   -9.758  10.251  1.00 49.10 ? 20   GLU A N   1 
ATOM   148  C CA  . GLU A 1 21  ? 3.314   -10.735 10.994  1.00 49.32 ? 20   GLU A CA  1 
ATOM   149  C C   . GLU A 1 21  ? 1.978   -10.140 11.367  1.00 46.10 ? 20   GLU A C   1 
ATOM   150  O O   . GLU A 1 21  ? 0.946   -10.693 11.012  1.00 49.25 ? 20   GLU A O   1 
ATOM   151  C CB  . GLU A 1 21  ? 4.077   -11.180 12.246  1.00 54.65 ? 20   GLU A CB  1 
ATOM   152  C CG  . GLU A 1 21  ? 5.547   -11.540 11.979  1.00 63.53 ? 20   GLU A CG  1 
ATOM   153  C CD  . GLU A 1 21  ? 5.717   -12.688 10.987  1.00 69.22 ? 20   GLU A CD  1 
ATOM   154  O OE1 . GLU A 1 21  ? 5.124   -13.769 11.223  1.00 71.87 ? 20   GLU A OE1 1 
ATOM   155  O OE2 . GLU A 1 21  ? 6.448   -12.519 9.982   1.00 68.15 ? 20   GLU A OE2 1 
ATOM   156  N N   . GLU A 1 22  ? 1.993   -8.923  11.901  1.00 41.94 ? 21   GLU A N   1 
ATOM   157  C CA  . GLU A 1 22  ? 0.755   -8.252  12.293  1.00 38.81 ? 21   GLU A CA  1 
ATOM   158  C C   . GLU A 1 22  ? -0.094  -7.919  11.078  1.00 38.82 ? 21   GLU A C   1 
ATOM   159  O O   . GLU A 1 22  ? -1.315  -8.054  11.102  1.00 41.50 ? 21   GLU A O   1 
ATOM   160  C CB  . GLU A 1 22  ? 1.054   -6.978  13.063  1.00 38.42 ? 21   GLU A CB  1 
ATOM   161  C CG  . GLU A 1 22  ? 1.897   -7.199  14.292  1.00 40.44 ? 21   GLU A CG  1 
ATOM   162  C CD  . GLU A 1 22  ? 2.424   -5.910  14.856  1.00 42.23 ? 21   GLU A CD  1 
ATOM   163  O OE1 . GLU A 1 22  ? 3.605   -5.584  14.595  1.00 44.33 ? 21   GLU A OE1 1 
ATOM   164  O OE2 . GLU A 1 22  ? 1.635   -5.196  15.512  1.00 44.82 ? 21   GLU A OE2 1 
ATOM   165  N N   . VAL A 1 23  ? 0.573   -7.539  9.995   1.00 35.92 ? 22   VAL A N   1 
ATOM   166  C CA  . VAL A 1 23  ? -0.064  -7.338  8.701   1.00 31.23 ? 22   VAL A CA  1 
ATOM   167  C C   . VAL A 1 23  ? -0.819  -8.597  8.271   1.00 30.53 ? 22   VAL A C   1 
ATOM   168  O O   . VAL A 1 23  ? -1.922  -8.509  7.738   1.00 29.15 ? 22   VAL A O   1 
ATOM   169  C CB  . VAL A 1 23  ? 1.004   -6.981  7.627   1.00 28.81 ? 22   VAL A CB  1 
ATOM   170  C CG1 . VAL A 1 23  ? 0.433   -7.089  6.230   1.00 27.14 ? 22   VAL A CG1 1 
ATOM   171  C CG2 . VAL A 1 23  ? 1.523   -5.582  7.867   1.00 28.54 ? 22   VAL A CG2 1 
ATOM   172  N N   . ASN A 1 24  ? -0.240  -9.759  8.565   1.00 30.27 ? 23   ASN A N   1 
ATOM   173  C CA  . ASN A 1 24  ? -0.747  -11.043 8.083   1.00 32.04 ? 23   ASN A CA  1 
ATOM   174  C C   . ASN A 1 24  ? -2.103  -11.429 8.690   1.00 31.13 ? 23   ASN A C   1 
ATOM   175  O O   . ASN A 1 24  ? -2.952  -11.993 8.008   1.00 32.22 ? 23   ASN A O   1 
ATOM   176  C CB  . ASN A 1 24  ? 0.262   -12.151 8.379   1.00 35.67 ? 23   ASN A CB  1 
ATOM   177  C CG  . ASN A 1 24  ? 1.325   -12.289 7.309   1.00 40.18 ? 23   ASN A CG  1 
ATOM   178  O OD1 . ASN A 1 24  ? 1.126   -11.910 6.149   1.00 39.83 ? 23   ASN A OD1 1 
ATOM   179  N ND2 . ASN A 1 24  ? 2.439   -12.902 7.674   1.00 43.90 ? 23   ASN A ND2 1 
ATOM   180  N N   . GLU A 1 25  ? -2.292  -11.157 9.975   1.00 31.17 ? 24   GLU A N   1 
ATOM   181  C CA  . GLU A 1 25  ? -3.548  -11.494 10.627  1.00 33.11 ? 24   GLU A CA  1 
ATOM   182  C C   . GLU A 1 25  ? -4.675  -10.571 10.191  1.00 33.02 ? 24   GLU A C   1 
ATOM   183  O O   . GLU A 1 25  ? -5.823  -10.998 10.091  1.00 36.06 ? 24   GLU A O   1 
ATOM   184  C CB  . GLU A 1 25  ? -3.398  -11.464 12.153  1.00 37.47 ? 24   GLU A CB  1 
ATOM   185  C CG  . GLU A 1 25  ? -4.594  -12.094 12.944  1.00 46.64 ? 24   GLU A CG  1 
ATOM   186  C CD  . GLU A 1 25  ? -5.079  -13.466 12.404  1.00 47.81 ? 24   GLU A CD  1 
ATOM   187  O OE1 . GLU A 1 25  ? -4.284  -14.437 12.370  1.00 50.50 ? 24   GLU A OE1 1 
ATOM   188  O OE2 . GLU A 1 25  ? -6.279  -13.587 12.074  1.00 47.71 ? 24   GLU A OE2 1 
ATOM   189  N N   . LYS A 1 26  ? -4.323  -9.360  9.770   1.00 31.71 ? 25   LYS A N   1 
ATOM   190  C CA  . LYS A 1 26  ? -5.321  -8.396  9.305   1.00 27.79 ? 25   LYS A CA  1 
ATOM   191  C C   . LYS A 1 26  ? -5.881  -8.723  7.921   1.00 26.29 ? 25   LYS A C   1 
ATOM   192  O O   . LYS A 1 26  ? -7.016  -8.367  7.607   1.00 28.03 ? 25   LYS A O   1 
ATOM   193  C CB  . LYS A 1 26  ? -4.741  -6.984  9.324   1.00 26.71 ? 25   LYS A CB  1 
ATOM   194  C CG  . LYS A 1 26  ? -4.125  -6.637  10.650  1.00 26.15 ? 25   LYS A CG  1 
ATOM   195  C CD  . LYS A 1 26  ? -3.387  -5.337  10.584  1.00 30.06 ? 25   LYS A CD  1 
ATOM   196  C CE  . LYS A 1 26  ? -4.062  -4.322  11.454  1.00 31.56 ? 25   LYS A CE  1 
ATOM   197  N NZ  . LYS A 1 26  ? -3.935  -4.633  12.901  1.00 32.17 ? 25   LYS A NZ  1 
ATOM   198  N N   . LEU A 1 27  ? -5.110  -9.453  7.123   1.00 24.40 ? 26   LEU A N   1 
ATOM   199  C CA  . LEU A 1 27  ? -5.527  -9.825  5.769   1.00 23.91 ? 26   LEU A CA  1 
ATOM   200  C C   . LEU A 1 27  ? -5.937  -11.287 5.664   1.00 23.32 ? 26   LEU A C   1 
ATOM   201  O O   . LEU A 1 27  ? -6.343  -11.748 4.599   1.00 22.18 ? 26   LEU A O   1 
ATOM   202  C CB  . LEU A 1 27  ? -4.412  -9.555  4.751   1.00 22.49 ? 26   LEU A CB  1 
ATOM   203  C CG  . LEU A 1 27  ? -3.814  -8.153  4.549   1.00 24.47 ? 26   LEU A CG  1 
ATOM   204  C CD1 . LEU A 1 27  ? -3.267  -8.048  3.120   1.00 27.65 ? 26   LEU A CD1 1 
ATOM   205  C CD2 . LEU A 1 27  ? -4.822  -7.059  4.773   1.00 22.88 ? 26   LEU A CD2 1 
ATOM   206  N N   . ARG A 1 28  ? -5.769  -12.034 6.747   1.00 25.99 ? 27   ARG A N   1 
ATOM   207  C CA  . ARG A 1 28  ? -6.152  -13.451 6.786   1.00 28.56 ? 27   ARG A CA  1 
ATOM   208  C C   . ARG A 1 28  ? -7.599  -13.709 6.351   1.00 25.08 ? 27   ARG A C   1 
ATOM   209  O O   . ARG A 1 28  ? -8.521  -13.082 6.843   1.00 24.48 ? 27   ARG A O   1 
ATOM   210  C CB  . ARG A 1 28  ? -5.948  -14.012 8.189   1.00 31.43 ? 27   ARG A CB  1 
ATOM   211  C CG  . ARG A 1 28  ? -5.776  -15.503 8.204   1.00 42.33 ? 27   ARG A CG  1 
ATOM   212  C CD  . ARG A 1 28  ? -5.854  -16.042 9.606   1.00 48.90 ? 27   ARG A CD  1 
ATOM   213  N NE  . ARG A 1 28  ? -7.219  -16.022 10.113  1.00 57.33 ? 27   ARG A NE  1 
ATOM   214  C CZ  . ARG A 1 28  ? -7.566  -16.425 11.331  1.00 62.36 ? 27   ARG A CZ  1 
ATOM   215  N NH1 . ARG A 1 28  ? -8.838  -16.369 11.711  1.00 64.03 ? 27   ARG A NH1 1 
ATOM   216  N NH2 . ARG A 1 28  ? -6.634  -16.855 12.179  1.00 64.05 ? 27   ARG A NH2 1 
ATOM   217  N N   . ASP A 1 29  ? -7.756  -14.503 5.301   1.00 25.86 ? 28   ASP A N   1 
ATOM   218  C CA  . ASP A 1 29  ? -9.061  -14.866 4.757   1.00 25.84 ? 28   ASP A CA  1 
ATOM   219  C C   . ASP A 1 29  ? -9.930  -13.672 4.379   1.00 26.16 ? 28   ASP A C   1 
ATOM   220  O O   . ASP A 1 29  ? -11.127 -13.629 4.658   1.00 25.25 ? 28   ASP A O   1 
ATOM   221  C CB  . ASP A 1 29  ? -9.791  -15.773 5.740   1.00 30.33 ? 28   ASP A CB  1 
ATOM   222  C CG  . ASP A 1 29  ? -8.907  -16.877 6.263   1.00 35.81 ? 28   ASP A CG  1 
ATOM   223  O OD1 . ASP A 1 29  ? -8.353  -17.642 5.424   1.00 35.05 ? 28   ASP A OD1 1 
ATOM   224  O OD2 . ASP A 1 29  ? -8.723  -16.932 7.504   1.00 37.63 ? 28   ASP A OD2 1 
ATOM   225  N N   . THR A 1 30  ? -9.309  -12.696 3.728   1.00 26.52 ? 29   THR A N   1 
ATOM   226  C CA  . THR A 1 30  ? -10.019 -11.517 3.233   1.00 22.97 ? 29   THR A CA  1 
ATOM   227  C C   . THR A 1 30  ? -10.088 -11.578 1.705   1.00 19.05 ? 29   THR A C   1 
ATOM   228  O O   . THR A 1 30  ? -9.408  -12.388 1.069   1.00 18.77 ? 29   THR A O   1 
ATOM   229  C CB  . THR A 1 30  ? -9.306  -10.194 3.672   1.00 26.22 ? 29   THR A CB  1 
ATOM   230  O OG1 . THR A 1 30  ? -7.942  -10.205 3.219   1.00 28.50 ? 29   THR A OG1 1 
ATOM   231  C CG2 . THR A 1 30  ? -9.330  -10.038 5.190   1.00 23.27 ? 29   THR A CG2 1 
ATOM   232  N N   . ALA A 1 31  ? -10.943 -10.757 1.118   1.00 17.10 ? 30   ALA A N   1 
ATOM   233  C CA  . ALA A 1 31  ? -11.174 -10.814 -0.323  1.00 19.69 ? 30   ALA A CA  1 
ATOM   234  C C   . ALA A 1 31  ? -10.008 -10.132 -1.060  1.00 20.53 ? 30   ALA A C   1 
ATOM   235  O O   . ALA A 1 31  ? -9.346  -9.254  -0.486  1.00 19.78 ? 30   ALA A O   1 
ATOM   236  C CB  . ALA A 1 31  ? -12.503 -10.114 -0.673  1.00 17.25 ? 30   ALA A CB  1 
ATOM   237  N N   . ASP A 1 32  ? -9.743  -10.562 -2.296  1.00 18.71 ? 31   ASP A N   1 
ATOM   238  C CA  . ASP A 1 32  ? -8.864  -9.817  -3.206  1.00 17.24 ? 31   ASP A CA  1 
ATOM   239  C C   . ASP A 1 32  ? -9.134  -8.327  -3.147  1.00 17.95 ? 31   ASP A C   1 
ATOM   240  O O   . ASP A 1 32  ? -10.249 -7.885  -3.434  1.00 19.80 ? 31   ASP A O   1 
ATOM   241  C CB  . ASP A 1 32  ? -9.075  -10.249 -4.648  1.00 15.69 ? 31   ASP A CB  1 
ATOM   242  C CG  . ASP A 1 32  ? -8.365  -11.521 -4.986  1.00 17.93 ? 31   ASP A CG  1 
ATOM   243  O OD1 . ASP A 1 32  ? -7.740  -12.135 -4.096  1.00 18.20 ? 31   ASP A OD1 1 
ATOM   244  O OD2 . ASP A 1 32  ? -8.429  -11.904 -6.160  1.00 20.02 ? 31   ASP A OD2 1 
ATOM   245  N N   . GLY A 1 33  ? -8.080  -7.537  -2.975  1.00 16.13 ? 32   GLY A N   1 
ATOM   246  C CA  . GLY A 1 33  ? -8.264  -6.111  -3.064  1.00 10.96 ? 32   GLY A CA  1 
ATOM   247  C C   . GLY A 1 33  ? -8.183  -5.469  -1.701  1.00 12.98 ? 32   GLY A C   1 
ATOM   248  O O   . GLY A 1 33  ? -8.203  -4.240  -1.574  1.00 15.20 ? 32   GLY A O   1 
ATOM   249  N N   . THR A 1 34  ? -8.162  -6.309  -0.676  1.00 13.30 ? 33   THR A N   1 
ATOM   250  C CA  . THR A 1 34  ? -7.979  -5.862  0.696   1.00 16.27 ? 33   THR A CA  1 
ATOM   251  C C   . THR A 1 34  ? -6.509  -5.406  0.875   1.00 17.84 ? 33   THR A C   1 
ATOM   252  O O   . THR A 1 34  ? -5.590  -6.095  0.431   1.00 18.35 ? 33   THR A O   1 
ATOM   253  C CB  . THR A 1 34  ? -8.295  -7.025  1.675   1.00 15.24 ? 33   THR A CB  1 
ATOM   254  O OG1 . THR A 1 34  ? -9.640  -7.481  1.463   1.00 14.50 ? 33   THR A OG1 1 
ATOM   255  C CG2 . THR A 1 34  ? -8.109  -6.585  3.118   1.00 16.27 ? 33   THR A CG2 1 
ATOM   256  N N   . PHE A 1 35  ? -6.294  -4.275  1.549   1.00 17.95 ? 34   PHE A N   1 
ATOM   257  C CA  . PHE A 1 35  ? -4.951  -3.679  1.634   1.00 17.23 ? 34   PHE A CA  1 
ATOM   258  C C   . PHE A 1 35  ? -4.691  -2.786  2.858   1.00 18.82 ? 34   PHE A C   1 
ATOM   259  O O   . PHE A 1 35  ? -5.619  -2.183  3.440   1.00 17.17 ? 34   PHE A O   1 
ATOM   260  C CB  . PHE A 1 35  ? -4.676  -2.857  0.375   1.00 12.63 ? 34   PHE A CB  1 
ATOM   261  C CG  . PHE A 1 35  ? -5.430  -1.563  0.329   1.00 13.29 ? 34   PHE A CG  1 
ATOM   262  C CD1 . PHE A 1 35  ? -4.837  -0.392  0.750   1.00 11.30 ? 34   PHE A CD1 1 
ATOM   263  C CD2 . PHE A 1 35  ? -6.732  -1.518  -0.136  1.00 11.36 ? 34   PHE A CD2 1 
ATOM   264  C CE1 . PHE A 1 35  ? -5.522  0.803   0.701   1.00 14.03 ? 34   PHE A CE1 1 
ATOM   265  C CE2 . PHE A 1 35  ? -7.414  -0.342  -0.197  1.00 11.22 ? 34   PHE A CE2 1 
ATOM   266  C CZ  . PHE A 1 35  ? -6.819  0.830   0.215   1.00 16.68 ? 34   PHE A CZ  1 
ATOM   267  N N   . LEU A 1 36  ? -3.406  -2.626  3.175   1.00 16.53 ? 35   LEU A N   1 
ATOM   268  C CA  . LEU A 1 36  ? -2.936  -1.585  4.076   1.00 16.98 ? 35   LEU A CA  1 
ATOM   269  C C   . LEU A 1 36  ? -1.462  -1.202  3.768   1.00 19.92 ? 35   LEU A C   1 
ATOM   270  O O   . LEU A 1 36  ? -0.767  -1.848  2.961   1.00 18.42 ? 35   LEU A O   1 
ATOM   271  C CB  . LEU A 1 36  ? -3.089  -2.010  5.548   1.00 14.19 ? 35   LEU A CB  1 
ATOM   272  C CG  . LEU A 1 36  ? -2.382  -3.260  6.067   1.00 20.82 ? 35   LEU A CG  1 
ATOM   273  C CD1 . LEU A 1 36  ? -0.895  -2.964  6.298   1.00 27.91 ? 35   LEU A CD1 1 
ATOM   274  C CD2 . LEU A 1 36  ? -2.999  -3.680  7.379   1.00 24.68 ? 35   LEU A CD2 1 
ATOM   275  N N   . VAL A 1 37  ? -1.028  -0.111  4.390   1.00 19.24 ? 36   VAL A N   1 
ATOM   276  C CA  . VAL A 1 37  ? 0.285   0.454   4.165   1.00 19.49 ? 36   VAL A CA  1 
ATOM   277  C C   . VAL A 1 37  ? 0.959   0.566   5.515   1.00 20.07 ? 36   VAL A C   1 
ATOM   278  O O   . VAL A 1 37  ? 0.372   1.062   6.482   1.00 19.39 ? 36   VAL A O   1 
ATOM   279  C CB  . VAL A 1 37  ? 0.190   1.871   3.510   1.00 18.98 ? 36   VAL A CB  1 
ATOM   280  C CG1 . VAL A 1 37  ? 1.595   2.498   3.410   1.00 16.58 ? 36   VAL A CG1 1 
ATOM   281  C CG2 . VAL A 1 37  ? -0.437  1.766   2.111   1.00 14.32 ? 36   VAL A CG2 1 
ATOM   282  N N   . ARG A 1 38  ? 2.175   0.056   5.596   1.00 23.17 ? 37   ARG A N   1 
ATOM   283  C CA  . ARG A 1 38  ? 3.020   0.289   6.764   1.00 24.94 ? 37   ARG A CA  1 
ATOM   284  C C   . ARG A 1 38  ? 4.354   0.899   6.333   1.00 27.14 ? 37   ARG A C   1 
ATOM   285  O O   . ARG A 1 38  ? 4.628   1.033   5.131   1.00 26.43 ? 37   ARG A O   1 
ATOM   286  C CB  . ARG A 1 38  ? 3.278   -1.016  7.519   1.00 21.04 ? 37   ARG A CB  1 
ATOM   287  C CG  . ARG A 1 38  ? 3.690   -2.169  6.627   1.00 19.63 ? 37   ARG A CG  1 
ATOM   288  C CD  . ARG A 1 38  ? 4.401   -3.227  7.427   1.00 24.73 ? 37   ARG A CD  1 
ATOM   289  N NE  . ARG A 1 38  ? 4.732   -4.399  6.619   1.00 29.79 ? 37   ARG A NE  1 
ATOM   290  C CZ  . ARG A 1 38  ? 5.897   -4.586  6.009   1.00 32.27 ? 37   ARG A CZ  1 
ATOM   291  N NH1 . ARG A 1 38  ? 6.126   -5.721  5.366   1.00 32.15 ? 37   ARG A NH1 1 
ATOM   292  N NH2 . ARG A 1 38  ? 6.801   -3.613  5.972   1.00 36.72 ? 37   ARG A NH2 1 
ATOM   293  N N   . ASP A 1 39  ? 5.161   1.302   7.312   1.00 28.52 ? 38   ASP A N   1 
ATOM   294  C CA  . ASP A 1 39  ? 6.514   1.772   7.038   1.00 26.74 ? 38   ASP A CA  1 
ATOM   295  C C   . ASP A 1 39  ? 7.368   0.585   6.630   1.00 27.15 ? 38   ASP A C   1 
ATOM   296  O O   . ASP A 1 39  ? 7.130   -0.532  7.078   1.00 28.74 ? 38   ASP A O   1 
ATOM   297  C CB  . ASP A 1 39  ? 7.097   2.430   8.282   1.00 25.76 ? 38   ASP A CB  1 
ATOM   298  C CG  . ASP A 1 39  ? 6.316   3.649   8.699   1.00 26.50 ? 38   ASP A CG  1 
ATOM   299  O OD1 . ASP A 1 39  ? 6.479   4.089   9.858   1.00 28.34 ? 38   ASP A OD1 1 
ATOM   300  O OD2 . ASP A 1 39  ? 5.527   4.160   7.875   1.00 26.56 ? 38   ASP A OD2 1 
ATOM   301  N N   . ALA A 1 40  ? 8.268   0.790   5.682   1.00 26.25 ? 39   ALA A N   1 
ATOM   302  C CA  . ALA A 1 40  ? 9.250   -0.240  5.357   1.00 23.96 ? 39   ALA A CA  1 
ATOM   303  C C   . ALA A 1 40  ? 10.138  -0.481  6.561   1.00 23.32 ? 39   ALA A C   1 
ATOM   304  O O   . ALA A 1 40  ? 10.427  0.436   7.327   1.00 28.49 ? 39   ALA A O   1 
ATOM   305  C CB  . ALA A 1 40  ? 10.089  0.187   4.160   1.00 27.06 ? 39   ALA A CB  1 
ATOM   306  N N   . SER A 1 41  ? 10.511  -1.728  6.790   1.00 25.07 ? 40   SER A N   1 
ATOM   307  C CA  . SER A 1 41  ? 11.324  -2.042  7.951   1.00 28.44 ? 40   SER A CA  1 
ATOM   308  C C   . SER A 1 41  ? 12.742  -1.506  7.774   1.00 29.96 ? 40   SER A C   1 
ATOM   309  O O   . SER A 1 41  ? 13.475  -1.348  8.743   1.00 33.57 ? 40   SER A O   1 
ATOM   310  C CB  . SER A 1 41  ? 11.356  -3.550  8.176   1.00 30.87 ? 40   SER A CB  1 
ATOM   311  O OG  . SER A 1 41  ? 12.132  -4.173  7.174   1.00 37.33 ? 40   SER A OG  1 
ATOM   312  N N   . THR A 1 42  ? 13.151  -1.297  6.525   1.00 27.98 ? 41   THR A N   1 
ATOM   313  C CA  . THR A 1 42  ? 14.407  -0.599  6.219   1.00 27.34 ? 41   THR A CA  1 
ATOM   314  C C   . THR A 1 42  ? 14.230  0.251   4.972   1.00 21.95 ? 41   THR A C   1 
ATOM   315  O O   . THR A 1 42  ? 13.717  -0.228  3.955   1.00 22.38 ? 41   THR A O   1 
ATOM   316  C CB  . THR A 1 42  ? 15.576  -1.587  5.955   1.00 31.87 ? 41   THR A CB  1 
ATOM   317  O OG1 . THR A 1 42  ? 15.225  -2.496  4.892   1.00 36.86 ? 41   THR A OG1 1 
ATOM   318  C CG2 . THR A 1 42  ? 15.912  -2.376  7.217   1.00 33.31 ? 41   THR A CG2 1 
ATOM   319  N N   . LYS A 1 43  ? 14.728  1.481   5.014   1.00 20.95 ? 42   LYS A N   1 
ATOM   320  C CA  . LYS A 1 43  ? 14.585  2.389   3.865   1.00 20.74 ? 42   LYS A CA  1 
ATOM   321  C C   . LYS A 1 43  ? 15.228  1.913   2.559   1.00 18.69 ? 42   LYS A C   1 
ATOM   322  O O   . LYS A 1 43  ? 14.850  2.353   1.480   1.00 18.76 ? 42   LYS A O   1 
ATOM   323  C CB  . LYS A 1 43  ? 15.107  3.775   4.207   1.00 22.62 ? 42   LYS A CB  1 
ATOM   324  C CG  . LYS A 1 43  ? 14.172  4.608   5.079   1.00 26.14 ? 42   LYS A CG  1 
ATOM   325  C CD  . LYS A 1 43  ? 14.165  6.049   4.590   1.00 27.80 ? 42   LYS A CD  1 
ATOM   326  C CE  . LYS A 1 43  ? 13.739  6.998   5.669   1.00 29.24 ? 42   LYS A CE  1 
ATOM   327  N NZ  . LYS A 1 43  ? 13.296  8.297   5.072   1.00 31.26 ? 42   LYS A NZ  1 
ATOM   328  N N   . MET A 1 44  ? 16.136  0.941   2.655   1.00 20.22 ? 43   MET A N   1 
ATOM   329  C CA  . MET A 1 44  ? 16.697  0.243   1.488   1.00 19.72 ? 43   MET A CA  1 
ATOM   330  C C   . MET A 1 44  ? 15.574  -0.242  0.584   1.00 21.17 ? 43   MET A C   1 
ATOM   331  O O   . MET A 1 44  ? 15.718  -0.330  -0.639  1.00 20.37 ? 43   MET A O   1 
ATOM   332  C CB  . MET A 1 44  ? 17.524  -0.958  1.969   1.00 18.84 ? 43   MET A CB  1 
ATOM   333  C CG  . MET A 1 44  ? 18.161  -1.818  0.877   1.00 18.16 ? 43   MET A CG  1 
ATOM   334  S SD  . MET A 1 44  ? 19.322  -3.038  1.538   1.00 22.12 ? 43   MET A SD  1 
ATOM   335  C CE  . MET A 1 44  ? 18.884  -4.391  0.595   1.00 23.26 ? 43   MET A CE  1 
ATOM   336  N N   . HIS A 1 45  ? 14.441  -0.558  1.202   1.00 24.76 ? 44   HIS A N   1 
ATOM   337  C CA  . HIS A 1 45  ? 13.342  -1.214  0.511   1.00 24.71 ? 44   HIS A CA  1 
ATOM   338  C C   . HIS A 1 45  ? 12.150  -0.277  0.405   1.00 27.66 ? 44   HIS A C   1 
ATOM   339  O O   . HIS A 1 45  ? 11.000  -0.699  0.526   1.00 29.91 ? 44   HIS A O   1 
ATOM   340  C CB  . HIS A 1 45  ? 12.957  -2.498  1.245   1.00 20.74 ? 44   HIS A CB  1 
ATOM   341  C CG  . HIS A 1 45  ? 14.019  -3.557  1.192   1.00 20.78 ? 44   HIS A CG  1 
ATOM   342  N ND1 . HIS A 1 45  ? 14.396  -4.171  0.024   1.00 17.05 ? 44   HIS A ND1 1 
ATOM   343  C CD2 . HIS A 1 45  ? 14.817  -4.057  2.162   1.00 19.42 ? 44   HIS A CD2 1 
ATOM   344  C CE1 . HIS A 1 45  ? 15.380  -5.023  0.270   1.00 16.86 ? 44   HIS A CE1 1 
ATOM   345  N NE2 . HIS A 1 45  ? 15.651  -4.967  1.561   1.00 19.83 ? 44   HIS A NE2 1 
ATOM   346  N N   . GLY A 1 46  ? 12.445  0.993   0.123   1.00 24.55 ? 45   GLY A N   1 
ATOM   347  C CA  . GLY A 1 46  ? 11.402  1.991   -0.025  1.00 21.58 ? 45   GLY A CA  1 
ATOM   348  C C   . GLY A 1 46  ? 11.132  2.634   1.315   1.00 20.53 ? 45   GLY A C   1 
ATOM   349  O O   . GLY A 1 46  ? 11.672  2.210   2.336   1.00 21.16 ? 45   GLY A O   1 
ATOM   350  N N   . ASP A 1 47  ? 10.313  3.673   1.323   1.00 19.88 ? 46   ASP A N   1 
ATOM   351  C CA  . ASP A 1 47  ? 9.924   4.282   2.584   1.00 15.76 ? 46   ASP A CA  1 
ATOM   352  C C   . ASP A 1 47  ? 8.748   3.526   3.211   1.00 18.87 ? 46   ASP A C   1 
ATOM   353  O O   . ASP A 1 47  ? 8.542   3.588   4.421   1.00 17.59 ? 46   ASP A O   1 
ATOM   354  C CB  . ASP A 1 47  ? 9.547   5.746   2.373   1.00 18.89 ? 46   ASP A CB  1 
ATOM   355  C CG  . ASP A 1 47  ? 10.760  6.690   2.406   1.00 23.00 ? 46   ASP A CG  1 
ATOM   356  O OD1 . ASP A 1 47  ? 11.913  6.247   2.591   1.00 21.79 ? 46   ASP A OD1 1 
ATOM   357  O OD2 . ASP A 1 47  ? 10.553  7.898   2.236   1.00 23.97 ? 46   ASP A OD2 1 
ATOM   358  N N   . TYR A 1 48  ? 7.948   2.861   2.379   1.00 18.00 ? 47   TYR A N   1 
ATOM   359  C CA  . TYR A 1 48  ? 6.738   2.154   2.855   1.00 22.33 ? 47   TYR A CA  1 
ATOM   360  C C   . TYR A 1 48  ? 6.530   0.825   2.123   1.00 22.73 ? 47   TYR A C   1 
ATOM   361  O O   . TYR A 1 48  ? 7.038   0.622   1.015   1.00 25.59 ? 47   TYR A O   1 
ATOM   362  C CB  . TYR A 1 48  ? 5.471   3.025   2.666   1.00 15.38 ? 47   TYR A CB  1 
ATOM   363  C CG  . TYR A 1 48  ? 5.566   4.428   3.202   1.00 13.71 ? 47   TYR A CG  1 
ATOM   364  C CD1 . TYR A 1 48  ? 5.794   5.505   2.361   1.00 14.93 ? 47   TYR A CD1 1 
ATOM   365  C CD2 . TYR A 1 48  ? 5.496   4.670   4.551   1.00 13.21 ? 47   TYR A CD2 1 
ATOM   366  C CE1 . TYR A 1 48  ? 5.961   6.777   2.851   1.00 15.47 ? 47   TYR A CE1 1 
ATOM   367  C CE2 . TYR A 1 48  ? 5.657   5.945   5.054   1.00 17.22 ? 47   TYR A CE2 1 
ATOM   368  C CZ  . TYR A 1 48  ? 5.884   6.998   4.201   1.00 19.70 ? 47   TYR A CZ  1 
ATOM   369  O OH  . TYR A 1 48  ? 5.959   8.285   4.703   1.00 23.34 ? 47   TYR A OH  1 
ATOM   370  N N   . THR A 1 49  ? 5.735   -0.058  2.716   1.00 25.31 ? 48   THR A N   1 
ATOM   371  C CA  . THR A 1 49  ? 5.281   -1.278  2.044   1.00 23.77 ? 48   THR A CA  1 
ATOM   372  C C   . THR A 1 49  ? 3.746   -1.298  1.949   1.00 23.74 ? 48   THR A C   1 
ATOM   373  O O   . THR A 1 49  ? 3.059   -1.074  2.951   1.00 18.90 ? 48   THR A O   1 
ATOM   374  C CB  . THR A 1 49  ? 5.695   -2.517  2.814   1.00 25.13 ? 48   THR A CB  1 
ATOM   375  O OG1 . THR A 1 49  ? 7.035   -2.353  3.299   1.00 29.52 ? 48   THR A OG1 1 
ATOM   376  C CG2 . THR A 1 49  ? 5.598   -3.756  1.929   1.00 23.96 ? 48   THR A CG2 1 
ATOM   377  N N   . LEU A 1 50  ? 3.230   -1.375  0.727   1.00 19.87 ? 49   LEU A N   1 
ATOM   378  C CA  . LEU A 1 50  ? 1.831   -1.676  0.487   1.00 19.30 ? 49   LEU A CA  1 
ATOM   379  C C   . LEU A 1 50  ? 1.608   -3.177  0.428   1.00 21.95 ? 49   LEU A C   1 
ATOM   380  O O   . LEU A 1 50  ? 2.262   -3.883  -0.331  1.00 19.38 ? 49   LEU A O   1 
ATOM   381  C CB  . LEU A 1 50  ? 1.355   -1.033  -0.811  1.00 15.01 ? 49   LEU A CB  1 
ATOM   382  C CG  . LEU A 1 50  ? 0.009   -1.492  -1.375  1.00 18.19 ? 49   LEU A CG  1 
ATOM   383  C CD1 . LEU A 1 50  ? -1.100  -1.163  -0.371  1.00 17.81 ? 49   LEU A CD1 1 
ATOM   384  C CD2 . LEU A 1 50  ? -0.268  -0.793  -2.719  1.00 13.77 ? 49   LEU A CD2 1 
ATOM   385  N N   . THR A 1 51  ? 0.743   -3.677  1.305   1.00 24.23 ? 50   THR A N   1 
ATOM   386  C CA  . THR A 1 51  ? 0.388   -5.094  1.298   1.00 24.66 ? 50   THR A CA  1 
ATOM   387  C C   . THR A 1 51  ? -1.034  -5.290  0.753   1.00 23.19 ? 50   THR A C   1 
ATOM   388  O O   . THR A 1 51  ? -1.969  -4.553  1.100   1.00 19.30 ? 50   THR A O   1 
ATOM   389  C CB  . THR A 1 51  ? 0.472   -5.713  2.714   1.00 28.60 ? 50   THR A CB  1 
ATOM   390  O OG1 . THR A 1 51  ? 1.679   -5.283  3.363   1.00 28.04 ? 50   THR A OG1 1 
ATOM   391  C CG2 . THR A 1 51  ? 0.474   -7.235  2.625   1.00 28.06 ? 50   THR A CG2 1 
ATOM   392  N N   . LEU A 1 52  ? -1.145  -6.191  -0.210  1.00 23.54 ? 51   LEU A N   1 
ATOM   393  C CA  . LEU A 1 52  ? -2.363  -6.318  -0.987  1.00 24.86 ? 51   LEU A CA  1 
ATOM   394  C C   . LEU A 1 52  ? -2.793  -7.769  -1.023  1.00 24.15 ? 51   LEU A C   1 
ATOM   395  O O   . LEU A 1 52  ? -1.957  -8.674  -1.095  1.00 24.69 ? 51   LEU A O   1 
ATOM   396  C CB  . LEU A 1 52  ? -2.137  -5.810  -2.408  1.00 27.09 ? 51   LEU A CB  1 
ATOM   397  C CG  . LEU A 1 52  ? -3.307  -6.061  -3.350  1.00 31.63 ? 51   LEU A CG  1 
ATOM   398  C CD1 . LEU A 1 52  ? -4.505  -5.229  -2.892  1.00 30.84 ? 51   LEU A CD1 1 
ATOM   399  C CD2 . LEU A 1 52  ? -2.905  -5.720  -4.781  1.00 28.45 ? 51   LEU A CD2 1 
ATOM   400  N N   . ARG A 1 53  ? -4.096  -7.985  -0.923  1.00 24.97 ? 52   ARG A N   1 
ATOM   401  C CA  . ARG A 1 53  ? -4.647  -9.331  -0.983  1.00 21.72 ? 52   ARG A CA  1 
ATOM   402  C C   . ARG A 1 53  ? -4.918  -9.744  -2.431  1.00 18.61 ? 52   ARG A C   1 
ATOM   403  O O   . ARG A 1 53  ? -5.627  -9.050  -3.160  1.00 19.73 ? 52   ARG A O   1 
ATOM   404  C CB  . ARG A 1 53  ? -5.934  -9.389  -0.141  1.00 23.66 ? 52   ARG A CB  1 
ATOM   405  C CG  . ARG A 1 53  ? -6.402  -10.782 0.173   1.00 21.44 ? 52   ARG A CG  1 
ATOM   406  C CD  . ARG A 1 53  ? -5.408  -11.520 1.018   1.00 26.00 ? 52   ARG A CD  1 
ATOM   407  N NE  . ARG A 1 53  ? -5.703  -12.946 1.019   1.00 34.57 ? 52   ARG A NE  1 
ATOM   408  C CZ  . ARG A 1 53  ? -5.426  -13.767 2.022   1.00 36.74 ? 52   ARG A CZ  1 
ATOM   409  N NH1 . ARG A 1 53  ? -5.798  -15.037 1.954   1.00 40.03 ? 52   ARG A NH1 1 
ATOM   410  N NH2 . ARG A 1 53  ? -4.735  -13.341 3.070   1.00 38.46 ? 52   ARG A NH2 1 
ATOM   411  N N   . LYS A 1 54  ? -4.351  -10.866 -2.850  1.00 22.00 ? 53   LYS A N   1 
ATOM   412  C CA  . LYS A 1 54  ? -4.540  -11.347 -4.221  1.00 26.63 ? 53   LYS A CA  1 
ATOM   413  C C   . LYS A 1 54  ? -4.382  -12.875 -4.373  1.00 28.44 ? 53   LYS A C   1 
ATOM   414  O O   . LYS A 1 54  ? -3.321  -13.437 -4.068  1.00 30.43 ? 53   LYS A O   1 
ATOM   415  C CB  . LYS A 1 54  ? -3.559  -10.626 -5.144  1.00 26.89 ? 53   LYS A CB  1 
ATOM   416  C CG  . LYS A 1 54  ? -3.716  -10.964 -6.598  1.00 26.20 ? 53   LYS A CG  1 
ATOM   417  C CD  . LYS A 1 54  ? -4.785  -10.133 -7.203  1.00 29.48 ? 53   LYS A CD  1 
ATOM   418  C CE  . LYS A 1 54  ? -4.680  -10.148 -8.702  1.00 31.14 ? 53   LYS A CE  1 
ATOM   419  N NZ  . LYS A 1 54  ? -4.845  -11.529 -9.221  1.00 34.31 ? 53   LYS A NZ  1 
ATOM   420  N N   . GLY A 1 55  ? -5.451  -13.535 -4.824  1.00 30.06 ? 54   GLY A N   1 
ATOM   421  C CA  . GLY A 1 55  ? -5.453  -14.986 -4.969  1.00 26.12 ? 54   GLY A CA  1 
ATOM   422  C C   . GLY A 1 55  ? -5.135  -15.707 -3.676  1.00 25.23 ? 54   GLY A C   1 
ATOM   423  O O   . GLY A 1 55  ? -4.307  -16.609 -3.642  1.00 24.64 ? 54   GLY A O   1 
ATOM   424  N N   . GLY A 1 56  ? -5.691  -15.198 -2.586  1.00 29.06 ? 55   GLY A N   1 
ATOM   425  C CA  . GLY A 1 56  ? -5.467  -15.788 -1.277  1.00 31.99 ? 55   GLY A CA  1 
ATOM   426  C C   . GLY A 1 56  ? -4.097  -15.478 -0.712  1.00 36.99 ? 55   GLY A C   1 
ATOM   427  O O   . GLY A 1 56  ? -3.682  -16.070 0.282   1.00 38.11 ? 55   GLY A O   1 
ATOM   428  N N   . ASN A 1 57  ? -3.425  -14.497 -1.311  1.00 39.16 ? 56   ASN A N   1 
ATOM   429  C CA  . ASN A 1 57  ? -2.017  -14.226 -1.031  1.00 38.90 ? 56   ASN A CA  1 
ATOM   430  C C   . ASN A 1 57  ? -1.757  -12.753 -0.726  1.00 36.43 ? 56   ASN A C   1 
ATOM   431  O O   . ASN A 1 57  ? -2.426  -11.875 -1.276  1.00 35.12 ? 56   ASN A O   1 
ATOM   432  C CB  . ASN A 1 57  ? -1.168  -14.664 -2.223  1.00 42.03 ? 56   ASN A CB  1 
ATOM   433  C CG  . ASN A 1 57  ? -0.806  -16.137 -2.171  1.00 45.20 ? 56   ASN A CG  1 
ATOM   434  O OD1 . ASN A 1 57  ? -0.359  -16.640 -1.142  1.00 47.72 ? 56   ASN A OD1 1 
ATOM   435  N ND2 . ASN A 1 57  ? -0.976  -16.829 -3.280  1.00 43.77 ? 56   ASN A ND2 1 
ATOM   436  N N   . ASN A 1 58  ? -0.799  -12.494 0.166   1.00 34.73 ? 57   ASN A N   1 
ATOM   437  C CA  . ASN A 1 58  ? -0.401  -11.125 0.515   1.00 33.43 ? 57   ASN A CA  1 
ATOM   438  C C   . ASN A 1 58  ? 0.804   -10.655 -0.320  1.00 33.88 ? 57   ASN A C   1 
ATOM   439  O O   . ASN A 1 58  ? 1.938   -11.070 -0.068  1.00 36.35 ? 57   ASN A O   1 
ATOM   440  C CB  . ASN A 1 58  ? -0.055  -11.037 2.005   1.00 30.81 ? 57   ASN A CB  1 
ATOM   441  C CG  . ASN A 1 58  ? -1.212  -11.440 2.902   1.00 33.15 ? 57   ASN A CG  1 
ATOM   442  O OD1 . ASN A 1 58  ? -2.227  -11.945 2.435   1.00 35.04 ? 57   ASN A OD1 1 
ATOM   443  N ND2 . ASN A 1 58  ? -1.058  -11.232 4.197   1.00 33.47 ? 57   ASN A ND2 1 
ATOM   444  N N   . LYS A 1 59  ? 0.543   -9.873  -1.363  1.00 33.48 ? 58   LYS A N   1 
ATOM   445  C CA  . LYS A 1 59  ? 1.611   -9.280  -2.177  1.00 32.52 ? 58   LYS A CA  1 
ATOM   446  C C   . LYS A 1 59  ? 2.231   -8.080  -1.459  1.00 32.09 ? 58   LYS A C   1 
ATOM   447  O O   . LYS A 1 59  ? 1.508   -7.219  -0.930  1.00 29.54 ? 58   LYS A O   1 
ATOM   448  C CB  . LYS A 1 59  ? 1.068   -8.805  -3.527  1.00 33.27 ? 58   LYS A CB  1 
ATOM   449  C CG  . LYS A 1 59  ? -0.065  -9.625  -4.109  1.00 32.60 ? 58   LYS A CG  1 
ATOM   450  C CD  . LYS A 1 59  ? 0.428   -10.772 -4.949  1.00 33.16 ? 58   LYS A CD  1 
ATOM   451  C CE  . LYS A 1 59  ? 0.953   -11.918 -4.111  1.00 34.22 ? 58   LYS A CE  1 
ATOM   452  N NZ  . LYS A 1 59  ? 1.174   -13.108 -4.988  1.00 39.34 ? 58   LYS A NZ  1 
ATOM   453  N N   . LEU A 1 60  ? 3.557   -7.987  -1.491  1.00 31.05 ? 59   LEU A N   1 
ATOM   454  C CA  . LEU A 1 60  ? 4.247   -6.817  -0.936  1.00 29.06 ? 59   LEU A CA  1 
ATOM   455  C C   . LEU A 1 60  ? 4.842   -5.936  -2.030  1.00 28.81 ? 59   LEU A C   1 
ATOM   456  O O   . LEU A 1 60  ? 5.578   -6.413  -2.888  1.00 31.96 ? 59   LEU A O   1 
ATOM   457  C CB  . LEU A 1 60  ? 5.332   -7.256  0.046   1.00 31.54 ? 59   LEU A CB  1 
ATOM   458  C CG  . LEU A 1 60  ? 4.829   -7.907  1.340   1.00 35.25 ? 59   LEU A CG  1 
ATOM   459  C CD1 . LEU A 1 60  ? 4.417   -9.339  1.065   1.00 34.35 ? 59   LEU A CD1 1 
ATOM   460  C CD2 . LEU A 1 60  ? 5.914   -7.853  2.410   1.00 35.08 ? 59   LEU A CD2 1 
ATOM   461  N N   . ILE A 1 61  ? 4.393   -4.688  -2.082  1.00 26.03 ? 60   ILE A N   1 
ATOM   462  C CA  . ILE A 1 61  ? 4.743   -3.760  -3.155  1.00 25.45 ? 60   ILE A CA  1 
ATOM   463  C C   . ILE A 1 61  ? 5.401   -2.533  -2.529  1.00 23.67 ? 60   ILE A C   1 
ATOM   464  O O   . ILE A 1 61  ? 4.755   -1.762  -1.812  1.00 20.64 ? 60   ILE A O   1 
ATOM   465  C CB  . ILE A 1 61  ? 3.480   -3.293  -3.948  1.00 28.33 ? 60   ILE A CB  1 
ATOM   466  C CG1 . ILE A 1 61  ? 2.716   -4.494  -4.510  1.00 32.18 ? 60   ILE A CG1 1 
ATOM   467  C CG2 . ILE A 1 61  ? 3.877   -2.378  -5.099  1.00 28.17 ? 60   ILE A CG2 1 
ATOM   468  C CD1 . ILE A 1 61  ? 1.215   -4.276  -4.605  1.00 30.56 ? 60   ILE A CD1 1 
ATOM   469  N N   . LYS A 1 62  ? 6.700   -2.378  -2.765  1.00 22.81 ? 61   LYS A N   1 
ATOM   470  C CA  . LYS A 1 62  ? 7.446   -1.243  -2.217  1.00 21.54 ? 61   LYS A CA  1 
ATOM   471  C C   . LYS A 1 62  ? 7.053   0.113   -2.817  1.00 17.31 ? 61   LYS A C   1 
ATOM   472  O O   . LYS A 1 62  ? 6.791   0.239   -4.020  1.00 16.50 ? 61   LYS A O   1 
ATOM   473  C CB  . LYS A 1 62  ? 8.946   -1.465  -2.395  1.00 23.78 ? 61   LYS A CB  1 
ATOM   474  C CG  . LYS A 1 62  ? 9.450   -2.721  -1.742  1.00 22.89 ? 61   LYS A CG  1 
ATOM   475  C CD  . LYS A 1 62  ? 10.830  -3.019  -2.264  1.00 30.24 ? 61   LYS A CD  1 
ATOM   476  C CE  . LYS A 1 62  ? 11.327  -4.350  -1.766  1.00 30.22 ? 61   LYS A CE  1 
ATOM   477  N NZ  . LYS A 1 62  ? 12.755  -4.520  -2.185  1.00 37.29 ? 61   LYS A NZ  1 
ATOM   478  N N   . ILE A 1 63  ? 6.915   1.096   -1.939  1.00 18.95 ? 62   ILE A N   1 
ATOM   479  C CA  . ILE A 1 63  ? 6.669   2.469   -2.347  1.00 18.92 ? 62   ILE A CA  1 
ATOM   480  C C   . ILE A 1 63  ? 7.948   3.251   -2.107  1.00 20.52 ? 62   ILE A C   1 
ATOM   481  O O   . ILE A 1 63  ? 8.394   3.435   -0.953  1.00 17.24 ? 62   ILE A O   1 
ATOM   482  C CB  . ILE A 1 63  ? 5.520   3.132   -1.545  1.00 18.71 ? 62   ILE A CB  1 
ATOM   483  C CG1 . ILE A 1 63  ? 4.231   2.293   -1.668  1.00 19.97 ? 62   ILE A CG1 1 
ATOM   484  C CG2 . ILE A 1 63  ? 5.300   4.544   -2.045  1.00 15.37 ? 62   ILE A CG2 1 
ATOM   485  C CD1 . ILE A 1 63  ? 3.149   2.665   -0.648  1.00 10.80 ? 62   ILE A CD1 1 
ATOM   486  N N   . PHE A 1 64  ? 8.570   3.622   -3.219  1.00 20.66 ? 63   PHE A N   1 
ATOM   487  C CA  . PHE A 1 64  ? 9.841   4.328   -3.205  1.00 22.19 ? 63   PHE A CA  1 
ATOM   488  C C   . PHE A 1 64  ? 9.594   5.831   -3.188  1.00 24.00 ? 63   PHE A C   1 
ATOM   489  O O   . PHE A 1 64  ? 8.570   6.313   -3.686  1.00 24.11 ? 63   PHE A O   1 
ATOM   490  C CB  . PHE A 1 64  ? 10.654  3.929   -4.432  1.00 16.28 ? 63   PHE A CB  1 
ATOM   491  C CG  . PHE A 1 64  ? 11.189  2.521   -4.366  1.00 16.46 ? 63   PHE A CG  1 
ATOM   492  C CD1 . PHE A 1 64  ? 10.765  1.563   -5.265  1.00 19.76 ? 63   PHE A CD1 1 
ATOM   493  C CD2 . PHE A 1 64  ? 12.124  2.164   -3.422  1.00 12.82 ? 63   PHE A CD2 1 
ATOM   494  C CE1 . PHE A 1 64  ? 11.274  0.301   -5.210  1.00 16.69 ? 63   PHE A CE1 1 
ATOM   495  C CE2 . PHE A 1 64  ? 12.620  0.912   -3.372  1.00 14.05 ? 63   PHE A CE2 1 
ATOM   496  C CZ  . PHE A 1 64  ? 12.202  -0.020  -4.264  1.00 15.83 ? 63   PHE A CZ  1 
ATOM   497  N N   . HIS A 1 65  ? 10.533  6.564   -2.602  1.00 26.94 ? 64   HIS A N   1 
ATOM   498  C CA  . HIS A 1 65  ? 10.412  8.010   -2.485  1.00 28.48 ? 64   HIS A CA  1 
ATOM   499  C C   . HIS A 1 65  ? 11.727  8.720   -2.843  1.00 33.12 ? 64   HIS A C   1 
ATOM   500  O O   . HIS A 1 65  ? 12.787  8.350   -2.342  1.00 33.97 ? 64   HIS A O   1 
ATOM   501  C CB  . HIS A 1 65  ? 10.028  8.358   -1.057  1.00 28.38 ? 64   HIS A CB  1 
ATOM   502  C CG  . HIS A 1 65  ? 10.245  9.795   -0.704  1.00 30.12 ? 64   HIS A CG  1 
ATOM   503  N ND1 . HIS A 1 65  ? 9.538   10.819  -1.267  1.00 31.90 ? 64   HIS A ND1 1 
ATOM   504  C CD2 . HIS A 1 65  ? 11.090  10.366  0.202   1.00 31.84 ? 64   HIS A CD2 1 
ATOM   505  C CE1 . HIS A 1 65  ? 9.908   11.967  -0.730  1.00 33.27 ? 64   HIS A CE1 1 
ATOM   506  N NE2 . HIS A 1 65  ? 10.848  11.716  0.164   1.00 34.54 ? 64   HIS A NE2 1 
ATOM   507  N N   . ARG A 1 66  ? 11.623  9.812   -3.598  1.00 35.12 ? 65   ARG A N   1 
ATOM   508  C CA  . ARG A 1 66  ? 12.794  10.631  -3.958  1.00 36.82 ? 65   ARG A CA  1 
ATOM   509  C C   . ARG A 1 66  ? 12.382  12.032  -4.407  1.00 36.60 ? 65   ARG A C   1 
ATOM   510  O O   . ARG A 1 66  ? 11.514  12.194  -5.264  1.00 35.43 ? 65   ARG A O   1 
ATOM   511  C CB  . ARG A 1 66  ? 13.575  9.957   -5.084  1.00 38.39 ? 65   ARG A CB  1 
ATOM   512  C CG  . ARG A 1 66  ? 14.973  10.513  -5.312  1.00 44.59 ? 65   ARG A CG  1 
ATOM   513  C CD  . ARG A 1 66  ? 15.566  9.939   -6.582  1.00 43.80 ? 65   ARG A CD  1 
ATOM   514  N NE  . ARG A 1 66  ? 14.568  9.902   -7.645  1.00 43.67 ? 65   ARG A NE  1 
ATOM   515  C CZ  . ARG A 1 66  ? 13.936  8.800   -8.050  1.00 43.20 ? 65   ARG A CZ  1 
ATOM   516  N NH1 . ARG A 1 66  ? 12.899  8.919   -8.865  1.00 44.54 ? 65   ARG A NH1 1 
ATOM   517  N NH2 . ARG A 1 66  ? 14.393  7.592   -7.732  1.00 39.89 ? 65   ARG A NH2 1 
ATOM   518  N N   . ASP A 1 67  ? 12.931  13.046  -3.752  1.00 37.50 ? 66   ASP A N   1 
ATOM   519  C CA  . ASP A 1 67  ? 12.715  14.431  -4.165  1.00 40.64 ? 66   ASP A CA  1 
ATOM   520  C C   . ASP A 1 67  ? 11.247  14.811  -4.087  1.00 40.22 ? 66   ASP A C   1 
ATOM   521  O O   . ASP A 1 67  ? 10.704  15.400  -5.020  1.00 42.24 ? 66   ASP A O   1 
ATOM   522  C CB  . ASP A 1 67  ? 13.234  14.659  -5.603  1.00 44.66 ? 66   ASP A CB  1 
ATOM   523  C CG  . ASP A 1 67  ? 14.764  14.524  -5.715  1.00 48.14 ? 66   ASP A CG  1 
ATOM   524  O OD1 . ASP A 1 67  ? 15.482  14.929  -4.770  1.00 49.78 ? 66   ASP A OD1 1 
ATOM   525  O OD2 . ASP A 1 67  ? 15.243  14.015  -6.759  1.00 47.39 ? 66   ASP A OD2 1 
ATOM   526  N N   . GLY A 1 68  ? 10.581  14.330  -3.038  1.00 39.30 ? 67   GLY A N   1 
ATOM   527  C CA  . GLY A 1 68  ? 9.198   14.710  -2.783  1.00 36.27 ? 67   GLY A CA  1 
ATOM   528  C C   . GLY A 1 68  ? 8.132   13.979  -3.592  1.00 33.59 ? 67   GLY A C   1 
ATOM   529  O O   . GLY A 1 68  ? 6.934   14.199  -3.391  1.00 33.67 ? 67   GLY A O   1 
ATOM   530  N N   . LYS A 1 69  ? 8.564   13.118  -4.508  1.00 30.07 ? 68   LYS A N   1 
ATOM   531  C CA  . LYS A 1 69  ? 7.655   12.261  -5.273  1.00 28.59 ? 68   LYS A CA  1 
ATOM   532  C C   . LYS A 1 69  ? 7.670   10.794  -4.806  1.00 26.40 ? 68   LYS A C   1 
ATOM   533  O O   . LYS A 1 69  ? 8.603   10.369  -4.106  1.00 25.14 ? 68   LYS A O   1 
ATOM   534  C CB  . LYS A 1 69  ? 7.991   12.339  -6.763  1.00 25.00 ? 68   LYS A CB  1 
ATOM   535  C CG  . LYS A 1 69  ? 7.956   13.751  -7.291  1.00 28.04 ? 68   LYS A CG  1 
ATOM   536  C CD  . LYS A 1 69  ? 6.695   14.039  -8.083  1.00 30.48 ? 68   LYS A CD  1 
ATOM   537  C CE  . LYS A 1 69  ? 6.378   15.533  -8.059  1.00 32.62 ? 68   LYS A CE  1 
ATOM   538  N NZ  . LYS A 1 69  ? 5.401   15.912  -9.133  1.00 33.97 ? 68   LYS A NZ  1 
ATOM   539  N N   . TYR A 1 70  ? 6.596   10.069  -5.119  1.00 22.08 ? 69   TYR A N   1 
ATOM   540  C CA  . TYR A 1 70  ? 6.403   8.694   -4.659  1.00 20.71 ? 69   TYR A CA  1 
ATOM   541  C C   . TYR A 1 70  ? 5.922   7.826   -5.800  1.00 18.58 ? 69   TYR A C   1 
ATOM   542  O O   . TYR A 1 70  ? 5.290   8.308   -6.743  1.00 20.57 ? 69   TYR A O   1 
ATOM   543  C CB  . TYR A 1 70  ? 5.371   8.621   -3.513  1.00 16.80 ? 69   TYR A CB  1 
ATOM   544  C CG  . TYR A 1 70  ? 5.686   9.470   -2.296  1.00 16.19 ? 69   TYR A CG  1 
ATOM   545  C CD1 . TYR A 1 70  ? 5.390   10.824  -2.279  1.00 19.76 ? 69   TYR A CD1 1 
ATOM   546  C CD2 . TYR A 1 70  ? 6.361   8.938   -1.218  1.00 18.00 ? 69   TYR A CD2 1 
ATOM   547  C CE1 . TYR A 1 70  ? 5.788   11.619  -1.247  1.00 19.52 ? 69   TYR A CE1 1 
ATOM   548  C CE2 . TYR A 1 70  ? 6.757   9.730   -0.161  1.00 20.09 ? 69   TYR A CE2 1 
ATOM   549  C CZ  . TYR A 1 70  ? 6.483   11.077  -0.191  1.00 22.67 ? 69   TYR A CZ  1 
ATOM   550  O OH  . TYR A 1 70  ? 7.000   11.911  0.790   1.00 28.68 ? 69   TYR A OH  1 
ATOM   551  N N   . GLY A 1 71  ? 6.181   6.531   -5.686  1.00 19.59 ? 70   GLY A N   1 
ATOM   552  C CA  . GLY A 1 71  ? 5.761   5.609   -6.724  1.00 18.25 ? 70   GLY A CA  1 
ATOM   553  C C   . GLY A 1 71  ? 6.251   4.203   -6.447  1.00 17.98 ? 70   GLY A C   1 
ATOM   554  O O   . GLY A 1 71  ? 6.961   3.950   -5.465  1.00 17.43 ? 70   GLY A O   1 
ATOM   555  N N   . PHE A 1 72  ? 5.843   3.284   -7.313  1.00 21.63 ? 71   PHE A N   1 
ATOM   556  C CA  . PHE A 1 72  ? 6.264   1.893   -7.244  1.00 25.33 ? 71   PHE A CA  1 
ATOM   557  C C   . PHE A 1 72  ? 7.533   1.652   -8.053  1.00 30.58 ? 71   PHE A C   1 
ATOM   558  O O   . PHE A 1 72  ? 8.267   0.698   -7.808  1.00 32.06 ? 71   PHE A O   1 
ATOM   559  C CB  . PHE A 1 72  ? 5.146   0.984   -7.775  1.00 27.86 ? 71   PHE A CB  1 
ATOM   560  C CG  . PHE A 1 72  ? 3.862   1.041   -6.966  1.00 24.52 ? 71   PHE A CG  1 
ATOM   561  C CD1 . PHE A 1 72  ? 2.641   0.837   -7.575  1.00 23.35 ? 71   PHE A CD1 1 
ATOM   562  C CD2 . PHE A 1 72  ? 3.885   1.331   -5.616  1.00 22.52 ? 71   PHE A CD2 1 
ATOM   563  C CE1 . PHE A 1 72  ? 1.477   0.929   -6.854  1.00 21.49 ? 71   PHE A CE1 1 
ATOM   564  C CE2 . PHE A 1 72  ? 2.725   1.422   -4.896  1.00 18.72 ? 71   PHE A CE2 1 
ATOM   565  C CZ  . PHE A 1 72  ? 1.522   1.222   -5.515  1.00 22.42 ? 71   PHE A CZ  1 
ATOM   566  N N   . SER A 1 73  ? 7.773   2.507   -9.040  1.00 33.12 ? 72   SER A N   1 
ATOM   567  C CA  . SER A 1 73  ? 8.931   2.380   -9.921  1.00 34.57 ? 72   SER A CA  1 
ATOM   568  C C   . SER A 1 73  ? 9.185   3.724   -10.588 1.00 33.96 ? 72   SER A C   1 
ATOM   569  O O   . SER A 1 73  ? 8.328   4.604   -10.554 1.00 32.06 ? 72   SER A O   1 
ATOM   570  C CB  . SER A 1 73  ? 8.653   1.345   -11.000 1.00 35.90 ? 72   SER A CB  1 
ATOM   571  O OG  . SER A 1 73  ? 7.641   1.822   -11.871 1.00 43.86 ? 72   SER A OG  1 
ATOM   572  N N   . ASP A 1 74  ? 10.327  3.851   -11.262 1.00 35.85 ? 73   ASP A N   1 
ATOM   573  C CA  . ASP A 1 74  ? 10.685  5.105   -11.925 1.00 33.30 ? 73   ASP A CA  1 
ATOM   574  C C   . ASP A 1 74  ? 10.030  5.291   -13.292 1.00 30.07 ? 73   ASP A C   1 
ATOM   575  O O   . ASP A 1 74  ? 9.744   4.317   -13.987 1.00 31.97 ? 73   ASP A O   1 
ATOM   576  C CB  . ASP A 1 74  ? 12.203  5.221   -12.047 1.00 37.90 ? 73   ASP A CB  1 
ATOM   577  C CG  . ASP A 1 74  ? 12.858  5.575   -10.730 1.00 40.60 ? 73   ASP A CG  1 
ATOM   578  O OD1 . ASP A 1 74  ? 12.646  6.705   -10.249 1.00 40.97 ? 73   ASP A OD1 1 
ATOM   579  O OD2 . ASP A 1 74  ? 13.542  4.705   -10.149 1.00 45.19 ? 73   ASP A OD2 1 
ATOM   580  N N   . PRO A 1 75  ? 9.617   6.532   -13.606 1.00 26.54 ? 74   PRO A N   1 
ATOM   581  C CA  . PRO A 1 75  ? 9.641   7.704   -12.717 1.00 26.45 ? 74   PRO A CA  1 
ATOM   582  C C   . PRO A 1 75  ? 8.600   7.665   -11.570 1.00 26.69 ? 74   PRO A C   1 
ATOM   583  O O   . PRO A 1 75  ? 7.452   7.231   -11.744 1.00 27.30 ? 74   PRO A O   1 
ATOM   584  C CB  . PRO A 1 75  ? 9.352   8.857   -13.663 1.00 23.15 ? 74   PRO A CB  1 
ATOM   585  C CG  . PRO A 1 75  ? 8.400   8.246   -14.647 1.00 24.30 ? 74   PRO A CG  1 
ATOM   586  C CD  . PRO A 1 75  ? 8.925   6.838   -14.870 1.00 25.22 ? 74   PRO A CD  1 
ATOM   587  N N   . LEU A 1 76  ? 8.985   8.215   -10.426 1.00 26.35 ? 75   LEU A N   1 
ATOM   588  C CA  . LEU A 1 76  ? 8.039   8.442   -9.342  1.00 25.59 ? 75   LEU A CA  1 
ATOM   589  C C   . LEU A 1 76  ? 7.247   9.733   -9.594  1.00 28.92 ? 75   LEU A C   1 
ATOM   590  O O   . LEU A 1 76  ? 7.758   10.839  -9.426  1.00 31.47 ? 75   LEU A O   1 
ATOM   591  C CB  . LEU A 1 76  ? 8.783   8.522   -8.000  1.00 21.03 ? 75   LEU A CB  1 
ATOM   592  C CG  . LEU A 1 76  ? 9.833   7.437   -7.739  1.00 16.91 ? 75   LEU A CG  1 
ATOM   593  C CD1 . LEU A 1 76  ? 10.406  7.648   -6.379  1.00 21.66 ? 75   LEU A CD1 1 
ATOM   594  C CD2 . LEU A 1 76  ? 9.238   6.028   -7.865  1.00 18.88 ? 75   LEU A CD2 1 
ATOM   595  N N   . THR A 1 77  ? 5.971   9.578   -9.918  1.00 32.02 ? 76   THR A N   1 
ATOM   596  C CA  . THR A 1 77  ? 5.122   10.686  -10.355 1.00 31.05 ? 76   THR A CA  1 
ATOM   597  C C   . THR A 1 77  ? 4.179   11.256  -9.278  1.00 30.77 ? 76   THR A C   1 
ATOM   598  O O   . THR A 1 77  ? 3.551   12.301  -9.489  1.00 28.35 ? 76   THR A O   1 
ATOM   599  C CB  . THR A 1 77  ? 4.252   10.260  -11.552 1.00 32.87 ? 76   THR A CB  1 
ATOM   600  O OG1 . THR A 1 77  ? 3.324   9.248   -11.138 1.00 35.89 ? 76   THR A OG1 1 
ATOM   601  C CG2 . THR A 1 77  ? 5.126   9.710   -12.683 1.00 33.65 ? 76   THR A CG2 1 
ATOM   602  N N   . PHE A 1 78  ? 4.044   10.577  -8.139  1.00 27.50 ? 77   PHE A N   1 
ATOM   603  C CA  . PHE A 1 78  ? 3.067   11.021  -7.140  1.00 26.43 ? 77   PHE A CA  1 
ATOM   604  C C   . PHE A 1 78  ? 3.595   11.991  -6.091  1.00 25.90 ? 77   PHE A C   1 
ATOM   605  O O   . PHE A 1 78  ? 4.660   11.784  -5.507  1.00 28.62 ? 77   PHE A O   1 
ATOM   606  C CB  . PHE A 1 78  ? 2.387   9.821   -6.463  1.00 18.65 ? 77   PHE A CB  1 
ATOM   607  C CG  . PHE A 1 78  ? 1.458   9.078   -7.369  1.00 15.96 ? 77   PHE A CG  1 
ATOM   608  C CD1 . PHE A 1 78  ? 1.893   7.959   -8.066  1.00 17.07 ? 77   PHE A CD1 1 
ATOM   609  C CD2 . PHE A 1 78  ? 0.202   9.582   -7.649  1.00 19.63 ? 77   PHE A CD2 1 
ATOM   610  C CE1 . PHE A 1 78  ? 1.095   7.368   -9.024  1.00 17.73 ? 77   PHE A CE1 1 
ATOM   611  C CE2 . PHE A 1 78  ? -0.605  8.997   -8.607  1.00 16.63 ? 77   PHE A CE2 1 
ATOM   612  C CZ  . PHE A 1 78  ? -0.164  7.894   -9.297  1.00 18.90 ? 77   PHE A CZ  1 
ATOM   613  N N   . SER A 1 79  ? 2.788   13.001  -5.786  1.00 22.76 ? 78   SER A N   1 
ATOM   614  C CA  . SER A 1 79  ? 3.149   13.984  -4.784  1.00 18.39 ? 78   SER A CA  1 
ATOM   615  C C   . SER A 1 79  ? 2.939   13.548  -3.356  1.00 20.93 ? 78   SER A C   1 
ATOM   616  O O   . SER A 1 79  ? 3.347   14.258  -2.436  1.00 23.47 ? 78   SER A O   1 
ATOM   617  C CB  . SER A 1 79  ? 2.394   15.268  -5.036  1.00 22.83 ? 78   SER A CB  1 
ATOM   618  O OG  . SER A 1 79  ? 2.517   15.618  -6.409  1.00 32.87 ? 78   SER A OG  1 
ATOM   619  N N   . SER A 1 80  ? 2.226   12.437  -3.155  1.00 20.76 ? 79   SER A N   1 
ATOM   620  C CA  . SER A 1 80  ? 2.010   11.866  -1.817  1.00 19.34 ? 79   SER A CA  1 
ATOM   621  C C   . SER A 1 80  ? 1.639   10.393  -1.895  1.00 16.58 ? 79   SER A C   1 
ATOM   622  O O   . SER A 1 80  ? 1.148   9.935   -2.925  1.00 19.42 ? 79   SER A O   1 
ATOM   623  C CB  . SER A 1 80  ? 0.896   12.613  -1.093  1.00 21.42 ? 79   SER A CB  1 
ATOM   624  O OG  . SER A 1 80  ? -0.309  12.494  -1.819  1.00 24.66 ? 79   SER A OG  1 
ATOM   625  N N   . VAL A 1 81  ? 1.940   9.637   -0.840  1.00 16.74 ? 80   VAL A N   1 
ATOM   626  C CA  . VAL A 1 81  ? 1.479   8.235   -0.742  1.00 18.58 ? 80   VAL A CA  1 
ATOM   627  C C   . VAL A 1 81  ? -0.046  8.105   -0.918  1.00 20.04 ? 80   VAL A C   1 
ATOM   628  O O   . VAL A 1 81  ? -0.527  7.245   -1.656  1.00 21.80 ? 80   VAL A O   1 
ATOM   629  C CB  . VAL A 1 81  ? 1.826   7.624   0.616   1.00 19.40 ? 80   VAL A CB  1 
ATOM   630  C CG1 . VAL A 1 81  ? 1.502   6.114   0.626   1.00 16.00 ? 80   VAL A CG1 1 
ATOM   631  C CG2 . VAL A 1 81  ? 3.281   7.860   0.918   1.00 23.34 ? 80   VAL A CG2 1 
ATOM   632  N N   . VAL A 1 82  ? -0.788  9.026   -0.299  1.00 22.33 ? 81   VAL A N   1 
ATOM   633  C CA  . VAL A 1 82  ? -2.247  9.045   -0.388  1.00 21.29 ? 81   VAL A CA  1 
ATOM   634  C C   . VAL A 1 82  ? -2.726  9.178   -1.827  1.00 22.70 ? 81   VAL A C   1 
ATOM   635  O O   . VAL A 1 82  ? -3.558  8.395   -2.287  1.00 23.12 ? 81   VAL A O   1 
ATOM   636  C CB  . VAL A 1 82  ? -2.843  10.193  0.469   1.00 23.00 ? 81   VAL A CB  1 
ATOM   637  C CG1 . VAL A 1 82  ? -4.331  10.414  0.119   1.00 18.21 ? 81   VAL A CG1 1 
ATOM   638  C CG2 . VAL A 1 82  ? -2.687  9.860   1.955   1.00 17.11 ? 81   VAL A CG2 1 
ATOM   639  N N   . GLU A 1 83  ? -2.093  10.058  -2.593  1.00 20.66 ? 82   GLU A N   1 
ATOM   640  C CA  . GLU A 1 83  ? -2.490  10.235  -3.982  1.00 19.02 ? 82   GLU A CA  1 
ATOM   641  C C   . GLU A 1 83  ? -2.185  8.999   -4.824  1.00 17.56 ? 82   GLU A C   1 
ATOM   642  O O   . GLU A 1 83  ? -2.935  8.667   -5.736  1.00 19.19 ? 82   GLU A O   1 
ATOM   643  C CB  . GLU A 1 83  ? -1.820  11.482  -4.559  1.00 22.03 ? 82   GLU A CB  1 
ATOM   644  C CG  . GLU A 1 83  ? -2.357  12.741  -3.936  1.00 27.12 ? 82   GLU A CG  1 
ATOM   645  C CD  . GLU A 1 83  ? -1.540  13.971  -4.295  1.00 33.13 ? 82   GLU A CD  1 
ATOM   646  O OE1 . GLU A 1 83  ? -1.662  14.427  -5.453  1.00 39.22 ? 82   GLU A OE1 1 
ATOM   647  O OE2 . GLU A 1 83  ? -0.826  14.519  -3.419  1.00 32.29 ? 82   GLU A OE2 1 
ATOM   648  N N   . LEU A 1 84  ? -1.096  8.310   -4.493  1.00 17.53 ? 83   LEU A N   1 
ATOM   649  C CA  . LEU A 1 84  ? -0.711  7.055   -5.137  1.00 17.00 ? 83   LEU A CA  1 
ATOM   650  C C   . LEU A 1 84  ? -1.761  5.955   -4.876  1.00 17.62 ? 83   LEU A C   1 
ATOM   651  O O   . LEU A 1 84  ? -2.244  5.274   -5.791  1.00 17.22 ? 83   LEU A O   1 
ATOM   652  C CB  . LEU A 1 84  ? 0.651   6.628   -4.582  1.00 15.73 ? 83   LEU A CB  1 
ATOM   653  C CG  . LEU A 1 84  ? 1.198   5.234   -4.868  1.00 19.71 ? 83   LEU A CG  1 
ATOM   654  C CD1 . LEU A 1 84  ? 1.293   4.989   -6.371  1.00 18.47 ? 83   LEU A CD1 1 
ATOM   655  C CD2 . LEU A 1 84  ? 2.561   5.102   -4.212  1.00 16.52 ? 83   LEU A CD2 1 
ATOM   656  N N   . ILE A 1 85  ? -2.091  5.775   -3.604  1.00 18.34 ? 84   ILE A N   1 
ATOM   657  C CA  . ILE A 1 85  ? -3.149  4.854   -3.178  1.00 14.89 ? 84   ILE A CA  1 
ATOM   658  C C   . ILE A 1 85  ? -4.488  5.174   -3.835  1.00 11.52 ? 84   ILE A C   1 
ATOM   659  O O   . ILE A 1 85  ? -5.069  4.337   -4.529  1.00 15.71 ? 84   ILE A O   1 
ATOM   660  C CB  . ILE A 1 85  ? -3.324  4.931   -1.656  1.00 16.74 ? 84   ILE A CB  1 
ATOM   661  C CG1 . ILE A 1 85  ? -2.046  4.421   -0.977  1.00 13.69 ? 84   ILE A CG1 1 
ATOM   662  C CG2 . ILE A 1 85  ? -4.591  4.134   -1.217  1.00 15.75 ? 84   ILE A CG2 1 
ATOM   663  C CD1 . ILE A 1 85  ? -1.602  3.030   -1.468  1.00 15.45 ? 84   ILE A CD1 1 
ATOM   664  N N   . ASN A 1 86  ? -4.871  6.445   -3.768  1.00 11.19 ? 85   ASN A N   1 
ATOM   665  C CA  . ASN A 1 86  ? -6.117  6.908   -4.368  1.00 14.89 ? 85   ASN A CA  1 
ATOM   666  C C   . ASN A 1 86  ? -6.240  6.598   -5.837  1.00 17.00 ? 85   ASN A C   1 
ATOM   667  O O   . ASN A 1 86  ? -7.274  6.079   -6.282  1.00 17.70 ? 85   ASN A O   1 
ATOM   668  C CB  . ASN A 1 86  ? -6.315  8.393   -4.138  1.00 11.90 ? 85   ASN A CB  1 
ATOM   669  C CG  . ASN A 1 86  ? -6.890  8.677   -2.771  1.00 15.19 ? 85   ASN A CG  1 
ATOM   670  O OD1 . ASN A 1 86  ? -7.185  7.755   -2.002  1.00 14.98 ? 85   ASN A OD1 1 
ATOM   671  N ND2 . ASN A 1 86  ? -6.963  9.944   -2.420  1.00 14.56 ? 85   ASN A ND2 1 
ATOM   672  N N   . HIS A 1 87  ? -5.122  6.733   -6.550  1.00 17.13 ? 86   HIS A N   1 
ATOM   673  C CA  . HIS A 1 87  ? -5.071  6.360   -7.962  1.00 12.93 ? 86   HIS A CA  1 
ATOM   674  C C   . HIS A 1 87  ? -5.357  4.863   -8.165  1.00 9.57  ? 86   HIS A C   1 
ATOM   675  O O   . HIS A 1 87  ? -6.086  4.468   -9.063  1.00 13.21 ? 86   HIS A O   1 
ATOM   676  C CB  . HIS A 1 87  ? -3.689  6.724   -8.545  1.00 17.57 ? 86   HIS A CB  1 
ATOM   677  C CG  . HIS A 1 87  ? -3.514  6.326   -9.975  1.00 18.11 ? 86   HIS A CG  1 
ATOM   678  N ND1 . HIS A 1 87  ? -4.088  7.041   -11.013 1.00 19.57 ? 86   HIS A ND1 1 
ATOM   679  C CD2 . HIS A 1 87  ? -2.965  5.230   -10.542 1.00 17.71 ? 86   HIS A CD2 1 
ATOM   680  C CE1 . HIS A 1 87  ? -3.896  6.393   -12.149 1.00 20.25 ? 86   HIS A CE1 1 
ATOM   681  N NE2 . HIS A 1 87  ? -3.216  5.288   -11.886 1.00 18.71 ? 86   HIS A NE2 1 
ATOM   682  N N   . TYR A 1 88  ? -4.759  4.021   -7.340  1.00 11.02 ? 87   TYR A N   1 
ATOM   683  C CA  . TYR A 1 88  ? -4.928  2.590   -7.507  1.00 15.02 ? 87   TYR A CA  1 
ATOM   684  C C   . TYR A 1 88  ? -6.166  2.020   -6.780  1.00 15.62 ? 87   TYR A C   1 
ATOM   685  O O   . TYR A 1 88  ? -6.492  0.842   -6.935  1.00 15.65 ? 87   TYR A O   1 
ATOM   686  C CB  . TYR A 1 88  ? -3.657  1.861   -7.083  1.00 16.00 ? 87   TYR A CB  1 
ATOM   687  C CG  . TYR A 1 88  ? -2.586  1.970   -8.130  1.00 24.03 ? 87   TYR A CG  1 
ATOM   688  C CD1 . TYR A 1 88  ? -1.430  2.698   -7.894  1.00 29.50 ? 87   TYR A CD1 1 
ATOM   689  C CD2 . TYR A 1 88  ? -2.797  1.472   -9.403  1.00 25.42 ? 87   TYR A CD2 1 
ATOM   690  C CE1 . TYR A 1 88  ? -0.510  2.925   -8.903  1.00 29.78 ? 87   TYR A CE1 1 
ATOM   691  C CE2 . TYR A 1 88  ? -1.898  1.697   -10.423 1.00 30.02 ? 87   TYR A CE2 1 
ATOM   692  C CZ  . TYR A 1 88  ? -0.746  2.421   -10.168 1.00 32.91 ? 87   TYR A CZ  1 
ATOM   693  O OH  . TYR A 1 88  ? 0.196   2.587   -11.167 1.00 35.55 ? 87   TYR A OH  1 
ATOM   694  N N   . ARG A 1 89  ? -6.915  2.888   -6.096  1.00 15.71 ? 88   ARG A N   1 
ATOM   695  C CA  . ARG A 1 89  ? -8.305  2.567   -5.723  1.00 17.51 ? 88   ARG A CA  1 
ATOM   696  C C   . ARG A 1 89  ? -9.241  2.745   -6.917  1.00 17.76 ? 88   ARG A C   1 
ATOM   697  O O   . ARG A 1 89  ? -10.129 1.911   -7.150  1.00 16.40 ? 88   ARG A O   1 
ATOM   698  C CB  . ARG A 1 89  ? -8.756  3.434   -4.560  1.00 13.72 ? 88   ARG A CB  1 
ATOM   699  C CG  . ARG A 1 89  ? -8.023  3.074   -3.264  1.00 13.02 ? 88   ARG A CG  1 
ATOM   700  C CD  . ARG A 1 89  ? -8.410  4.001   -2.127  1.00 17.53 ? 88   ARG A CD  1 
ATOM   701  N NE  . ARG A 1 89  ? -9.780  3.738   -1.691  1.00 13.94 ? 88   ARG A NE  1 
ATOM   702  C CZ  . ARG A 1 89  ? -10.214 3.915   -0.451  1.00 16.72 ? 88   ARG A CZ  1 
ATOM   703  N NH1 . ARG A 1 89  ? -11.453 3.562   -0.110  1.00 13.60 ? 88   ARG A NH1 1 
ATOM   704  N NH2 . ARG A 1 89  ? -9.405  4.461   0.451   1.00 16.85 ? 88   ARG A NH2 1 
ATOM   705  N N   . ASN A 1 90  ? -8.879  3.679   -7.793  1.00 16.27 ? 89   ASN A N   1 
ATOM   706  C CA  . ASN A 1 90  ? -9.634  3.898   -9.019  1.00 17.60 ? 89   ASN A CA  1 
ATOM   707  C C   . ASN A 1 90  ? -9.199  2.989   -10.176 1.00 21.37 ? 89   ASN A C   1 
ATOM   708  O O   . ASN A 1 90  ? -10.000 2.660   -11.050 1.00 23.00 ? 89   ASN A O   1 
ATOM   709  C CB  . ASN A 1 90  ? -9.530  5.360   -9.459  1.00 13.90 ? 89   ASN A CB  1 
ATOM   710  C CG  . ASN A 1 90  ? -10.243 6.313   -8.516  1.00 19.36 ? 89   ASN A CG  1 
ATOM   711  O OD1 . ASN A 1 90  ? -10.062 7.524   -8.605  1.00 21.83 ? 89   ASN A OD1 1 
ATOM   712  N ND2 . ASN A 1 90  ? -11.128 5.789   -7.672  1.00 14.34 ? 89   ASN A ND2 1 
ATOM   713  N N   . GLU A 1 91  ? -7.926  2.601   -10.197 1.00 19.68 ? 90   GLU A N   1 
ATOM   714  C CA  . GLU A 1 91  ? -7.336  1.937   -11.367 1.00 18.02 ? 90   GLU A CA  1 
ATOM   715  C C   . GLU A 1 91  ? -6.676  0.628   -10.987 1.00 15.11 ? 90   GLU A C   1 
ATOM   716  O O   . GLU A 1 91  ? -5.977  0.543   -9.976  1.00 15.00 ? 90   GLU A O   1 
ATOM   717  C CB  . GLU A 1 91  ? -6.281  2.828   -12.020 1.00 20.19 ? 90   GLU A CB  1 
ATOM   718  C CG  . GLU A 1 91  ? -6.738  4.234   -12.268 1.00 30.05 ? 90   GLU A CG  1 
ATOM   719  C CD  . GLU A 1 91  ? -7.867  4.300   -13.258 1.00 36.98 ? 90   GLU A CD  1 
ATOM   720  O OE1 . GLU A 1 91  ? -8.024  3.337   -14.054 1.00 43.23 ? 90   GLU A OE1 1 
ATOM   721  O OE2 . GLU A 1 91  ? -8.594  5.323   -13.247 1.00 40.94 ? 90   GLU A OE2 1 
ATOM   722  N N   . SER A 1 92  ? -6.795  -0.360  -11.862 1.00 12.88 ? 91   SER A N   1 
ATOM   723  C CA  . SER A 1 92  ? -6.172  -1.635  -11.595 1.00 18.48 ? 91   SER A CA  1 
ATOM   724  C C   . SER A 1 92  ? -4.648  -1.536  -11.469 1.00 20.91 ? 91   SER A C   1 
ATOM   725  O O   . SER A 1 92  ? -3.982  -0.916  -12.315 1.00 26.58 ? 91   SER A O   1 
ATOM   726  C CB  . SER A 1 92  ? -6.495  -2.613  -12.698 1.00 16.84 ? 91   SER A CB  1 
ATOM   727  O OG  . SER A 1 92  ? -5.852  -3.840  -12.412 1.00 23.64 ? 91   SER A OG  1 
ATOM   728  N N   . LEU A 1 93  ? -4.080  -2.309  -10.548 1.00 22.88 ? 92   LEU A N   1 
ATOM   729  C CA  . LEU A 1 93  ? -2.627  -2.367  -10.394 1.00 25.66 ? 92   LEU A CA  1 
ATOM   730  C C   . LEU A 1 93  ? -1.958  -2.991  -11.629 1.00 29.56 ? 92   LEU A C   1 
ATOM   731  O O   . LEU A 1 93  ? -0.738  -2.909  -11.780 1.00 29.05 ? 92   LEU A O   1 
ATOM   732  C CB  . LEU A 1 93  ? -2.245  -3.166  -9.144  1.00 24.72 ? 92   LEU A CB  1 
ATOM   733  C CG  . LEU A 1 93  ? -2.315  -2.569  -7.735  1.00 25.32 ? 92   LEU A CG  1 
ATOM   734  C CD1 . LEU A 1 93  ? -1.027  -1.871  -7.391  1.00 22.22 ? 92   LEU A CD1 1 
ATOM   735  C CD2 . LEU A 1 93  ? -3.469  -1.616  -7.632  1.00 27.92 ? 92   LEU A CD2 1 
ATOM   736  N N   . ALA A 1 94  ? -2.773  -3.484  -12.561 1.00 32.18 ? 93   ALA A N   1 
ATOM   737  C CA  . ALA A 1 94  ? -2.294  -4.144  -13.772 1.00 34.83 ? 93   ALA A CA  1 
ATOM   738  C C   . ALA A 1 94  ? -1.399  -3.246  -14.639 1.00 38.23 ? 93   ALA A C   1 
ATOM   739  O O   . ALA A 1 94  ? -0.481  -3.748  -15.296 1.00 35.80 ? 93   ALA A O   1 
ATOM   740  C CB  . ALA A 1 94  ? -3.479  -4.655  -14.582 1.00 31.96 ? 93   ALA A CB  1 
ATOM   741  N N   . GLN A 1 95  ? -1.625  -1.924  -14.585 1.00 41.88 ? 94   GLN A N   1 
ATOM   742  C CA  . GLN A 1 95  ? -0.811  -0.953  -15.344 1.00 45.37 ? 94   GLN A CA  1 
ATOM   743  C C   . GLN A 1 95  ? 0.617   -0.898  -14.799 1.00 44.72 ? 94   GLN A C   1 
ATOM   744  O O   . GLN A 1 95  ? 1.501   -0.306  -15.404 1.00 45.68 ? 94   GLN A O   1 
ATOM   745  C CB  . GLN A 1 95  ? -1.463  0.454   -15.305 1.00 47.51 ? 94   GLN A CB  1 
ATOM   746  C CG  . GLN A 1 95  ? -0.962  1.415   -14.190 1.00 49.84 ? 94   GLN A CG  1 
ATOM   747  C CD  . GLN A 1 95  ? -1.787  2.716   -14.045 1.00 50.41 ? 94   GLN A CD  1 
ATOM   748  O OE1 . GLN A 1 95  ? -1.300  3.707   -13.500 1.00 46.47 ? 94   GLN A OE1 1 
ATOM   749  N NE2 . GLN A 1 95  ? -3.068  2.663   -14.399 1.00 51.78 ? 94   GLN A NE2 1 
ATOM   750  N N   . TYR A 1 96  ? 0.784   -1.410  -13.587 1.00 45.34 ? 95   TYR A N   1 
ATOM   751  C CA  . TYR A 1 96  ? 2.081   -1.578  -12.948 1.00 44.63 ? 95   TYR A CA  1 
ATOM   752  C C   . TYR A 1 96  ? 2.593   -2.996  -13.195 1.00 46.15 ? 95   TYR A C   1 
ATOM   753  O O   . TYR A 1 96  ? 3.747   -3.198  -13.572 1.00 47.97 ? 95   TYR A O   1 
ATOM   754  C CB  . TYR A 1 96  ? 1.939   -1.342  -11.439 1.00 45.86 ? 95   TYR A CB  1 
ATOM   755  C CG  . TYR A 1 96  ? 3.152   -1.741  -10.621 1.00 46.29 ? 95   TYR A CG  1 
ATOM   756  C CD1 . TYR A 1 96  ? 4.407   -1.243  -10.929 1.00 46.84 ? 95   TYR A CD1 1 
ATOM   757  C CD2 . TYR A 1 96  ? 3.037   -2.582  -9.532  1.00 45.06 ? 95   TYR A CD2 1 
ATOM   758  C CE1 . TYR A 1 96  ? 5.507   -1.572  -10.176 1.00 47.39 ? 95   TYR A CE1 1 
ATOM   759  C CE2 . TYR A 1 96  ? 4.137   -2.907  -8.768  1.00 47.94 ? 95   TYR A CE2 1 
ATOM   760  C CZ  . TYR A 1 96  ? 5.373   -2.398  -9.094  1.00 46.39 ? 95   TYR A CZ  1 
ATOM   761  O OH  . TYR A 1 96  ? 6.472   -2.663  -8.309  1.00 46.58 ? 95   TYR A OH  1 
ATOM   762  N N   . ASN A 1 97  ? 1.735   -3.977  -12.943 1.00 45.92 ? 96   ASN A N   1 
ATOM   763  C CA  . ASN A 1 97  ? 2.105   -5.385  -13.026 1.00 44.36 ? 96   ASN A CA  1 
ATOM   764  C C   . ASN A 1 97  ? 0.903   -6.210  -13.490 1.00 44.56 ? 96   ASN A C   1 
ATOM   765  O O   . ASN A 1 97  ? -0.155  -6.180  -12.869 1.00 46.69 ? 96   ASN A O   1 
ATOM   766  C CB  . ASN A 1 97  ? 2.586   -5.865  -11.655 1.00 43.25 ? 96   ASN A CB  1 
ATOM   767  C CG  . ASN A 1 97  ? 3.106   -7.286  -11.680 1.00 43.11 ? 96   ASN A CG  1 
ATOM   768  O OD1 . ASN A 1 97  ? 2.851   -8.037  -12.617 1.00 41.95 ? 96   ASN A OD1 1 
ATOM   769  N ND2 . ASN A 1 97  ? 3.808   -7.673  -10.630 1.00 41.92 ? 96   ASN A ND2 1 
ATOM   770  N N   . PRO A 1 98  ? 1.045   -6.940  -14.606 1.00 45.35 ? 97   PRO A N   1 
ATOM   771  C CA  . PRO A 1 98  ? -0.022  -7.828  -15.084 1.00 44.32 ? 97   PRO A CA  1 
ATOM   772  C C   . PRO A 1 98  ? -0.423  -8.988  -14.162 1.00 44.01 ? 97   PRO A C   1 
ATOM   773  O O   . PRO A 1 98  ? -1.506  -9.557  -14.315 1.00 47.37 ? 97   PRO A O   1 
ATOM   774  C CB  . PRO A 1 98  ? 0.518   -8.313  -16.419 1.00 42.82 ? 97   PRO A CB  1 
ATOM   775  C CG  . PRO A 1 98  ? 1.241   -7.131  -16.925 1.00 44.36 ? 97   PRO A CG  1 
ATOM   776  C CD  . PRO A 1 98  ? 1.958   -6.589  -15.706 1.00 46.04 ? 97   PRO A CD  1 
ATOM   777  N N   . LYS A 1 99  ? 0.410   -9.293  -13.175 1.00 41.54 ? 98   LYS A N   1 
ATOM   778  C CA  . LYS A 1 99  ? 0.059   -10.306 -12.173 1.00 39.44 ? 98   LYS A CA  1 
ATOM   779  C C   . LYS A 1 99  ? -0.746  -9.727  -10.997 1.00 36.18 ? 98   LYS A C   1 
ATOM   780  O O   . LYS A 1 99  ? -1.110  -10.452 -10.071 1.00 36.74 ? 98   LYS A O   1 
ATOM   781  C CB  . LYS A 1 99  ? 1.333   -10.991 -11.647 1.00 42.71 ? 98   LYS A CB  1 
ATOM   782  C CG  . LYS A 1 99  ? 2.234   -11.567 -12.743 1.00 45.37 ? 98   LYS A CG  1 
ATOM   783  C CD  . LYS A 1 99  ? 3.023   -12.783 -12.274 1.00 44.95 ? 98   LYS A CD  1 
ATOM   784  C CE  . LYS A 1 99  ? 4.168   -12.390 -11.350 1.00 47.29 ? 98   LYS A CE  1 
ATOM   785  N NZ  . LYS A 1 99  ? 4.747   -13.584 -10.643 1.00 49.81 ? 98   LYS A NZ  1 
ATOM   786  N N   . LEU A 1 100 ? -0.970  -8.413  -11.008 1.00 31.75 ? 99   LEU A N   1 
ATOM   787  C CA  . LEU A 1 100 ? -1.742  -7.750  -9.962  1.00 28.85 ? 99   LEU A CA  1 
ATOM   788  C C   . LEU A 1 100 ? -2.910  -6.963  -10.548 1.00 27.64 ? 99   LEU A C   1 
ATOM   789  O O   . LEU A 1 100 ? -3.111  -5.798  -10.222 1.00 27.10 ? 99   LEU A O   1 
ATOM   790  C CB  . LEU A 1 100 ? -0.848  -6.824  -9.136  1.00 25.86 ? 99   LEU A CB  1 
ATOM   791  C CG  . LEU A 1 100 ? 0.406   -7.431  -8.497  1.00 26.13 ? 99   LEU A CG  1 
ATOM   792  C CD1 . LEU A 1 100 ? 1.264   -6.320  -7.943  1.00 23.94 ? 99   LEU A CD1 1 
ATOM   793  C CD2 . LEU A 1 100 ? 0.041   -8.402  -7.393  1.00 26.49 ? 99   LEU A CD2 1 
ATOM   794  N N   . ASP A 1 101 ? -3.695  -7.626  -11.391 1.00 29.37 ? 100  ASP A N   1 
ATOM   795  C CA  . ASP A 1 101 ? -4.916  -7.060  -11.963 1.00 32.11 ? 100  ASP A CA  1 
ATOM   796  C C   . ASP A 1 101 ? -6.098  -7.065  -10.970 1.00 32.58 ? 100  ASP A C   1 
ATOM   797  O O   . ASP A 1 101 ? -7.049  -7.834  -11.095 1.00 31.89 ? 100  ASP A O   1 
ATOM   798  C CB  . ASP A 1 101 ? -5.293  -7.836  -13.227 1.00 34.96 ? 100  ASP A CB  1 
ATOM   799  C CG  . ASP A 1 101 ? -6.460  -7.214  -13.983 1.00 38.22 ? 100  ASP A CG  1 
ATOM   800  O OD1 . ASP A 1 101 ? -6.779  -6.025  -13.772 1.00 40.65 ? 100  ASP A OD1 1 
ATOM   801  O OD2 . ASP A 1 101 ? -7.056  -7.920  -14.823 1.00 42.85 ? 100  ASP A OD2 1 
ATOM   802  N N   . VAL A 1 102 ? -6.038  -6.138  -10.030 1.00 29.54 ? 101  VAL A N   1 
ATOM   803  C CA  . VAL A 1 102 ? -7.081  -5.903  -9.038  1.00 26.42 ? 101  VAL A CA  1 
ATOM   804  C C   . VAL A 1 102 ? -6.836  -4.471  -8.555  1.00 24.98 ? 101  VAL A C   1 
ATOM   805  O O   . VAL A 1 102 ? -5.712  -3.954  -8.678  1.00 27.53 ? 101  VAL A O   1 
ATOM   806  C CB  . VAL A 1 102 ? -6.939  -6.882  -7.832  1.00 28.83 ? 101  VAL A CB  1 
ATOM   807  C CG1 . VAL A 1 102 ? -5.534  -6.757  -7.195  1.00 29.12 ? 101  VAL A CG1 1 
ATOM   808  C CG2 . VAL A 1 102 ? -8.006  -6.587  -6.790  1.00 27.60 ? 101  VAL A CG2 1 
ATOM   809  N N   . LYS A 1 103 ? -7.888  -3.774  -8.144  1.00 19.07 ? 102  LYS A N   1 
ATOM   810  C CA  . LYS A 1 103 ? -7.681  -2.478  -7.510  1.00 16.06 ? 102  LYS A CA  1 
ATOM   811  C C   . LYS A 1 103 ? -7.521  -2.585  -5.998  1.00 14.04 ? 102  LYS A C   1 
ATOM   812  O O   . LYS A 1 103 ? -7.546  -3.676  -5.402  1.00 16.27 ? 102  LYS A O   1 
ATOM   813  C CB  . LYS A 1 103 ? -8.808  -1.507  -7.844  1.00 15.26 ? 102  LYS A CB  1 
ATOM   814  C CG  . LYS A 1 103 ? -9.280  -1.590  -9.269  1.00 14.96 ? 102  LYS A CG  1 
ATOM   815  C CD  . LYS A 1 103 ? -10.283 -0.499  -9.535  1.00 13.83 ? 102  LYS A CD  1 
ATOM   816  C CE  . LYS A 1 103 ? -10.972 -0.712  -10.871 1.00 14.15 ? 102  LYS A CE  1 
ATOM   817  N NZ  . LYS A 1 103 ? -11.932 0.398   -11.119 1.00 16.49 ? 102  LYS A NZ  1 
ATOM   818  N N   . LEU A 1 104 ? -7.236  -1.452  -5.395  1.00 12.01 ? 103  LEU A N   1 
ATOM   819  C CA  . LEU A 1 104 ? -7.159  -1.370  -3.952  1.00 15.34 ? 103  LEU A CA  1 
ATOM   820  C C   . LEU A 1 104 ? -8.590  -1.119  -3.436  1.00 16.58 ? 103  LEU A C   1 
ATOM   821  O O   . LEU A 1 104 ? -9.125  -0.013  -3.561  1.00 17.09 ? 103  LEU A O   1 
ATOM   822  C CB  . LEU A 1 104 ? -6.211  -0.239  -3.554  1.00 14.33 ? 103  LEU A CB  1 
ATOM   823  C CG  . LEU A 1 104 ? -4.741  -0.430  -3.983  1.00 12.12 ? 103  LEU A CG  1 
ATOM   824  C CD1 . LEU A 1 104 ? -3.944  0.740   -3.466  1.00 11.04 ? 103  LEU A CD1 1 
ATOM   825  C CD2 . LEU A 1 104 ? -4.166  -1.714  -3.427  1.00 7.83  ? 103  LEU A CD2 1 
ATOM   826  N N   . LEU A 1 105 ? -9.260  -2.212  -3.083  1.00 18.59 ? 104  LEU A N   1 
ATOM   827  C CA  . LEU A 1 105 ? -10.715 -2.231  -2.930  1.00 14.12 ? 104  LEU A CA  1 
ATOM   828  C C   . LEU A 1 105 ? -11.111 -2.008  -1.493  1.00 14.06 ? 104  LEU A C   1 
ATOM   829  O O   . LEU A 1 105 ? -12.058 -1.258  -1.203  1.00 17.25 ? 104  LEU A O   1 
ATOM   830  C CB  . LEU A 1 105 ? -11.263 -3.572  -3.408  1.00 13.19 ? 104  LEU A CB  1 
ATOM   831  C CG  . LEU A 1 105 ? -11.310 -3.759  -4.917  1.00 11.13 ? 104  LEU A CG  1 
ATOM   832  C CD1 . LEU A 1 105 ? -11.883 -5.136  -5.251  1.00 13.24 ? 104  LEU A CD1 1 
ATOM   833  C CD2 . LEU A 1 105 ? -12.145 -2.661  -5.550  1.00 13.37 ? 104  LEU A CD2 1 
ATOM   834  N N   . TYR A 1 106 ? -10.400 -2.654  -0.579  1.00 10.70 ? 105  TYR A N   1 
ATOM   835  C CA  . TYR A 1 106 ? -10.841 -2.712  0.804   1.00 14.74 ? 105  TYR A CA  1 
ATOM   836  C C   . TYR A 1 106 ? -9.742  -2.297  1.762   1.00 13.44 ? 105  TYR A C   1 
ATOM   837  O O   . TYR A 1 106 ? -8.965  -3.136  2.226   1.00 15.96 ? 105  TYR A O   1 
ATOM   838  C CB  . TYR A 1 106 ? -11.350 -4.137  1.158   1.00 11.61 ? 105  TYR A CB  1 
ATOM   839  C CG  . TYR A 1 106 ? -12.439 -4.643  0.226   1.00 9.76  ? 105  TYR A CG  1 
ATOM   840  C CD1 . TYR A 1 106 ? -13.628 -3.923  0.055   1.00 11.65 ? 105  TYR A CD1 1 
ATOM   841  C CD2 . TYR A 1 106 ? -12.229 -5.747  -0.583  1.00 8.38  ? 105  TYR A CD2 1 
ATOM   842  C CE1 . TYR A 1 106 ? -14.523 -4.258  -0.906  1.00 10.23 ? 105  TYR A CE1 1 
ATOM   843  C CE2 . TYR A 1 106 ? -13.150 -6.098  -1.547  1.00 12.72 ? 105  TYR A CE2 1 
ATOM   844  C CZ  . TYR A 1 106 ? -14.283 -5.331  -1.718  1.00 6.72  ? 105  TYR A CZ  1 
ATOM   845  O OH  . TYR A 1 106 ? -15.111 -5.563  -2.790  1.00 14.27 ? 105  TYR A OH  1 
ATOM   846  N N   . PRO A 1 107 ? -9.744  -1.018  2.177   1.00 13.55 ? 106  PRO A N   1 
ATOM   847  C CA  . PRO A 1 107 ? -8.834  -0.550  3.226   1.00 14.12 ? 106  PRO A CA  1 
ATOM   848  C C   . PRO A 1 107 ? -9.038  -1.262  4.557   1.00 17.55 ? 106  PRO A C   1 
ATOM   849  O O   . PRO A 1 107 ? -10.175 -1.353  5.053   1.00 18.17 ? 106  PRO A O   1 
ATOM   850  C CB  . PRO A 1 107 ? -9.138  0.950   3.339   1.00 13.70 ? 106  PRO A CB  1 
ATOM   851  C CG  . PRO A 1 107 ? -10.459 1.142   2.671   1.00 16.08 ? 106  PRO A CG  1 
ATOM   852  C CD  . PRO A 1 107 ? -10.542 0.086   1.622   1.00 10.43 ? 106  PRO A CD  1 
ATOM   853  N N   . VAL A 1 108 ? -7.956  -1.785  5.118   1.00 16.36 ? 107  VAL A N   1 
ATOM   854  C CA  . VAL A 1 108 ? -7.980  -2.235  6.499   1.00 16.03 ? 107  VAL A CA  1 
ATOM   855  C C   . VAL A 1 108 ? -7.782  -1.048  7.442   1.00 20.85 ? 107  VAL A C   1 
ATOM   856  O O   . VAL A 1 108 ? -6.693  -0.478  7.537   1.00 21.59 ? 107  VAL A O   1 
ATOM   857  C CB  . VAL A 1 108 ? -6.918  -3.298  6.745   1.00 13.75 ? 107  VAL A CB  1 
ATOM   858  C CG1 . VAL A 1 108 ? -6.850  -3.654  8.216   1.00 13.16 ? 107  VAL A CG1 1 
ATOM   859  C CG2 . VAL A 1 108 ? -7.225  -4.519  5.901   1.00 10.15 ? 107  VAL A CG2 1 
ATOM   860  N N   . SER A 1 109 ? -8.852  -0.654  8.125   1.00 21.27 ? 108  SER A N   1 
ATOM   861  C CA  . SER A 1 109 ? -8.897  0.606   8.850   1.00 23.59 ? 108  SER A CA  1 
ATOM   862  C C   . SER A 1 109 ? -8.392  0.533   10.289  1.00 29.16 ? 108  SER A C   1 
ATOM   863  O O   . SER A 1 109 ? -8.733  -0.384  11.049  1.00 27.87 ? 108  SER A O   1 
ATOM   864  C CB  . SER A 1 109 ? -10.313 1.163   8.859   1.00 25.57 ? 108  SER A CB  1 
ATOM   865  O OG  . SER A 1 109 ? -10.398 2.273   9.730   1.00 28.64 ? 108  SER A OG  1 
ATOM   866  N N   . LYS A 1 110 ? -7.665  1.573   10.685  1.00 30.38 ? 109  LYS A N   1 
ATOM   867  C CA  . LYS A 1 110 ? -7.074  1.632   12.009  1.00 33.37 ? 109  LYS A CA  1 
ATOM   868  C C   . LYS A 1 110 ? -8.004  2.275   13.022  1.00 36.27 ? 109  LYS A C   1 
ATOM   869  O O   . LYS A 1 110 ? -7.755  2.204   14.226  1.00 36.53 ? 109  LYS A O   1 
ATOM   870  C CB  . LYS A 1 110 ? -5.741  2.391   11.968  1.00 34.47 ? 109  LYS A CB  1 
ATOM   871  C CG  . LYS A 1 110 ? -5.830  3.857   11.566  1.00 30.68 ? 109  LYS A CG  1 
ATOM   872  C CD  . LYS A 1 110 ? -4.482  4.522   11.763  1.00 32.23 ? 109  LYS A CD  1 
ATOM   873  C CE  . LYS A 1 110 ? -4.515  5.999   11.385  1.00 31.75 ? 109  LYS A CE  1 
ATOM   874  N NZ  . LYS A 1 110 ? -3.428  6.312   10.409  1.00 32.47 ? 109  LYS A NZ  1 
ATOM   875  N N   . TYR A 1 111 ? -9.107  2.836   12.533  1.00 39.98 ? 110  TYR A N   1 
ATOM   876  C CA  . TYR A 1 111 ? -10.107 3.477   13.388  1.00 42.53 ? 110  TYR A CA  1 
ATOM   877  C C   . TYR A 1 111 ? -11.256 2.523   13.735  1.00 45.33 ? 110  TYR A C   1 
ATOM   878  O O   . TYR A 1 111 ? -12.426 2.902   13.693  1.00 47.60 ? 110  TYR A O   1 
ATOM   879  C CB  . TYR A 1 111 ? -10.669 4.720   12.695  1.00 39.67 ? 110  TYR A CB  1 
ATOM   880  C CG  . TYR A 1 111 ? -9.630  5.745   12.328  1.00 38.50 ? 110  TYR A CG  1 
ATOM   881  C CD1 . TYR A 1 111 ? -9.421  6.106   11.010  1.00 37.08 ? 110  TYR A CD1 1 
ATOM   882  C CD2 . TYR A 1 111 ? -8.874  6.374   13.304  1.00 38.53 ? 110  TYR A CD2 1 
ATOM   883  C CE1 . TYR A 1 111 ? -8.489  7.073   10.672  1.00 39.17 ? 110  TYR A CE1 1 
ATOM   884  C CE2 . TYR A 1 111 ? -7.941  7.334   12.979  1.00 38.43 ? 110  TYR A CE2 1 
ATOM   885  C CZ  . TYR A 1 111 ? -7.747  7.687   11.660  1.00 39.43 ? 110  TYR A CZ  1 
ATOM   886  O OH  . TYR A 1 111 ? -6.833  8.666   11.332  1.00 37.45 ? 110  TYR A OH  1 
ATOM   887  N N   . GLN A 1 112 ? -10.905 1.284   14.062  1.00 49.66 ? 111  GLN A N   1 
ATOM   888  C CA  . GLN A 1 112 ? -11.874 0.207   14.255  1.00 53.89 ? 111  GLN A CA  1 
ATOM   889  C C   . GLN A 1 112 ? -12.918 0.146   13.142  1.00 55.69 ? 111  GLN A C   1 
ATOM   890  O O   . GLN A 1 112 ? -13.930 0.846   13.196  1.00 58.92 ? 111  GLN A O   1 
ATOM   891  C CB  . GLN A 1 112 ? -12.573 0.353   15.611  1.00 55.75 ? 111  GLN A CB  1 
ATOM   892  C CG  . GLN A 1 112 ? -11.710 -0.043  16.806  1.00 60.63 ? 111  GLN A CG  1 
ATOM   893  C CD  . GLN A 1 112 ? -10.726 1.039   17.207  1.00 63.14 ? 111  GLN A CD  1 
ATOM   894  O OE1 . GLN A 1 112 ? -11.100 2.189   17.420  1.00 65.32 ? 111  GLN A OE1 1 
ATOM   895  N NE2 . GLN A 1 112 ? -9.460  0.676   17.299  1.00 64.64 ? 111  GLN A NE2 1 
ATOM   896  N N   . GLN A 1 113 ? -12.629 -0.625  12.099  1.00 55.38 ? 112  GLN A N   1 
ATOM   897  C CA  . GLN A 1 113 ? -13.624 -0.931  11.070  1.00 55.30 ? 112  GLN A CA  1 
ATOM   898  C C   . GLN A 1 113 ? -13.330 -2.270  10.390  1.00 56.19 ? 112  GLN A C   1 
ATOM   899  O O   . GLN A 1 113 ? -13.522 -3.338  10.987  1.00 57.63 ? 112  GLN A O   1 
ATOM   900  C CB  . GLN A 1 113 ? -13.687 0.191   10.019  1.00 52.92 ? 112  GLN A CB  1 
ATOM   901  C CG  . GLN A 1 113 ? -14.615 1.340   10.388  1.00 49.43 ? 112  GLN A CG  1 
ATOM   902  C CD  . GLN A 1 113 ? -14.688 2.436   9.353   1.00 49.77 ? 112  GLN A CD  1 
ATOM   903  O OE1 . GLN A 1 113 ? -14.385 2.225   8.197   1.00 49.45 ? 112  GLN A OE1 1 
ATOM   904  N NE2 . GLN A 1 113 ? -15.166 3.594   9.750   1.00 45.39 ? 112  GLN A NE2 1 
HETATM 905  O O   . HOH B 2 .   ? 1.482   17.526  5.810   1.00 41.65 ? 2001 HOH A O   1 
HETATM 906  O O   . HOH B 2 .   ? 5.659   15.321  4.317   1.00 52.11 ? 2002 HOH A O   1 
HETATM 907  O O   . HOH B 2 .   ? 6.907   13.051  4.626   1.00 43.51 ? 2003 HOH A O   1 
HETATM 908  O O   . HOH B 2 .   ? 6.213   8.905   7.408   1.00 39.55 ? 2004 HOH A O   1 
HETATM 909  O O   . HOH B 2 .   ? -6.677  8.957   2.662   1.00 44.71 ? 2005 HOH A O   1 
HETATM 910  O O   . HOH B 2 .   ? -1.715  3.152   13.845  1.00 46.83 ? 2006 HOH A O   1 
HETATM 911  O O   . HOH B 2 .   ? -5.475  11.238  3.743   1.00 26.00 ? 2007 HOH A O   1 
HETATM 912  O O   . HOH B 2 .   ? 0.252   11.017  1.841   1.00 18.21 ? 2008 HOH A O   1 
HETATM 913  O O   . HOH B 2 .   ? -1.043  -1.499  15.608  1.00 34.36 ? 2009 HOH A O   1 
HETATM 914  O O   . HOH B 2 .   ? -0.665  5.555   12.695  1.00 48.00 ? 2010 HOH A O   1 
HETATM 915  O O   . HOH B 2 .   ? -8.866  8.079   6.975   1.00 41.44 ? 2011 HOH A O   1 
HETATM 916  O O   . HOH B 2 .   ? -10.126 5.849   3.123   1.00 15.27 ? 2012 HOH A O   1 
HETATM 917  O O   . HOH B 2 .   ? -8.138  7.390   4.350   1.00 20.38 ? 2013 HOH A O   1 
HETATM 918  O O   . HOH B 2 .   ? -12.722 1.471   6.169   1.00 51.04 ? 2014 HOH A O   1 
HETATM 919  O O   . HOH B 2 .   ? -12.193 4.431   9.146   1.00 29.93 ? 2015 HOH A O   1 
HETATM 920  O O   . HOH B 2 .   ? -7.482  6.915   0.745   1.00 20.55 ? 2016 HOH A O   1 
HETATM 921  O O   . HOH B 2 .   ? -0.245  0.991   14.479  1.00 36.29 ? 2017 HOH A O   1 
HETATM 922  O O   . HOH B 2 .   ? 10.608  -1.316  13.384  1.00 47.30 ? 2018 HOH A O   1 
HETATM 923  O O   . HOH B 2 .   ? 2.395   1.555   15.515  1.00 45.06 ? 2019 HOH A O   1 
HETATM 924  O O   . HOH B 2 .   ? 9.001   3.462   14.012  1.00 50.82 ? 2020 HOH A O   1 
HETATM 925  O O   . HOH B 2 .   ? 9.084   -2.254  11.028  1.00 45.11 ? 2021 HOH A O   1 
HETATM 926  O O   . HOH B 2 .   ? 3.950   3.225   14.125  1.00 35.58 ? 2022 HOH A O   1 
HETATM 927  O O   . HOH B 2 .   ? 8.890   -4.978  1.125   1.00 34.08 ? 2023 HOH A O   1 
HETATM 928  O O   . HOH B 2 .   ? 9.997   7.391   6.385   1.00 37.85 ? 2024 HOH A O   1 
HETATM 929  O O   . HOH B 2 .   ? 8.230   -6.547  9.586   1.00 40.53 ? 2025 HOH A O   1 
HETATM 930  O O   . HOH B 2 .   ? 3.024   -14.798 9.698   1.00 45.41 ? 2026 HOH A O   1 
HETATM 931  O O   . HOH B 2 .   ? 5.430   -5.171  16.596  1.00 59.55 ? 2027 HOH A O   1 
HETATM 932  O O   . HOH B 2 .   ? -0.478  -14.945 6.619   1.00 40.50 ? 2028 HOH A O   1 
HETATM 933  O O   . HOH B 2 .   ? 3.089   -9.409  4.880   1.00 38.44 ? 2029 HOH A O   1 
HETATM 934  O O   . HOH B 2 .   ? -2.499  -13.276 5.831   1.00 34.15 ? 2030 HOH A O   1 
HETATM 935  O O   . HOH B 2 .   ? -6.269  -10.141 14.995  1.00 64.78 ? 2031 HOH A O   1 
HETATM 936  O O   . HOH B 2 .   ? -9.942  -9.430  8.563   1.00 43.31 ? 2032 HOH A O   1 
HETATM 937  O O   . HOH B 2 .   ? -8.730  -7.138  9.418   1.00 33.43 ? 2033 HOH A O   1 
HETATM 938  O O   . HOH B 2 .   ? -8.266  -11.305 8.860   1.00 32.68 ? 2034 HOH A O   1 
HETATM 939  O O   . HOH B 2 .   ? -3.145  10.867  -9.395  1.00 41.87 ? 2035 HOH A O   1 
HETATM 940  O O   . HOH B 2 .   ? -7.127  9.889   -8.450  1.00 31.29 ? 2036 HOH A O   1 
HETATM 941  O O   . HOH B 2 .   ? -8.597  -18.355 2.744   1.00 36.85 ? 2037 HOH A O   1 
HETATM 942  O O   . HOH B 2 .   ? -2.645  9.755   -13.760 1.00 48.45 ? 2038 HOH A O   1 
HETATM 943  O O   . HOH B 2 .   ? -12.475 5.551   -13.887 1.00 38.48 ? 2039 HOH A O   1 
HETATM 944  O O   . HOH B 2 .   ? -12.400 -8.833  -4.655  1.00 24.88 ? 2040 HOH A O   1 
HETATM 945  O O   . HOH B 2 .   ? -7.617  -13.504 -1.994  1.00 50.25 ? 2041 HOH A O   1 
HETATM 946  O O   . HOH B 2 .   ? -11.187 -13.108 -3.283  1.00 24.23 ? 2042 HOH A O   1 
HETATM 947  O O   . HOH B 2 .   ? -10.934 -7.672  -8.420  1.00 47.35 ? 2043 HOH A O   1 
HETATM 948  O O   . HOH B 2 .   ? -14.532 -3.647  3.606   1.00 56.54 ? 2044 HOH A O   1 
HETATM 949  O O   . HOH B 2 .   ? 3.632   -6.736  4.952   1.00 23.93 ? 2045 HOH A O   1 
HETATM 950  O O   . HOH B 2 .   ? 9.325   -6.883  4.653   1.00 42.15 ? 2046 HOH A O   1 
HETATM 951  O O   . HOH B 2 .   ? 5.551   6.108   11.206  1.00 50.98 ? 2047 HOH A O   1 
HETATM 952  O O   . HOH B 2 .   ? 7.104   -1.513  9.556   1.00 31.62 ? 2048 HOH A O   1 
HETATM 953  O O   . HOH B 2 .   ? 9.256   3.060   11.069  1.00 39.07 ? 2049 HOH A O   1 
HETATM 954  O O   . HOH B 2 .   ? 10.893  3.085   7.995   1.00 33.51 ? 2050 HOH A O   1 
HETATM 955  O O   . HOH B 2 .   ? 12.580  -4.475  4.753   1.00 39.65 ? 2051 HOH A O   1 
HETATM 956  O O   . HOH B 2 .   ? 14.621  -4.592  8.665   1.00 46.83 ? 2052 HOH A O   1 
HETATM 957  O O   . HOH B 2 .   ? 15.216  -0.259  11.117  1.00 46.54 ? 2053 HOH A O   1 
HETATM 958  O O   . HOH B 2 .   ? 14.587  9.673   2.811   1.00 43.12 ? 2054 HOH A O   1 
HETATM 959  O O   . HOH B 2 .   ? 13.769  4.741   0.890   1.00 27.98 ? 2055 HOH A O   1 
HETATM 960  O O   . HOH B 2 .   ? 16.120  3.104   7.731   1.00 33.82 ? 2056 HOH A O   1 
HETATM 961  O O   . HOH B 2 .   ? 9.043   -2.154  1.296   1.00 32.40 ? 2057 HOH A O   1 
HETATM 962  O O   . HOH B 2 .   ? 17.258  -5.238  3.633   1.00 53.51 ? 2058 HOH A O   1 
HETATM 963  O O   . HOH B 2 .   ? 8.649   9.995   2.590   1.00 40.67 ? 2059 HOH A O   1 
HETATM 964  O O   . HOH B 2 .   ? 13.313  8.377   0.975   1.00 36.11 ? 2060 HOH A O   1 
HETATM 965  O O   . HOH B 2 .   ? 9.404   4.859   6.671   1.00 47.68 ? 2061 HOH A O   1 
HETATM 966  O O   . HOH B 2 .   ? 10.010  -3.836  4.057   1.00 33.19 ? 2062 HOH A O   1 
HETATM 967  O O   . HOH B 2 .   ? 1.488   -2.876  4.307   1.00 27.28 ? 2063 HOH A O   1 
HETATM 968  O O   . HOH B 2 .   ? -5.882  -18.303 2.692   1.00 45.04 ? 2064 HOH A O   1 
HETATM 969  O O   . HOH B 2 .   ? -8.887  -15.620 1.350   1.00 35.94 ? 2065 HOH A O   1 
HETATM 970  O O   . HOH B 2 .   ? -2.630  -12.961 -9.325  1.00 39.66 ? 2066 HOH A O   1 
HETATM 971  O O   . HOH B 2 .   ? -5.590  -13.905 -9.425  1.00 52.07 ? 2067 HOH A O   1 
HETATM 972  O O   . HOH B 2 .   ? -6.702  -11.161 -11.324 1.00 41.59 ? 2068 HOH A O   1 
HETATM 973  O O   . HOH B 2 .   ? -3.217  -19.012 -3.497  1.00 48.11 ? 2069 HOH A O   1 
HETATM 974  O O   . HOH B 2 .   ? -4.301  -17.928 -5.762  1.00 44.06 ? 2070 HOH A O   1 
HETATM 975  O O   . HOH B 2 .   ? -1.485  -17.309 1.533   1.00 47.44 ? 2071 HOH A O   1 
HETATM 976  O O   . HOH B 2 .   ? -1.359  -19.341 -1.382  1.00 46.94 ? 2072 HOH A O   1 
HETATM 977  O O   . HOH B 2 .   ? -1.848  -15.929 -5.687  1.00 45.81 ? 2073 HOH A O   1 
HETATM 978  O O   . HOH B 2 .   ? 3.056   -14.379 -0.957  1.00 42.61 ? 2074 HOH A O   1 
HETATM 979  O O   . HOH B 2 .   ? 3.385   -11.713 2.434   1.00 39.73 ? 2075 HOH A O   1 
HETATM 980  O O   . HOH B 2 .   ? 4.998   -10.409 -2.725  1.00 43.23 ? 2076 HOH A O   1 
HETATM 981  O O   . HOH B 2 .   ? 4.468   -8.329  -5.343  1.00 47.77 ? 2077 HOH A O   1 
HETATM 982  O O   . HOH B 2 .   ? 8.370   -6.647  -2.395  1.00 32.93 ? 2078 HOH A O   1 
HETATM 983  O O   . HOH B 2 .   ? 7.895   -3.822  -4.998  1.00 33.78 ? 2079 HOH A O   1 
HETATM 984  O O   . HOH B 2 .   ? 15.023  10.230  -0.812  1.00 39.11 ? 2080 HOH A O   1 
HETATM 985  O O   . HOH B 2 .   ? 12.814  5.242   -1.484  1.00 21.42 ? 2081 HOH A O   1 
HETATM 986  O O   . HOH B 2 .   ? 14.587  6.351   -3.284  1.00 28.99 ? 2082 HOH A O   1 
HETATM 987  O O   . HOH B 2 .   ? 14.409  12.838  -1.466  1.00 44.01 ? 2083 HOH A O   1 
HETATM 988  O O   . HOH B 2 .   ? 9.823   16.710  -7.749  1.00 47.73 ? 2084 HOH A O   1 
HETATM 989  O O   . HOH B 2 .   ? 5.924   16.646  -3.952  1.00 54.40 ? 2085 HOH A O   1 
HETATM 990  O O   . HOH B 2 .   ? 5.933   15.804  -1.323  1.00 50.61 ? 2086 HOH A O   1 
HETATM 991  O O   . HOH B 2 .   ? 5.549   14.097  -11.290 1.00 36.70 ? 2087 HOH A O   1 
HETATM 992  O O   . HOH B 2 .   ? 4.510   4.276   -9.336  1.00 35.69 ? 2088 HOH A O   1 
HETATM 993  O O   . HOH B 2 .   ? 4.996   2.560   -12.877 1.00 46.31 ? 2089 HOH A O   1 
HETATM 994  O O   . HOH B 2 .   ? 12.572  2.037   -11.243 1.00 37.64 ? 2090 HOH A O   1 
HETATM 995  O O   . HOH B 2 .   ? 13.099  2.103   -8.355  1.00 44.29 ? 2091 HOH A O   1 
HETATM 996  O O   . HOH B 2 .   ? 6.025   5.043   -13.248 1.00 41.89 ? 2092 HOH A O   1 
HETATM 997  O O   . HOH B 2 .   ? 11.104  9.968   -11.044 1.00 37.06 ? 2093 HOH A O   1 
HETATM 998  O O   . HOH B 2 .   ? 4.983   6.934   -9.735  1.00 24.42 ? 2094 HOH A O   1 
HETATM 999  O O   . HOH B 2 .   ? 2.645   14.501  -8.869  1.00 38.48 ? 2095 HOH A O   1 
HETATM 1000 O O   . HOH B 2 .   ? 3.709   14.769  -0.004  1.00 43.09 ? 2096 HOH A O   1 
HETATM 1001 O O   . HOH B 2 .   ? 1.191   16.582  -8.393  1.00 42.07 ? 2097 HOH A O   1 
HETATM 1002 O O   . HOH B 2 .   ? -0.143  12.964  -7.283  1.00 25.96 ? 2098 HOH A O   1 
HETATM 1003 O O   . HOH B 2 .   ? -4.640  10.215  -7.066  1.00 30.78 ? 2099 HOH A O   1 
HETATM 1004 O O   . HOH B 2 .   ? -9.325  7.568   -5.460  1.00 14.87 ? 2100 HOH A O   1 
HETATM 1005 O O   . HOH B 2 .   ? -6.036  11.761  -4.452  1.00 31.07 ? 2101 HOH A O   1 
HETATM 1006 O O   . HOH B 2 .   ? -0.969  7.468   -13.246 1.00 34.21 ? 2102 HOH A O   1 
HETATM 1007 O O   . HOH B 2 .   ? -6.965  8.182   -10.598 1.00 30.52 ? 2103 HOH A O   1 
HETATM 1008 O O   . HOH B 2 .   ? 2.605   2.961   -10.344 1.00 48.21 ? 2104 HOH A O   1 
HETATM 1009 O O   . HOH B 2 .   ? -12.320 0.327   -6.468  1.00 21.38 ? 2105 HOH A O   1 
HETATM 1010 O O   . HOH B 2 .   ? -12.158 6.486   -5.234  1.00 17.22 ? 2106 HOH A O   1 
HETATM 1011 O O   . HOH B 2 .   ? -12.697 3.556   -10.952 1.00 23.70 ? 2107 HOH A O   1 
HETATM 1012 O O   . HOH B 2 .   ? -10.781 3.232   -15.032 1.00 39.83 ? 2108 HOH A O   1 
HETATM 1013 O O   . HOH B 2 .   ? -8.670  -0.442  -13.813 1.00 31.63 ? 2109 HOH A O   1 
HETATM 1014 O O   . HOH B 2 .   ? -1.129  -4.887  -18.466 1.00 46.52 ? 2110 HOH A O   1 
HETATM 1015 O O   . HOH B 2 .   ? 2.792   2.170   -14.341 1.00 52.52 ? 2111 HOH A O   1 
HETATM 1016 O O   . HOH B 2 .   ? 7.278   -1.315  -6.204  1.00 27.22 ? 2112 HOH A O   1 
HETATM 1017 O O   . HOH B 2 .   ? 6.633   -1.606  -13.920 1.00 49.36 ? 2113 HOH A O   1 
HETATM 1018 O O   . HOH B 2 .   ? 4.609   -6.476  -8.199  1.00 45.13 ? 2114 HOH A O   1 
HETATM 1019 O O   . HOH B 2 .   ? -9.168  -9.778  -11.183 1.00 58.79 ? 2115 HOH A O   1 
HETATM 1020 O O   . HOH B 2 .   ? -10.476 -5.019  -8.743  1.00 18.74 ? 2116 HOH A O   1 
HETATM 1021 O O   . HOH B 2 .   ? -13.743 -2.383  -10.927 1.00 38.14 ? 2117 HOH A O   1 
HETATM 1022 O O   . HOH B 2 .   ? -11.324 0.772   -13.778 1.00 31.05 ? 2118 HOH A O   1 
HETATM 1023 O O   . HOH B 2 .   ? -16.673 -3.469  -3.252  1.00 36.69 ? 2119 HOH A O   1 
HETATM 1024 O O   . HOH B 2 .   ? -14.856 -8.103  -3.804  1.00 27.68 ? 2120 HOH A O   1 
HETATM 1025 O O   . HOH B 2 .   ? -12.787 -1.457  4.196   1.00 33.09 ? 2121 HOH A O   1 
HETATM 1026 O O   . HOH B 2 .   ? -11.082 -2.729  8.406   1.00 28.44 ? 2122 HOH A O   1 
HETATM 1027 O O   . HOH B 2 .   ? -10.022 -2.897  10.827  1.00 30.26 ? 2123 HOH A O   1 
HETATM 1028 O O   . HOH B 2 .   ? -6.434  5.690   15.718  1.00 59.26 ? 2124 HOH A O   1 
HETATM 1029 O O   . HOH B 2 .   ? -7.424  -1.070  15.808  1.00 50.78 ? 2125 HOH A O   1 
HETATM 1030 O O   . HOH B 2 .   ? -16.569 -2.461  10.679  1.00 59.29 ? 2126 HOH A O   1 
HETATM 1031 O O   . HOH B 2 .   ? -15.198 3.235   12.462  1.00 50.75 ? 2127 HOH A O   1 
# 
